data_6RU5
#
_entry.id   6RU5
#
_cell.length_a   228.320
_cell.length_b   140.720
_cell.length_c   95.430
_cell.angle_alpha   90.000
_cell.angle_beta   100.508
_cell.angle_gamma   90.000
#
_symmetry.space_group_name_H-M   'C 1 2 1'
#
loop_
_entity.id
_entity.type
_entity.pdbx_description
1 polymer 'Complement C3'
2 polymer 'Complement C3'
3 polymer hC3Nb1
4 branched alpha-D-mannopyranose-(1-3)-[alpha-D-mannopyranose-(1-6)]beta-D-mannopyranose-(1-4)-2-acetamido-2-deoxy-beta-D-glucopyranose-(1-4)-2-acetamido-2-deoxy-beta-D-glucopyranose
5 non-polymer 2-acetamido-2-deoxy-beta-D-glucopyranose
#
loop_
_entity_poly.entity_id
_entity_poly.type
_entity_poly.pdbx_seq_one_letter_code
_entity_poly.pdbx_strand_id
1 'polypeptide(L)'
;SPMYSIITPNILRLESEETMVLEAHDAQGDVPVTVTVHDFPGKKLVLSSEKTVLTPATNHMGNVTFTIPANREFKSEKGR
NKFVTVQATFGTQVVEKVVLVSLQSGYLFIQTDKTIYTPGSTVLYRIFTVNHKLLPVGRTVMVNIENPEGIPVKQDSLSS
QNQLGVLPLSWDIPELVNMGQWKIRAYYENSPQQVFSTEFEVKEYVLPSFEVIVEPTEKFYYIYNEKGLEVTITARFLYG
KKVEGTAFVIFGIQDGEQRISLPESLKRIPIEDGSGEVVLSRKVLLDGVQNPRAEDLVGKSLYVSATVILHSGSDMVQAE
RSGIPIVTSPYQIHFTKTPKYFKPGMPFDLMVFVTNPDGSPAYRVPVAVQGEDTVQSLTQGDGVAKLSINTHPSQKPLSI
TVRTKKQELSEAQQATRTMQALPYSTVGNSNNYLHLSVLRTELRPGETLNVNFLLRMDRAHEAKIRYYTYLIMNKGRLLK
AGRQVREPGQDLVVLPLSITTDFIPSFRLVAYYTLIGASGQREVVADSVWVDVKDSCVGSLVVKSGQSEDRQPVPGQQMT
LKIEGDHGARVVLVAVDKGVFVLNKKNKLTQSKIWDVVEKADIGCTPGSGKDYAGVFSDAGLTFTSSSGQQTAQRAELQC
PQPAA
;
A
2 'polypeptide(L)'
;SVQLTEKRMDKVGKYPKELRKCCEDGMRENPMRFSCQRRTRFISLGEACKKVFLDCCNYITELRRQHARASHLGLARSNL
DEDIIAEENIVSRSEFPESWLWNVEDLKEPPKNGISTKLMNIFLKDSITTWEILAVSMSDKKGICVADPFEVTVMQDFFI
DLRLPYSVVRNEQVEIRAVLYNYRQNQELKVRVELLHNPAFCSLATTKRRHQQTVTIPPKSSLSVPYVIVPLKTGLQEVE
VKAAVYHHFISDGVRKSLKVVPEGIRMNKTVAVRTLDPERLGREGVQKEDIPPADLSDQVPDTESETRILLQGTPVAQMT
EDAVDAERLKHLIVTPSGCGEQNMIGMTPTVIAVHYLDETEQWEKFGLEKRQGALELIKKGYTQQLAFRQPSSAFAAFVK
RAPSTWLTAYVVKVFSLAVNLIAIDSQVLCGAVKWLILEKQKPDGVFQEDAPVIHQEMIGGLRNNNEKDMALTAFVLISL
QEAKDICEEQVNSLPGSITKAGDFLEANYMNLQRSYTVAIAGYALAQMGRLKGPLLNKFLTTAKDKNRWEDPGKQLYNVE
ATSYALLALLQLKDFDFVPPVVRWLNEQRYYGGGYGSTQATFMVFQALAQYQKDAPDHQELNLDVSLQLPSRSSKITHRI
HWESASLLRSEETKENEGFTVTAEGKGQGTLSVVTMYHAKAKDQLTCNKFDLKVTIKPAPETEKRPQDAKNTMILEICTR
YRGDQDATMSILDISMMTGFAPDTDDLKQLANGVDRYISKYELDKAFSDRNTLIIYLDKVSHSEDDCLAFKVHQYFNVEL
IQPGAVKVYAYYNLEESCTRFYHPEKEDGKLNKLCRDELCRCAEENCFIQKSDDKVTLEERLDKACEPGVDYVYKTRLVK
VQLSNDFDEYIMAIEQTIKSGSDEVQVGQQRTFISPIKCREALKLEEKKHYLMWGLSSDFWGEKPNLSYIIGKDTWVEHW
PEEDECQDEENQKQCQDLGAFTESMVVFGCPN
;
B
3 'polypeptide(L)'
;MQVQLVETGGGLVQAGGSLRLSCAASGSIFSLNAMGWFRQAPGKEREFVATINRSGGRTYYADSVKGRFTISRDNGKNMV
YLQMHSLKPEDTAIYYCAAGTGWSPQTDNEYNYWGQGTQVTVSSHHHHHH
;
C
#
loop_
_chem_comp.id
_chem_comp.type
_chem_comp.name
_chem_comp.formula
BMA D-saccharide, beta linking beta-D-mannopyranose 'C6 H12 O6'
MAN D-saccharide, alpha linking alpha-D-mannopyranose 'C6 H12 O6'
NAG D-saccharide, beta linking 2-acetamido-2-deoxy-beta-D-glucopyranose 'C8 H15 N O6'
#
# COMPACT_ATOMS: atom_id res chain seq x y z
N SER A 1 57.02 6.81 -45.93
CA SER A 1 57.37 5.89 -44.85
C SER A 1 56.12 5.15 -44.32
N PRO A 2 56.28 3.86 -44.05
CA PRO A 2 55.13 3.07 -43.58
C PRO A 2 54.69 3.48 -42.18
N MET A 3 53.37 3.60 -42.01
CA MET A 3 52.80 4.02 -40.73
C MET A 3 51.44 3.36 -40.61
N TYR A 4 51.36 2.31 -39.79
CA TYR A 4 50.13 1.57 -39.56
C TYR A 4 49.50 2.05 -38.26
N SER A 5 48.38 2.77 -38.39
CA SER A 5 47.70 3.36 -37.25
C SER A 5 46.54 2.47 -36.83
N ILE A 6 46.35 2.35 -35.52
CA ILE A 6 45.27 1.56 -34.93
C ILE A 6 44.62 2.47 -33.90
N ILE A 7 43.31 2.68 -34.03
CA ILE A 7 42.56 3.41 -33.03
C ILE A 7 41.27 2.65 -32.81
N THR A 8 40.93 2.38 -31.56
CA THR A 8 39.71 1.64 -31.29
C THR A 8 39.16 2.26 -30.01
N PRO A 9 37.85 2.04 -29.69
CA PRO A 9 37.32 2.58 -28.42
C PRO A 9 38.26 2.42 -27.24
N ASN A 10 38.38 3.50 -26.45
CA ASN A 10 39.29 3.50 -25.31
C ASN A 10 38.88 2.48 -24.25
N ILE A 11 37.59 2.23 -24.11
CA ILE A 11 37.06 1.23 -23.18
C ILE A 11 36.17 0.29 -23.98
N LEU A 12 36.54 -0.99 -24.00
CA LEU A 12 35.82 -1.98 -24.79
C LEU A 12 34.69 -2.58 -23.97
N ARG A 13 33.46 -2.39 -24.44
CA ARG A 13 32.29 -2.96 -23.78
C ARG A 13 32.12 -4.42 -24.18
N LEU A 14 31.67 -5.24 -23.22
CA LEU A 14 31.47 -6.66 -23.46
C LEU A 14 30.10 -6.91 -24.07
N GLU A 15 30.04 -7.93 -24.92
CA GLU A 15 28.81 -8.31 -25.62
C GLU A 15 28.24 -7.11 -26.40
N SER A 16 29.13 -6.41 -27.09
CA SER A 16 28.74 -5.25 -27.89
C SER A 16 29.65 -5.18 -29.11
N GLU A 17 29.06 -4.83 -30.25
CA GLU A 17 29.81 -4.75 -31.50
C GLU A 17 30.70 -3.50 -31.47
N GLU A 18 32.00 -3.71 -31.33
CA GLU A 18 32.97 -2.63 -31.29
C GLU A 18 33.71 -2.59 -32.63
N THR A 19 33.55 -1.48 -33.36
CA THR A 19 34.21 -1.33 -34.65
C THR A 19 35.63 -0.84 -34.45
N MET A 20 36.58 -1.50 -35.09
CA MET A 20 37.99 -1.13 -35.03
C MET A 20 38.43 -0.62 -36.40
N VAL A 21 39.03 0.57 -36.41
CA VAL A 21 39.46 1.22 -37.65
C VAL A 21 40.98 1.24 -37.68
N LEU A 22 41.56 0.47 -38.60
CA LEU A 22 43.00 0.43 -38.81
C LEU A 22 43.31 0.92 -40.21
N GLU A 23 44.43 1.61 -40.36
CA GLU A 23 44.74 2.34 -41.57
C GLU A 23 46.15 2.00 -42.05
N ALA A 24 46.52 2.54 -43.20
CA ALA A 24 47.85 2.36 -43.77
C ALA A 24 48.19 3.63 -44.54
N HIS A 25 49.09 4.43 -43.99
CA HIS A 25 49.45 5.72 -44.56
C HIS A 25 50.77 5.62 -45.32
N ASP A 26 50.84 6.34 -46.44
CA ASP A 26 52.02 6.44 -47.30
C ASP A 26 52.42 5.12 -47.94
N ALA A 27 51.58 4.09 -47.81
CA ALA A 27 51.82 2.79 -48.43
C ALA A 27 50.80 2.59 -49.53
N GLN A 28 51.28 2.35 -50.76
CA GLN A 28 50.41 2.23 -51.91
C GLN A 28 49.98 0.79 -52.21
N GLY A 29 50.69 -0.20 -51.66
CA GLY A 29 50.27 -1.58 -51.78
C GLY A 29 49.29 -1.98 -50.70
N ASP A 30 48.55 -3.05 -50.97
CA ASP A 30 47.56 -3.56 -50.02
C ASP A 30 48.22 -4.57 -49.08
N VAL A 31 47.99 -4.40 -47.78
CA VAL A 31 48.58 -5.24 -46.75
C VAL A 31 47.46 -6.05 -46.10
N PRO A 32 47.62 -7.36 -45.94
CA PRO A 32 46.57 -8.15 -45.27
C PRO A 32 46.67 -7.98 -43.76
N VAL A 33 45.53 -7.80 -43.09
CA VAL A 33 45.59 -7.60 -41.65
C VAL A 33 44.53 -8.45 -40.98
N THR A 34 44.93 -9.20 -39.96
CA THR A 34 44.01 -9.98 -39.13
C THR A 34 44.20 -9.55 -37.68
N VAL A 35 43.10 -9.17 -37.03
CA VAL A 35 43.14 -8.59 -35.70
C VAL A 35 42.61 -9.60 -34.69
N THR A 36 43.27 -9.69 -33.55
CA THR A 36 42.86 -10.64 -32.52
C THR A 36 42.96 -9.98 -31.15
N VAL A 37 42.14 -10.43 -30.21
CA VAL A 37 42.21 -9.91 -28.85
C VAL A 37 42.55 -11.05 -27.90
N HIS A 38 43.50 -10.79 -27.01
CA HIS A 38 44.00 -11.76 -26.05
C HIS A 38 43.73 -11.29 -24.64
N ASP A 39 43.57 -12.25 -23.73
CA ASP A 39 43.49 -11.91 -22.31
C ASP A 39 44.86 -11.50 -21.80
N PHE A 40 44.90 -10.47 -20.96
CA PHE A 40 46.16 -9.97 -20.43
C PHE A 40 46.29 -10.38 -18.97
N PRO A 41 47.30 -11.19 -18.60
CA PRO A 41 48.27 -11.77 -19.54
C PRO A 41 47.85 -13.13 -20.08
N GLY A 42 48.71 -13.75 -20.88
CA GLY A 42 48.44 -15.06 -21.46
C GLY A 42 48.10 -14.98 -22.94
N LYS A 43 48.16 -16.14 -23.58
CA LYS A 43 47.82 -16.29 -24.99
C LYS A 43 46.44 -16.87 -25.19
N LYS A 44 45.47 -16.42 -24.39
CA LYS A 44 44.08 -16.88 -24.49
C LYS A 44 43.33 -16.00 -25.48
N LEU A 45 42.78 -16.62 -26.53
CA LEU A 45 42.06 -15.90 -27.56
C LEU A 45 40.56 -15.96 -27.28
N VAL A 46 39.90 -14.81 -27.45
CA VAL A 46 38.46 -14.71 -27.28
C VAL A 46 37.77 -14.16 -28.52
N LEU A 47 38.52 -13.98 -29.61
CA LEU A 47 37.96 -13.52 -30.88
C LEU A 47 38.71 -14.20 -32.01
N SER A 48 37.98 -14.47 -33.09
CA SER A 48 38.57 -15.11 -34.27
C SER A 48 39.50 -14.11 -34.98
N SER A 49 39.93 -14.47 -36.18
CA SER A 49 40.89 -13.65 -36.91
C SER A 49 40.27 -12.34 -37.39
N GLU A 50 39.00 -12.36 -37.78
CA GLU A 50 38.33 -11.20 -38.36
C GLU A 50 39.13 -10.64 -39.54
N LYS A 51 38.96 -11.26 -40.70
CA LYS A 51 39.76 -10.95 -41.87
C LYS A 51 39.40 -9.57 -42.43
N THR A 52 40.39 -8.97 -43.11
CA THR A 52 40.22 -7.78 -43.95
C THR A 52 41.56 -7.43 -44.60
N VAL A 53 41.44 -6.71 -45.72
CA VAL A 53 42.55 -6.22 -46.51
C VAL A 53 42.33 -4.73 -46.77
N LEU A 54 43.43 -3.99 -46.86
CA LEU A 54 43.39 -2.54 -47.07
C LEU A 54 44.00 -2.24 -48.43
N THR A 55 43.16 -2.26 -49.47
CA THR A 55 43.37 -2.01 -50.90
C THR A 55 43.23 -0.52 -51.19
N PRO A 56 44.07 0.06 -52.05
CA PRO A 56 43.94 1.48 -52.39
C PRO A 56 42.61 1.83 -53.06
N ALA A 57 41.77 0.85 -53.41
CA ALA A 57 40.45 1.14 -53.93
C ALA A 57 39.53 1.73 -52.87
N THR A 58 39.84 1.54 -51.59
CA THR A 58 39.05 2.10 -50.49
C THR A 58 39.85 3.13 -49.70
N ASN A 59 40.95 3.64 -50.26
CA ASN A 59 41.79 4.65 -49.62
C ASN A 59 42.35 4.16 -48.28
N HIS A 60 42.53 2.85 -48.16
CA HIS A 60 43.19 2.22 -47.01
C HIS A 60 42.42 2.46 -45.71
N MET A 61 41.12 2.13 -45.74
CA MET A 61 40.28 2.14 -44.56
C MET A 61 39.79 0.71 -44.31
N GLY A 62 39.91 0.26 -43.06
CA GLY A 62 39.64 -1.12 -42.72
C GLY A 62 38.44 -1.28 -41.79
N ASN A 63 37.78 -2.43 -41.89
CA ASN A 63 36.66 -2.77 -41.04
C ASN A 63 36.87 -4.14 -40.43
N VAL A 64 36.83 -4.21 -39.11
CA VAL A 64 36.95 -5.46 -38.39
C VAL A 64 36.02 -5.41 -37.18
N THR A 65 34.73 -5.22 -37.43
CA THR A 65 33.74 -5.22 -36.36
C THR A 65 33.74 -6.57 -35.65
N PHE A 66 33.63 -6.53 -34.33
CA PHE A 66 33.70 -7.76 -33.54
C PHE A 66 32.98 -7.58 -32.22
N THR A 67 32.53 -8.69 -31.67
CA THR A 67 31.93 -8.75 -30.34
C THR A 67 32.86 -9.51 -29.41
N ILE A 68 32.89 -9.09 -28.15
CA ILE A 68 33.74 -9.73 -27.14
C ILE A 68 32.83 -10.59 -26.25
N PRO A 69 32.92 -11.92 -26.32
CA PRO A 69 32.09 -12.76 -25.45
C PRO A 69 32.47 -12.57 -23.99
N ALA A 70 31.45 -12.52 -23.13
CA ALA A 70 31.66 -12.26 -21.70
C ALA A 70 32.18 -13.52 -21.02
N ASN A 71 33.38 -13.42 -20.44
CA ASN A 71 33.96 -14.53 -19.68
C ASN A 71 34.68 -13.98 -18.45
N ARG A 72 34.86 -14.85 -17.46
CA ARG A 72 35.52 -14.49 -16.21
C ARG A 72 37.00 -14.81 -16.32
N GLU A 73 37.84 -13.78 -16.19
CA GLU A 73 39.29 -13.96 -16.29
C GLU A 73 39.98 -12.70 -15.79
N PHE A 74 41.25 -12.88 -15.41
CA PHE A 74 42.14 -11.77 -15.06
C PHE A 74 41.57 -10.91 -13.93
N LYS A 75 41.04 -11.57 -12.90
CA LYS A 75 40.52 -10.91 -11.70
C LYS A 75 39.37 -9.96 -12.01
N SER A 76 38.34 -10.51 -12.65
CA SER A 76 37.05 -9.84 -12.69
C SER A 76 36.25 -10.07 -11.41
N GLU A 77 36.90 -10.63 -10.37
CA GLU A 77 36.26 -10.89 -9.09
C GLU A 77 37.16 -10.50 -7.91
N LYS A 78 38.19 -9.68 -8.14
CA LYS A 78 39.10 -9.28 -7.07
C LYS A 78 39.47 -7.80 -7.12
N GLY A 79 38.71 -6.99 -7.84
CA GLY A 79 38.96 -5.56 -7.85
C GLY A 79 40.02 -5.08 -8.81
N ARG A 80 40.25 -5.79 -9.91
CA ARG A 80 41.17 -5.36 -10.95
C ARG A 80 40.44 -5.35 -12.28
N ASN A 81 40.97 -4.57 -13.23
CA ASN A 81 40.23 -4.18 -14.41
C ASN A 81 40.52 -5.07 -15.62
N LYS A 82 40.86 -6.35 -15.38
CA LYS A 82 40.94 -7.41 -16.39
C LYS A 82 41.21 -6.93 -17.82
N PHE A 83 42.35 -6.27 -18.03
CA PHE A 83 42.64 -5.66 -19.32
C PHE A 83 42.83 -6.70 -20.41
N VAL A 84 42.68 -6.27 -21.66
CA VAL A 84 42.93 -7.18 -22.78
C VAL A 84 43.93 -6.54 -23.73
N THR A 85 44.63 -7.37 -24.49
CA THR A 85 45.63 -6.88 -25.43
C THR A 85 45.10 -7.10 -26.84
N VAL A 86 45.01 -6.02 -27.62
CA VAL A 86 44.62 -6.16 -29.02
C VAL A 86 45.85 -6.23 -29.90
N GLN A 87 45.74 -7.10 -30.92
CA GLN A 87 46.72 -7.42 -31.95
C GLN A 87 46.23 -6.95 -33.32
N ALA A 88 47.11 -6.25 -34.03
CA ALA A 88 46.87 -5.68 -35.36
C ALA A 88 48.14 -5.94 -36.18
N THR A 89 48.18 -7.08 -36.87
CA THR A 89 49.34 -7.46 -37.67
C THR A 89 49.15 -7.01 -39.11
N PHE A 90 50.00 -6.08 -39.55
CA PHE A 90 50.07 -5.61 -40.93
C PHE A 90 51.26 -6.33 -41.56
N GLY A 91 50.97 -7.44 -42.24
CA GLY A 91 51.98 -8.28 -42.83
C GLY A 91 52.88 -8.91 -41.78
N THR A 92 54.05 -8.32 -41.60
CA THR A 92 54.93 -8.69 -40.49
C THR A 92 54.90 -7.69 -39.34
N GLN A 93 54.68 -6.41 -39.62
CA GLN A 93 54.69 -5.41 -38.56
C GLN A 93 53.44 -5.55 -37.68
N VAL A 94 53.63 -5.76 -36.38
CA VAL A 94 52.50 -5.95 -35.48
C VAL A 94 52.41 -4.75 -34.55
N VAL A 95 51.19 -4.27 -34.36
CA VAL A 95 50.89 -3.19 -33.42
C VAL A 95 49.90 -3.73 -32.40
N GLU A 96 50.23 -3.57 -31.13
CA GLU A 96 49.38 -4.08 -30.06
C GLU A 96 49.10 -2.98 -29.06
N LYS A 97 47.95 -3.08 -28.40
CA LYS A 97 47.65 -2.11 -27.36
C LYS A 97 46.80 -2.77 -26.28
N VAL A 98 47.19 -2.55 -25.03
CA VAL A 98 46.43 -3.05 -23.89
C VAL A 98 45.29 -2.06 -23.62
N VAL A 99 44.07 -2.54 -23.76
CA VAL A 99 42.87 -1.72 -23.68
C VAL A 99 42.09 -2.13 -22.44
N LEU A 100 41.54 -1.12 -21.77
CA LEU A 100 40.68 -1.31 -20.61
C LEU A 100 39.36 -1.93 -21.00
N VAL A 101 38.82 -2.75 -20.11
CA VAL A 101 37.60 -3.48 -20.34
C VAL A 101 36.58 -3.07 -19.30
N SER A 102 35.33 -2.93 -19.72
CA SER A 102 34.22 -2.63 -18.82
C SER A 102 33.15 -3.67 -19.05
N LEU A 103 33.01 -4.60 -18.10
CA LEU A 103 31.89 -5.53 -18.14
C LEU A 103 30.62 -4.72 -17.88
N GLN A 104 29.87 -4.44 -18.94
CA GLN A 104 28.61 -3.71 -18.82
C GLN A 104 27.45 -4.49 -19.41
N SER A 105 27.63 -5.05 -20.61
CA SER A 105 26.72 -5.97 -21.27
C SER A 105 25.37 -5.34 -21.63
N GLY A 106 25.16 -4.06 -21.33
CA GLY A 106 23.94 -3.40 -21.72
C GLY A 106 23.37 -2.58 -20.59
N TYR A 107 22.10 -2.20 -20.74
CA TYR A 107 21.36 -1.41 -19.77
C TYR A 107 20.05 -2.10 -19.37
N LEU A 108 19.65 -1.81 -18.14
CA LEU A 108 18.43 -2.32 -17.53
C LEU A 108 17.66 -1.13 -16.95
N PHE A 109 16.44 -0.91 -17.42
CA PHE A 109 15.62 0.18 -16.89
C PHE A 109 14.40 -0.38 -16.19
N ILE A 110 14.08 0.19 -15.03
CA ILE A 110 13.05 -0.33 -14.13
C ILE A 110 11.89 0.64 -14.10
N GLN A 111 10.68 0.13 -14.38
CA GLN A 111 9.46 0.92 -14.31
C GLN A 111 8.65 0.49 -13.11
N THR A 112 8.35 1.45 -12.22
CA THR A 112 7.43 1.28 -11.11
C THR A 112 6.19 2.12 -11.37
N ASP A 113 5.02 1.53 -11.11
CA ASP A 113 3.76 2.24 -11.37
C ASP A 113 3.59 3.43 -10.44
N LYS A 114 4.06 3.33 -9.20
CA LYS A 114 3.99 4.41 -8.23
C LYS A 114 5.36 4.56 -7.58
N THR A 115 5.44 5.46 -6.60
CA THR A 115 6.66 5.61 -5.82
C THR A 115 6.34 5.60 -4.32
N ILE A 116 5.13 6.02 -3.96
CA ILE A 116 4.65 5.92 -2.59
C ILE A 116 3.46 4.97 -2.58
N TYR A 117 3.50 3.98 -1.70
CA TYR A 117 2.51 2.92 -1.65
C TYR A 117 1.85 2.88 -0.27
N THR A 118 1.08 1.82 -0.04
CA THR A 118 0.46 1.52 1.23
C THR A 118 0.73 0.07 1.57
N PRO A 119 1.03 -0.24 2.83
CA PRO A 119 1.25 -1.65 3.20
C PRO A 119 0.01 -2.48 2.94
N GLY A 120 0.01 -3.22 1.83
CA GLY A 120 -1.14 -4.03 1.48
C GLY A 120 -1.48 -3.94 0.02
N SER A 121 -0.90 -2.95 -0.67
CA SER A 121 -1.16 -2.72 -2.07
C SER A 121 -0.25 -3.60 -2.93
N THR A 122 -0.43 -3.51 -4.25
CA THR A 122 0.33 -4.27 -5.23
C THR A 122 1.29 -3.36 -5.96
N VAL A 123 2.51 -3.85 -6.18
CA VAL A 123 3.55 -3.14 -6.93
C VAL A 123 3.67 -3.83 -8.27
N LEU A 124 3.30 -3.11 -9.33
CA LEU A 124 3.43 -3.57 -10.71
C LEU A 124 4.72 -2.98 -11.25
N TYR A 125 5.70 -3.84 -11.55
CA TYR A 125 6.97 -3.32 -12.02
C TYR A 125 7.43 -4.10 -13.24
N ARG A 126 8.03 -3.40 -14.18
CA ARG A 126 8.51 -4.02 -15.39
C ARG A 126 10.00 -3.77 -15.56
N ILE A 127 10.69 -4.78 -16.09
CA ILE A 127 12.12 -4.67 -16.37
C ILE A 127 12.32 -4.64 -17.88
N PHE A 128 13.03 -3.63 -18.36
CA PHE A 128 13.42 -3.53 -19.76
C PHE A 128 14.91 -3.84 -19.92
N THR A 129 15.20 -4.75 -20.83
CA THR A 129 16.53 -5.32 -21.08
C THR A 129 17.00 -4.89 -22.45
N VAL A 130 17.92 -3.92 -22.52
CA VAL A 130 18.45 -3.51 -23.81
C VAL A 130 19.97 -3.54 -23.73
N ASN A 131 20.61 -3.45 -24.88
CA ASN A 131 22.08 -3.44 -24.92
C ASN A 131 22.56 -2.00 -24.95
N HIS A 132 23.83 -1.79 -25.32
CA HIS A 132 24.38 -0.44 -25.33
C HIS A 132 23.79 0.41 -26.45
N LYS A 133 23.20 -0.21 -27.47
CA LYS A 133 22.53 0.50 -28.54
C LYS A 133 21.04 0.69 -28.29
N LEU A 134 20.58 0.39 -27.07
CA LEU A 134 19.18 0.57 -26.66
C LEU A 134 18.22 -0.20 -27.55
N LEU A 135 18.66 -1.34 -28.06
CA LEU A 135 17.81 -2.30 -28.76
C LEU A 135 17.45 -3.46 -27.84
N PRO A 136 16.24 -3.99 -27.94
CA PRO A 136 15.85 -5.09 -27.05
C PRO A 136 16.67 -6.33 -27.34
N VAL A 137 17.15 -6.97 -26.27
CA VAL A 137 18.00 -8.14 -26.37
C VAL A 137 17.58 -9.15 -25.31
N GLY A 138 17.84 -10.42 -25.59
CA GLY A 138 17.49 -11.49 -24.66
C GLY A 138 18.64 -11.91 -23.76
N ARG A 139 18.63 -11.40 -22.53
CA ARG A 139 19.64 -11.73 -21.53
C ARG A 139 18.97 -12.29 -20.28
N THR A 140 19.78 -12.89 -19.42
CA THR A 140 19.30 -13.38 -18.13
C THR A 140 19.57 -12.31 -17.09
N VAL A 141 18.53 -11.89 -16.40
CA VAL A 141 18.66 -10.83 -15.41
C VAL A 141 18.03 -11.27 -14.10
N MET A 142 18.69 -10.91 -13.01
CA MET A 142 18.24 -11.17 -11.65
C MET A 142 17.58 -9.91 -11.10
N VAL A 143 16.40 -10.08 -10.52
CA VAL A 143 15.54 -9.00 -10.03
C VAL A 143 15.31 -9.24 -8.56
N ASN A 144 15.89 -8.40 -7.71
CA ASN A 144 15.77 -8.56 -6.27
C ASN A 144 15.14 -7.30 -5.68
N ILE A 145 14.11 -7.49 -4.87
CA ILE A 145 13.46 -6.38 -4.17
C ILE A 145 14.02 -6.32 -2.76
N GLU A 146 14.52 -5.15 -2.36
CA GLU A 146 15.18 -5.01 -1.06
C GLU A 146 14.41 -4.06 -0.15
N ASN A 147 14.35 -4.43 1.13
CA ASN A 147 13.85 -3.55 2.17
C ASN A 147 14.90 -2.50 2.51
N PRO A 148 14.53 -1.45 3.24
CA PRO A 148 15.52 -0.43 3.62
C PRO A 148 16.69 -0.96 4.42
N GLU A 149 16.61 -2.18 4.94
CA GLU A 149 17.75 -2.81 5.60
C GLU A 149 18.69 -3.50 4.63
N GLY A 150 18.40 -3.45 3.33
CA GLY A 150 19.27 -4.09 2.35
C GLY A 150 19.19 -5.58 2.32
N ILE A 151 18.04 -6.16 2.62
CA ILE A 151 17.84 -7.61 2.63
C ILE A 151 16.92 -7.96 1.46
N PRO A 152 17.37 -8.77 0.50
CA PRO A 152 16.50 -9.14 -0.62
C PRO A 152 15.35 -10.02 -0.14
N VAL A 153 14.13 -9.51 -0.27
CA VAL A 153 12.94 -10.24 0.18
C VAL A 153 12.17 -10.84 -0.98
N LYS A 154 12.60 -10.61 -2.22
CA LYS A 154 11.91 -11.14 -3.39
C LYS A 154 12.97 -11.31 -4.48
N GLN A 155 13.41 -12.54 -4.67
CA GLN A 155 14.40 -12.87 -5.68
C GLN A 155 13.72 -13.52 -6.88
N ASP A 156 14.06 -13.03 -8.07
CA ASP A 156 13.59 -13.60 -9.32
C ASP A 156 14.76 -13.68 -10.28
N SER A 157 14.62 -14.55 -11.29
CA SER A 157 15.67 -14.70 -12.29
C SER A 157 15.00 -15.12 -13.60
N LEU A 158 14.98 -14.21 -14.58
CA LEU A 158 14.30 -14.56 -15.82
C LEU A 158 15.10 -14.09 -17.02
N SER A 159 14.75 -14.62 -18.19
CA SER A 159 15.35 -14.25 -19.46
C SER A 159 14.28 -13.64 -20.35
N SER A 160 14.57 -12.47 -20.91
CA SER A 160 13.66 -11.76 -21.80
C SER A 160 14.02 -12.01 -23.26
N GLN A 161 14.23 -13.28 -23.62
CA GLN A 161 14.68 -13.60 -24.97
C GLN A 161 13.53 -13.46 -25.97
N ASN A 162 12.37 -14.07 -25.67
CA ASN A 162 11.24 -14.06 -26.58
C ASN A 162 10.09 -13.19 -26.08
N GLN A 163 10.28 -12.46 -24.99
CA GLN A 163 9.32 -11.46 -24.54
C GLN A 163 9.61 -10.08 -25.09
N LEU A 164 10.56 -9.97 -26.04
CA LEU A 164 10.93 -8.70 -26.67
C LEU A 164 11.45 -7.69 -25.65
N GLY A 165 12.41 -8.14 -24.83
CA GLY A 165 13.11 -7.25 -23.93
C GLY A 165 12.27 -6.64 -22.83
N VAL A 166 11.07 -7.15 -22.55
CA VAL A 166 10.24 -6.67 -21.46
C VAL A 166 9.87 -7.84 -20.56
N LEU A 167 9.89 -7.61 -19.25
CA LEU A 167 9.56 -8.64 -18.28
C LEU A 167 8.53 -8.05 -17.30
N PRO A 168 7.27 -8.45 -17.42
CA PRO A 168 6.25 -7.97 -16.48
C PRO A 168 6.32 -8.73 -15.16
N LEU A 169 6.31 -7.99 -14.05
CA LEU A 169 6.44 -8.60 -12.74
C LEU A 169 5.54 -7.88 -11.75
N SER A 170 5.18 -8.60 -10.69
CA SER A 170 4.26 -8.08 -9.69
C SER A 170 4.69 -8.57 -8.31
N TRP A 171 4.40 -7.76 -7.29
CA TRP A 171 4.64 -8.18 -5.91
C TRP A 171 3.64 -7.51 -4.98
N ASP A 172 3.08 -8.28 -4.05
CA ASP A 172 2.10 -7.77 -3.10
C ASP A 172 2.78 -7.44 -1.78
N ILE A 173 2.73 -6.17 -1.39
CA ILE A 173 3.33 -5.75 -0.12
C ILE A 173 2.52 -6.34 1.03
N PRO A 174 3.15 -7.01 1.99
CA PRO A 174 2.41 -7.55 3.14
C PRO A 174 1.86 -6.43 4.01
N GLU A 175 0.98 -6.83 4.94
CA GLU A 175 0.32 -5.86 5.80
C GLU A 175 1.24 -5.27 6.86
N LEU A 176 2.29 -5.97 7.23
CA LEU A 176 3.28 -5.47 8.18
C LEU A 176 4.66 -5.71 7.62
N VAL A 177 5.39 -4.63 7.35
CA VAL A 177 6.70 -4.75 6.72
C VAL A 177 7.53 -3.51 7.04
N ASN A 178 8.80 -3.53 6.67
CA ASN A 178 9.69 -2.39 6.89
C ASN A 178 9.13 -1.13 6.25
N MET A 179 9.62 0.02 6.70
CA MET A 179 9.22 1.31 6.18
C MET A 179 10.46 2.14 5.87
N GLY A 180 10.49 2.73 4.69
CA GLY A 180 11.61 3.54 4.27
C GLY A 180 11.73 3.51 2.75
N GLN A 181 12.97 3.70 2.28
CA GLN A 181 13.26 3.72 0.85
C GLN A 181 13.58 2.30 0.38
N TRP A 182 12.51 1.55 0.12
CA TRP A 182 12.63 0.24 -0.50
C TRP A 182 13.28 0.38 -1.87
N LYS A 183 14.06 -0.61 -2.26
CA LYS A 183 14.76 -0.56 -3.54
C LYS A 183 14.38 -1.73 -4.41
N ILE A 184 14.58 -1.57 -5.71
CA ILE A 184 14.53 -2.67 -6.65
C ILE A 184 15.86 -2.68 -7.39
N ARG A 185 16.66 -3.71 -7.14
CA ARG A 185 17.91 -3.99 -7.81
C ARG A 185 17.67 -4.90 -9.01
N ALA A 186 18.40 -4.63 -10.09
CA ALA A 186 18.32 -5.43 -11.30
C ALA A 186 19.71 -5.49 -11.90
N TYR A 187 20.25 -6.70 -12.08
CA TYR A 187 21.58 -6.82 -12.67
C TYR A 187 21.62 -8.01 -13.63
N TYR A 188 22.54 -7.93 -14.58
CA TYR A 188 22.70 -9.00 -15.55
C TYR A 188 23.37 -10.21 -14.90
N GLU A 189 22.95 -11.39 -15.32
CA GLU A 189 23.53 -12.62 -14.78
C GLU A 189 24.99 -12.76 -15.18
N ASN A 190 25.38 -12.17 -16.30
CA ASN A 190 26.77 -12.22 -16.73
C ASN A 190 27.63 -11.13 -16.11
N SER A 191 27.02 -10.00 -15.75
CA SER A 191 27.74 -8.85 -15.22
C SER A 191 27.04 -8.38 -13.95
N PRO A 192 27.21 -9.10 -12.84
CA PRO A 192 26.58 -8.67 -11.58
C PRO A 192 27.22 -7.45 -10.97
N GLN A 193 28.44 -7.08 -11.39
CA GLN A 193 29.11 -5.92 -10.84
C GLN A 193 28.41 -4.63 -11.21
N GLN A 194 27.55 -4.65 -12.23
CA GLN A 194 26.81 -3.48 -12.68
C GLN A 194 25.35 -3.65 -12.31
N VAL A 195 24.85 -2.79 -11.43
CA VAL A 195 23.50 -2.90 -10.88
C VAL A 195 22.74 -1.63 -11.20
N PHE A 196 21.45 -1.77 -11.50
CA PHE A 196 20.57 -0.61 -11.65
C PHE A 196 19.47 -0.69 -10.60
N SER A 197 19.08 0.46 -10.06
CA SER A 197 18.16 0.46 -8.94
C SER A 197 17.11 1.54 -9.10
N THR A 198 15.86 1.21 -8.77
CA THR A 198 14.84 2.24 -8.62
C THR A 198 14.22 2.13 -7.23
N GLU A 199 14.09 3.26 -6.55
CA GLU A 199 13.62 3.30 -5.17
C GLU A 199 12.19 3.80 -5.09
N PHE A 200 11.49 3.35 -4.03
CA PHE A 200 10.11 3.72 -3.74
C PHE A 200 9.89 3.59 -2.24
N GLU A 201 8.89 4.31 -1.74
CA GLU A 201 8.59 4.32 -0.31
C GLU A 201 7.29 3.60 -0.04
N VAL A 202 7.29 2.73 0.98
CA VAL A 202 6.07 2.04 1.38
C VAL A 202 5.26 2.86 2.37
N LYS A 203 5.95 3.51 3.33
CA LYS A 203 5.34 4.44 4.29
C LYS A 203 4.18 3.73 4.98
N GLU A 204 3.01 4.37 5.10
CA GLU A 204 1.86 3.78 5.76
C GLU A 204 0.60 4.35 5.12
N TYR A 205 -0.55 3.93 5.64
CA TYR A 205 -1.84 4.34 5.11
C TYR A 205 -2.33 5.57 5.86
N VAL A 206 -2.40 6.70 5.15
CA VAL A 206 -2.92 7.95 5.69
C VAL A 206 -3.86 8.56 4.65
N LEU A 207 -5.00 9.06 5.11
CA LEU A 207 -5.98 9.72 4.24
C LEU A 207 -6.35 11.06 4.84
N PRO A 208 -5.81 12.16 4.32
CA PRO A 208 -6.11 13.47 4.87
C PRO A 208 -7.48 13.98 4.41
N SER A 209 -8.06 14.85 5.25
CA SER A 209 -9.34 15.46 4.91
C SER A 209 -9.21 16.55 3.87
N PHE A 210 -8.01 17.11 3.69
CA PHE A 210 -7.84 18.21 2.76
C PHE A 210 -6.38 18.30 2.35
N GLU A 211 -6.15 18.82 1.15
CA GLU A 211 -4.79 19.03 0.69
C GLU A 211 -4.39 20.49 0.87
N VAL A 212 -3.12 20.68 1.24
CA VAL A 212 -2.53 21.99 1.48
C VAL A 212 -1.31 22.12 0.60
N ILE A 213 -1.34 23.08 -0.32
CA ILE A 213 -0.21 23.38 -1.19
C ILE A 213 0.42 24.68 -0.71
N VAL A 214 1.72 24.63 -0.44
CA VAL A 214 2.46 25.78 0.07
C VAL A 214 3.62 26.01 -0.88
N GLU A 215 3.60 27.13 -1.60
CA GLU A 215 4.70 27.38 -2.52
C GLU A 215 4.93 28.89 -2.65
N PRO A 216 6.15 29.33 -2.87
CA PRO A 216 6.38 30.76 -3.04
C PRO A 216 6.00 31.22 -4.44
N THR A 217 5.79 32.53 -4.55
CA THR A 217 5.48 33.12 -5.86
C THR A 217 6.69 33.03 -6.79
N GLU A 218 7.87 33.38 -6.30
CA GLU A 218 9.10 33.22 -7.06
C GLU A 218 9.63 31.80 -6.90
N LYS A 219 10.16 31.25 -8.00
CA LYS A 219 10.79 29.93 -7.97
C LYS A 219 12.22 29.98 -7.46
N PHE A 220 12.61 31.09 -6.82
CA PHE A 220 13.95 31.30 -6.28
C PHE A 220 13.86 32.51 -5.35
N TYR A 221 14.98 32.85 -4.73
CA TYR A 221 15.04 34.06 -3.91
C TYR A 221 16.28 34.86 -4.28
N TYR A 222 16.06 36.08 -4.75
CA TYR A 222 17.15 37.02 -4.98
C TYR A 222 17.51 37.70 -3.67
N ILE A 223 18.79 37.65 -3.31
CA ILE A 223 19.21 38.04 -1.96
C ILE A 223 18.95 39.52 -1.72
N TYR A 224 19.35 40.38 -2.66
CA TYR A 224 19.26 41.82 -2.44
C TYR A 224 17.83 42.35 -2.53
N ASN A 225 16.87 41.51 -2.91
CA ASN A 225 15.47 41.92 -2.96
C ASN A 225 14.92 42.01 -1.53
N GLU A 226 14.74 43.23 -1.03
CA GLU A 226 14.24 43.44 0.32
C GLU A 226 12.73 43.24 0.43
N LYS A 227 12.06 42.89 -0.66
CA LYS A 227 10.63 42.59 -0.59
C LYS A 227 10.34 41.35 0.23
N GLY A 228 11.32 40.45 0.38
CA GLY A 228 11.14 39.23 1.14
C GLY A 228 10.62 38.09 0.28
N LEU A 229 10.52 36.92 0.90
CA LEU A 229 10.01 35.74 0.22
C LEU A 229 8.51 35.64 0.48
N GLU A 230 7.73 35.88 -0.56
CA GLU A 230 6.27 35.80 -0.49
C GLU A 230 5.84 34.38 -0.78
N VAL A 231 5.12 33.77 0.15
CA VAL A 231 4.70 32.38 0.06
C VAL A 231 3.18 32.33 0.09
N THR A 232 2.62 31.52 -0.80
CA THR A 232 1.18 31.32 -0.90
C THR A 232 0.80 29.99 -0.25
N ILE A 233 -0.19 30.08 0.64
CA ILE A 233 -0.74 28.96 1.40
C ILE A 233 -2.15 28.73 0.86
N THR A 234 -2.33 27.74 0.01
CA THR A 234 -3.66 27.40 -0.46
C THR A 234 -4.08 26.05 0.12
N ALA A 235 -5.36 25.90 0.40
CA ALA A 235 -5.84 24.69 1.04
C ALA A 235 -7.26 24.41 0.60
N ARG A 236 -7.50 23.22 0.06
CA ARG A 236 -8.86 22.88 -0.32
C ARG A 236 -9.12 21.42 0.00
N PHE A 237 -10.40 21.11 0.21
CA PHE A 237 -10.79 19.72 0.44
C PHE A 237 -10.50 18.89 -0.80
N LEU A 238 -10.47 17.59 -0.62
CA LEU A 238 -10.14 16.71 -1.73
C LEU A 238 -11.26 16.60 -2.75
N TYR A 239 -12.34 17.38 -2.67
CA TYR A 239 -13.39 17.33 -3.66
C TYR A 239 -13.69 18.70 -4.27
N GLY A 240 -12.83 19.69 -4.04
CA GLY A 240 -12.98 20.99 -4.67
C GLY A 240 -13.64 22.07 -3.85
N LYS A 241 -13.77 21.89 -2.54
CA LYS A 241 -14.32 22.91 -1.66
C LYS A 241 -13.18 23.51 -0.84
N LYS A 242 -13.03 24.82 -0.91
CA LYS A 242 -11.89 25.49 -0.31
C LYS A 242 -11.98 25.43 1.22
N VAL A 243 -10.82 25.26 1.85
CA VAL A 243 -10.74 25.10 3.29
C VAL A 243 -10.82 26.45 3.97
N GLU A 244 -11.60 26.53 5.05
CA GLU A 244 -11.66 27.71 5.90
C GLU A 244 -10.97 27.36 7.22
N GLY A 245 -9.90 28.08 7.55
CA GLY A 245 -9.20 27.78 8.80
C GLY A 245 -8.07 28.72 9.14
N THR A 246 -7.06 28.23 9.85
CA THR A 246 -5.90 29.08 10.10
C THR A 246 -4.63 28.27 9.99
N ALA A 247 -3.55 28.93 9.58
CA ALA A 247 -2.28 28.27 9.29
C ALA A 247 -1.18 28.85 10.16
N PHE A 248 -0.46 27.98 10.85
CA PHE A 248 0.77 28.34 11.55
C PHE A 248 1.93 27.97 10.65
N VAL A 249 2.69 28.97 10.20
CA VAL A 249 3.77 28.77 9.25
C VAL A 249 5.08 29.19 9.88
N ILE A 250 6.14 28.44 9.58
CA ILE A 250 7.48 28.74 10.09
C ILE A 250 8.48 28.53 8.96
N PHE A 251 9.57 29.30 9.02
CA PHE A 251 10.59 29.33 8.00
C PHE A 251 11.92 28.83 8.56
N GLY A 252 12.70 28.21 7.69
CA GLY A 252 14.06 27.95 8.12
C GLY A 252 15.00 27.81 6.94
N ILE A 253 16.28 27.66 7.27
CA ILE A 253 17.35 27.63 6.28
C ILE A 253 17.96 26.23 6.26
N GLN A 254 17.97 25.62 5.06
CA GLN A 254 18.57 24.31 4.80
C GLN A 254 19.97 24.52 4.22
N ASP A 255 20.98 24.34 5.08
CA ASP A 255 22.38 24.34 4.67
C ASP A 255 22.78 22.89 4.37
N GLY A 256 23.06 22.60 3.11
CA GLY A 256 23.35 21.23 2.69
C GLY A 256 22.18 20.30 2.95
N GLU A 257 22.39 19.29 3.80
CA GLU A 257 21.32 18.40 4.21
C GLU A 257 20.90 18.62 5.66
N GLN A 258 21.32 19.74 6.26
CA GLN A 258 20.90 20.13 7.60
C GLN A 258 20.07 21.40 7.53
N ARG A 259 19.47 21.77 8.65
CA ARG A 259 18.59 22.93 8.69
C ARG A 259 18.75 23.68 10.00
N ILE A 260 18.36 24.95 9.94
CA ILE A 260 18.30 25.86 11.08
C ILE A 260 16.89 26.41 11.06
N SER A 261 16.03 25.88 11.92
CA SER A 261 14.67 26.39 12.05
C SER A 261 14.70 27.76 12.72
N LEU A 262 14.01 28.75 12.12
CA LEU A 262 14.04 30.11 12.62
C LEU A 262 12.84 30.36 13.52
N PRO A 263 13.01 30.44 14.84
CA PRO A 263 11.86 30.61 15.72
C PRO A 263 11.36 32.05 15.75
N GLU A 264 11.91 32.88 14.86
CA GLU A 264 11.50 34.28 14.75
C GLU A 264 10.54 34.52 13.60
N SER A 265 10.35 33.54 12.71
CA SER A 265 9.49 33.69 11.55
C SER A 265 8.15 32.98 11.70
N LEU A 266 7.86 32.45 12.90
CA LEU A 266 6.60 31.74 13.12
C LEU A 266 5.44 32.73 13.14
N LYS A 267 4.52 32.59 12.19
CA LYS A 267 3.39 33.50 12.05
C LYS A 267 2.11 32.71 11.82
N ARG A 268 1.00 33.24 12.32
CA ARG A 268 -0.31 32.63 12.19
C ARG A 268 -1.16 33.48 11.26
N ILE A 269 -1.40 32.99 10.05
CA ILE A 269 -2.21 33.72 9.09
C ILE A 269 -3.55 33.03 8.90
N PRO A 270 -4.65 33.77 8.70
CA PRO A 270 -5.94 33.12 8.46
C PRO A 270 -6.05 32.63 7.02
N ILE A 271 -6.48 31.39 6.85
CA ILE A 271 -6.71 30.80 5.55
C ILE A 271 -8.20 30.96 5.25
N GLU A 272 -8.55 32.03 4.52
CA GLU A 272 -9.93 32.33 4.17
C GLU A 272 -10.12 32.05 2.69
N ASP A 273 -11.23 31.37 2.36
CA ASP A 273 -11.56 31.01 0.97
C ASP A 273 -10.42 30.22 0.33
N GLY A 274 -9.82 29.31 1.10
CA GLY A 274 -8.73 28.50 0.60
C GLY A 274 -7.51 29.27 0.15
N SER A 275 -7.28 30.45 0.73
CA SER A 275 -6.18 31.32 0.32
C SER A 275 -5.52 31.92 1.55
N GLY A 276 -4.20 32.06 1.48
CA GLY A 276 -3.44 32.67 2.55
C GLY A 276 -2.03 33.05 2.11
N GLU A 277 -1.65 34.31 2.32
CA GLU A 277 -0.35 34.81 1.88
C GLU A 277 0.46 35.25 3.09
N VAL A 278 1.70 34.79 3.18
CA VAL A 278 2.59 35.20 4.26
C VAL A 278 3.97 35.48 3.67
N VAL A 279 4.65 36.48 4.23
CA VAL A 279 5.94 36.92 3.70
C VAL A 279 7.01 36.74 4.78
N LEU A 280 8.17 36.26 4.37
CA LEU A 280 9.35 36.24 5.23
C LEU A 280 10.21 37.45 4.82
N SER A 281 10.23 38.46 5.69
CA SER A 281 10.92 39.70 5.40
C SER A 281 12.44 39.52 5.45
N ARG A 282 13.14 40.32 4.66
CA ARG A 282 14.60 40.28 4.70
C ARG A 282 15.13 40.79 6.03
N LYS A 283 14.35 41.59 6.76
CA LYS A 283 14.76 42.04 8.09
C LYS A 283 14.95 40.85 9.03
N VAL A 284 13.93 40.01 9.15
CA VAL A 284 14.03 38.81 10.00
C VAL A 284 14.98 37.80 9.38
N LEU A 285 15.11 37.80 8.05
CA LEU A 285 15.96 36.82 7.38
C LEU A 285 17.44 37.08 7.70
N LEU A 286 17.88 38.34 7.56
CA LEU A 286 19.27 38.66 7.85
C LEU A 286 19.62 38.43 9.31
N ASP A 287 18.64 38.50 10.19
CA ASP A 287 18.92 38.41 11.63
C ASP A 287 19.26 36.97 12.10
N GLY A 288 19.47 35.96 11.24
CA GLY A 288 20.00 34.69 11.69
C GLY A 288 21.46 34.84 12.07
N VAL A 289 21.80 34.49 13.31
CA VAL A 289 23.07 34.89 13.90
C VAL A 289 24.05 33.72 13.80
N GLN A 290 25.01 33.84 12.91
CA GLN A 290 26.16 32.95 12.86
C GLN A 290 27.37 33.82 12.57
N ASN A 291 27.39 34.36 11.37
CA ASN A 291 28.10 35.55 10.95
C ASN A 291 27.10 36.32 10.10
N PRO A 292 26.73 37.55 10.44
CA PRO A 292 25.73 38.23 9.61
C PRO A 292 26.28 38.91 8.36
N ARG A 293 25.93 38.32 7.22
CA ARG A 293 26.16 38.86 5.89
C ARG A 293 25.17 38.22 4.91
N ALA A 294 25.03 38.83 3.72
CA ALA A 294 24.06 38.35 2.76
C ALA A 294 24.66 37.47 1.65
N GLU A 295 25.98 37.45 1.50
CA GLU A 295 26.63 36.67 0.47
C GLU A 295 27.11 35.30 0.96
N ASP A 296 27.05 35.04 2.27
CA ASP A 296 27.35 33.70 2.78
C ASP A 296 26.14 32.78 2.70
N LEU A 297 24.94 33.34 2.58
CA LEU A 297 23.72 32.54 2.47
C LEU A 297 23.44 32.08 1.04
N VAL A 298 24.33 32.39 0.10
CA VAL A 298 24.19 31.91 -1.27
C VAL A 298 24.69 30.49 -1.36
N GLY A 299 23.95 29.64 -2.07
CA GLY A 299 24.21 28.22 -2.14
C GLY A 299 23.34 27.40 -1.23
N LYS A 300 22.96 27.94 -0.07
CA LYS A 300 22.01 27.28 0.81
C LYS A 300 20.61 27.38 0.22
N SER A 301 19.64 26.77 0.88
CA SER A 301 18.27 26.80 0.40
C SER A 301 17.35 27.17 1.55
N LEU A 302 16.12 27.55 1.23
CA LEU A 302 15.15 27.84 2.29
C LEU A 302 14.16 26.68 2.40
N TYR A 303 13.34 26.71 3.44
CA TYR A 303 12.20 25.82 3.44
C TYR A 303 11.08 26.36 4.32
N VAL A 304 9.85 26.07 3.91
CA VAL A 304 8.62 26.63 4.50
C VAL A 304 7.77 25.48 5.01
N SER A 305 7.62 25.37 6.33
CA SER A 305 6.75 24.36 6.91
C SER A 305 5.46 25.03 7.37
N ALA A 306 4.32 24.52 6.90
CA ALA A 306 3.02 25.10 7.20
C ALA A 306 2.11 24.04 7.79
N THR A 307 1.39 24.43 8.85
CA THR A 307 0.45 23.54 9.53
C THR A 307 -0.92 24.22 9.52
N VAL A 308 -1.83 23.68 8.71
CA VAL A 308 -3.17 24.24 8.56
C VAL A 308 -4.12 23.45 9.46
N ILE A 309 -4.87 24.17 10.29
CA ILE A 309 -5.88 23.59 11.15
C ILE A 309 -7.25 24.07 10.69
N LEU A 310 -8.17 23.12 10.57
CA LEU A 310 -9.54 23.38 10.15
C LEU A 310 -10.30 24.11 11.25
N HIS A 311 -11.15 25.05 10.82
CA HIS A 311 -11.96 25.80 11.79
C HIS A 311 -13.05 24.93 12.38
N SER A 312 -13.72 24.13 11.56
CA SER A 312 -14.87 23.35 11.98
C SER A 312 -14.51 21.98 12.53
N GLY A 313 -13.25 21.75 12.86
CA GLY A 313 -12.87 20.43 13.35
C GLY A 313 -11.47 20.44 13.95
N SER A 314 -11.09 19.29 14.48
CA SER A 314 -9.76 19.09 15.03
C SER A 314 -8.77 18.60 13.98
N ASP A 315 -9.17 18.56 12.71
CA ASP A 315 -8.29 18.09 11.65
C ASP A 315 -7.11 19.03 11.47
N MET A 316 -5.98 18.46 11.06
CA MET A 316 -4.73 19.22 10.98
C MET A 316 -3.83 18.56 9.94
N VAL A 317 -3.45 19.32 8.92
CA VAL A 317 -2.60 18.82 7.85
C VAL A 317 -1.44 19.79 7.64
N GLN A 318 -0.23 19.24 7.52
CA GLN A 318 0.97 20.05 7.34
C GLN A 318 1.66 19.69 6.04
N ALA A 319 2.25 20.70 5.41
CA ALA A 319 3.01 20.50 4.17
C ALA A 319 4.28 21.32 4.24
N GLU A 320 5.31 20.83 3.54
CA GLU A 320 6.62 21.46 3.57
C GLU A 320 7.09 21.72 2.14
N ARG A 321 7.58 22.94 1.91
CA ARG A 321 8.14 23.35 0.62
C ARG A 321 9.64 23.47 0.77
N SER A 322 10.37 22.53 0.16
CA SER A 322 11.82 22.51 0.13
C SER A 322 12.31 22.65 -1.31
N GLY A 323 13.63 22.62 -1.48
CA GLY A 323 14.20 22.74 -2.80
C GLY A 323 13.99 24.09 -3.46
N ILE A 324 14.02 25.16 -2.68
CA ILE A 324 13.92 26.53 -3.19
C ILE A 324 15.28 27.19 -3.04
N PRO A 325 15.84 27.75 -4.10
CA PRO A 325 17.23 28.20 -4.06
C PRO A 325 17.39 29.65 -3.63
N ILE A 326 18.49 29.90 -2.92
CA ILE A 326 18.94 31.24 -2.56
C ILE A 326 20.06 31.59 -3.54
N VAL A 327 19.74 32.43 -4.52
CA VAL A 327 20.67 32.73 -5.60
C VAL A 327 21.08 34.19 -5.53
N THR A 328 22.30 34.47 -5.99
CA THR A 328 22.77 35.83 -6.20
C THR A 328 22.45 36.35 -7.59
N SER A 329 21.91 35.50 -8.47
CA SER A 329 21.57 35.87 -9.83
C SER A 329 20.56 34.86 -10.38
N PRO A 330 19.41 35.32 -10.89
CA PRO A 330 18.39 34.38 -11.39
C PRO A 330 18.79 33.62 -12.65
N TYR A 331 20.08 33.59 -12.96
CA TYR A 331 20.59 32.81 -14.09
C TYR A 331 21.98 32.30 -13.76
N GLN A 332 22.32 31.15 -14.33
CA GLN A 332 23.61 30.53 -14.11
C GLN A 332 24.31 30.28 -15.43
N ILE A 333 25.61 30.55 -15.45
CA ILE A 333 26.47 30.33 -16.61
C ILE A 333 27.37 29.15 -16.32
N HIS A 334 27.32 28.12 -17.17
CA HIS A 334 28.08 26.90 -16.97
C HIS A 334 28.98 26.65 -18.17
N PHE A 335 30.25 26.39 -17.92
CA PHE A 335 31.19 25.99 -18.95
C PHE A 335 31.39 24.48 -18.99
N THR A 336 30.51 23.72 -18.34
CA THR A 336 30.66 22.27 -18.33
C THR A 336 30.53 21.68 -19.72
N LYS A 337 29.86 22.36 -20.63
CA LYS A 337 29.76 21.92 -22.02
C LYS A 337 30.84 22.54 -22.91
N THR A 338 31.68 23.42 -22.37
CA THR A 338 32.77 24.12 -23.04
C THR A 338 34.09 23.39 -22.84
N PRO A 339 34.89 23.23 -23.89
CA PRO A 339 36.17 22.54 -23.75
C PRO A 339 37.09 23.26 -22.78
N LYS A 340 37.99 22.50 -22.16
CA LYS A 340 38.92 23.01 -21.17
C LYS A 340 40.29 23.36 -21.76
N TYR A 341 40.47 23.19 -23.06
CA TYR A 341 41.73 23.50 -23.72
C TYR A 341 41.46 24.35 -24.95
N PHE A 342 42.42 25.20 -25.29
CA PHE A 342 42.30 26.09 -26.44
C PHE A 342 43.56 26.00 -27.29
N LYS A 343 43.40 26.31 -28.57
CA LYS A 343 44.53 26.31 -29.51
C LYS A 343 45.00 27.74 -29.71
N PRO A 344 46.28 28.03 -29.47
CA PRO A 344 46.75 29.42 -29.57
C PRO A 344 46.73 29.91 -31.01
N GLY A 345 46.27 31.15 -31.18
CA GLY A 345 46.20 31.76 -32.49
C GLY A 345 44.88 31.51 -33.18
N MET A 346 44.53 30.24 -33.35
CA MET A 346 43.28 29.90 -34.00
C MET A 346 42.10 30.19 -33.07
N PRO A 347 40.95 30.58 -33.60
CA PRO A 347 39.84 31.00 -32.75
C PRO A 347 39.32 29.86 -31.89
N PHE A 348 38.74 30.23 -30.75
CA PHE A 348 38.20 29.30 -29.77
C PHE A 348 36.69 29.47 -29.71
N ASP A 349 35.96 28.39 -29.96
CA ASP A 349 34.51 28.39 -29.82
C ASP A 349 34.16 28.03 -28.37
N LEU A 350 33.21 28.76 -27.80
CA LEU A 350 32.76 28.54 -26.43
C LEU A 350 31.31 28.07 -26.46
N MET A 351 31.05 26.88 -25.92
CA MET A 351 29.70 26.36 -25.82
C MET A 351 29.13 26.72 -24.45
N VAL A 352 28.83 28.01 -24.28
CA VAL A 352 28.37 28.52 -23.00
C VAL A 352 26.96 27.99 -22.74
N PHE A 353 26.77 27.33 -21.60
CA PHE A 353 25.50 26.72 -21.26
C PHE A 353 24.78 27.61 -20.24
N VAL A 354 23.70 28.24 -20.68
CA VAL A 354 22.92 29.12 -19.81
C VAL A 354 21.79 28.31 -19.20
N THR A 355 21.61 28.42 -17.89
CA THR A 355 20.58 27.66 -17.19
C THR A 355 19.93 28.55 -16.13
N ASN A 356 18.88 28.01 -15.51
CA ASN A 356 18.04 28.64 -14.51
C ASN A 356 18.37 28.12 -13.12
N PRO A 357 17.94 28.82 -12.06
CA PRO A 357 18.26 28.35 -10.70
C PRO A 357 17.77 26.95 -10.40
N ASP A 358 16.66 26.52 -11.00
CA ASP A 358 16.14 25.18 -10.81
C ASP A 358 16.76 24.17 -11.76
N GLY A 359 17.81 24.55 -12.48
CA GLY A 359 18.50 23.66 -13.41
C GLY A 359 17.87 23.57 -14.79
N SER A 360 16.72 24.20 -15.01
CA SER A 360 16.08 24.13 -16.31
C SER A 360 16.84 24.96 -17.33
N PRO A 361 16.85 24.52 -18.60
CA PRO A 361 17.56 25.29 -19.62
C PRO A 361 16.88 26.63 -19.91
N ALA A 362 17.70 27.62 -20.24
CA ALA A 362 17.22 28.97 -20.48
C ALA A 362 17.01 29.20 -21.99
N TYR A 363 16.16 30.16 -22.30
CA TYR A 363 15.84 30.50 -23.68
C TYR A 363 15.82 32.02 -23.82
N ARG A 364 16.47 32.52 -24.87
CA ARG A 364 16.57 33.95 -25.17
C ARG A 364 17.23 34.70 -24.01
N VAL A 365 18.50 34.36 -23.80
CA VAL A 365 19.32 34.99 -22.77
C VAL A 365 20.56 35.56 -23.44
N PRO A 366 20.61 36.87 -23.66
CA PRO A 366 21.80 37.46 -24.30
C PRO A 366 23.03 37.35 -23.41
N VAL A 367 24.10 36.78 -23.98
CA VAL A 367 25.36 36.59 -23.27
C VAL A 367 26.47 37.27 -24.06
N ALA A 368 27.58 37.54 -23.37
CA ALA A 368 28.70 38.22 -23.98
C ALA A 368 29.96 37.88 -23.19
N VAL A 369 31.11 38.10 -23.83
CA VAL A 369 32.40 37.86 -23.21
C VAL A 369 32.98 39.20 -22.76
N GLN A 370 33.54 39.21 -21.56
CA GLN A 370 34.15 40.43 -21.04
C GLN A 370 35.36 40.82 -21.87
N GLY A 371 35.55 42.12 -22.06
CA GLY A 371 36.60 42.62 -22.93
C GLY A 371 36.03 42.99 -24.29
N GLU A 372 35.54 42.00 -25.02
CA GLU A 372 34.82 42.24 -26.27
C GLU A 372 33.32 42.04 -26.05
N ASP A 373 32.78 42.82 -25.12
CA ASP A 373 31.38 42.78 -24.75
C ASP A 373 30.47 43.45 -25.78
N THR A 374 30.96 43.70 -26.98
CA THR A 374 30.17 44.28 -28.07
C THR A 374 29.73 43.18 -29.04
N VAL A 375 29.20 42.09 -28.51
CA VAL A 375 28.72 40.97 -29.31
C VAL A 375 27.31 40.60 -28.84
N GLN A 376 26.54 40.03 -29.76
CA GLN A 376 25.13 39.71 -29.51
C GLN A 376 24.89 38.24 -29.81
N SER A 377 24.59 37.45 -28.78
CA SER A 377 24.33 36.03 -28.93
C SER A 377 23.20 35.64 -27.98
N LEU A 378 22.14 35.05 -28.53
CA LEU A 378 20.99 34.63 -27.75
C LEU A 378 20.98 33.12 -27.60
N THR A 379 20.35 32.65 -26.53
CA THR A 379 20.32 31.23 -26.22
C THR A 379 19.20 30.54 -26.97
N GLN A 380 19.44 29.29 -27.37
CA GLN A 380 18.45 28.50 -28.08
C GLN A 380 17.65 27.65 -27.08
N GLY A 381 16.77 26.80 -27.61
CA GLY A 381 15.92 25.99 -26.75
C GLY A 381 16.70 24.97 -25.94
N ASP A 382 17.77 24.41 -26.53
CA ASP A 382 18.55 23.42 -25.81
C ASP A 382 19.35 24.02 -24.66
N GLY A 383 19.52 25.34 -24.65
CA GLY A 383 20.23 26.01 -23.58
C GLY A 383 21.68 26.34 -23.85
N VAL A 384 22.16 26.11 -25.08
CA VAL A 384 23.57 26.31 -25.43
C VAL A 384 23.66 27.51 -26.37
N ALA A 385 24.62 28.40 -26.10
CA ALA A 385 24.91 29.53 -26.95
C ALA A 385 26.41 29.54 -27.23
N LYS A 386 26.78 29.75 -28.49
CA LYS A 386 28.18 29.74 -28.88
C LYS A 386 28.75 31.15 -28.88
N LEU A 387 29.94 31.30 -28.31
CA LEU A 387 30.66 32.56 -28.26
C LEU A 387 32.09 32.31 -28.71
N SER A 388 32.47 32.85 -29.85
CA SER A 388 33.80 32.62 -30.41
C SER A 388 34.71 33.79 -30.05
N ILE A 389 35.97 33.48 -29.79
CA ILE A 389 36.98 34.50 -29.48
C ILE A 389 38.21 34.23 -30.34
N ASN A 390 38.71 35.28 -31.00
CA ASN A 390 39.91 35.17 -31.83
C ASN A 390 41.11 35.44 -30.95
N THR A 391 41.73 34.38 -30.46
CA THR A 391 42.87 34.52 -29.56
C THR A 391 44.15 34.71 -30.34
N HIS A 392 45.16 35.24 -29.66
CA HIS A 392 46.47 35.45 -30.26
C HIS A 392 47.36 34.23 -30.05
N PRO A 393 48.27 33.94 -30.99
CA PRO A 393 49.18 32.81 -30.81
C PRO A 393 50.22 33.08 -29.73
N SER A 394 50.04 32.46 -28.57
CA SER A 394 50.93 32.68 -27.44
C SER A 394 50.93 31.46 -26.54
N GLN A 395 51.91 31.42 -25.63
CA GLN A 395 52.03 30.40 -24.60
C GLN A 395 51.09 30.68 -23.41
N LYS A 396 50.23 31.69 -23.52
CA LYS A 396 49.41 32.11 -22.39
C LYS A 396 48.35 31.05 -22.06
N PRO A 397 48.20 30.66 -20.80
CA PRO A 397 46.99 29.92 -20.40
C PRO A 397 45.80 30.88 -20.41
N LEU A 398 44.83 30.59 -21.26
CA LEU A 398 43.75 31.54 -21.52
C LEU A 398 42.70 31.51 -20.41
N SER A 399 42.56 32.63 -19.71
CA SER A 399 41.54 32.76 -18.66
C SER A 399 40.39 33.59 -19.22
N ILE A 400 39.26 32.94 -19.48
CA ILE A 400 38.11 33.59 -20.09
C ILE A 400 37.08 33.91 -19.01
N THR A 401 36.34 34.99 -19.22
CA THR A 401 35.27 35.40 -18.30
C THR A 401 34.06 35.78 -19.12
N VAL A 402 32.94 35.10 -18.89
CA VAL A 402 31.72 35.29 -19.66
C VAL A 402 30.61 35.77 -18.72
N ARG A 403 29.84 36.77 -19.19
CA ARG A 403 28.75 37.33 -18.41
C ARG A 403 27.54 37.50 -19.31
N THR A 404 26.35 37.27 -18.77
CA THR A 404 25.13 37.51 -19.53
C THR A 404 24.76 38.98 -19.48
N LYS A 405 24.32 39.50 -20.63
CA LYS A 405 23.96 40.91 -20.75
C LYS A 405 22.49 41.06 -21.11
N LYS A 406 21.61 40.45 -20.32
CA LYS A 406 20.17 40.49 -20.55
C LYS A 406 19.60 41.74 -19.88
N GLN A 407 19.11 42.67 -20.68
CA GLN A 407 18.56 43.92 -20.16
C GLN A 407 17.19 43.63 -19.53
N GLU A 408 16.45 44.70 -19.23
CA GLU A 408 15.24 44.62 -18.40
C GLU A 408 15.56 43.97 -17.06
N LEU A 409 16.79 44.18 -16.59
CA LEU A 409 17.30 43.59 -15.37
C LEU A 409 18.22 44.59 -14.69
N SER A 410 18.41 44.42 -13.38
CA SER A 410 19.28 45.33 -12.64
C SER A 410 20.75 45.15 -12.98
N GLU A 411 21.11 44.09 -13.69
CA GLU A 411 22.48 43.78 -14.11
C GLU A 411 23.42 43.60 -12.93
N ALA A 412 22.89 43.60 -11.70
CA ALA A 412 23.52 42.90 -10.60
C ALA A 412 23.01 41.47 -10.51
N GLN A 413 21.74 41.26 -10.88
CA GLN A 413 21.14 39.93 -11.05
C GLN A 413 21.71 39.19 -12.26
N GLN A 414 22.70 39.76 -12.94
CA GLN A 414 23.40 39.06 -14.02
C GLN A 414 24.62 38.36 -13.45
N ALA A 415 24.73 37.07 -13.76
CA ALA A 415 25.84 36.28 -13.26
C ALA A 415 27.03 36.34 -14.23
N THR A 416 28.21 36.10 -13.68
CA THR A 416 29.43 35.98 -14.46
C THR A 416 30.18 34.74 -14.01
N ARG A 417 30.96 34.17 -14.93
CA ARG A 417 31.71 32.96 -14.63
C ARG A 417 33.06 33.00 -15.33
N THR A 418 34.10 32.54 -14.64
CA THR A 418 35.47 32.57 -15.14
C THR A 418 35.96 31.14 -15.29
N MET A 419 36.41 30.80 -16.49
CA MET A 419 36.99 29.50 -16.79
C MET A 419 38.46 29.65 -17.14
N GLN A 420 39.24 28.61 -16.87
CA GLN A 420 40.65 28.57 -17.20
C GLN A 420 40.88 27.46 -18.21
N ALA A 421 41.55 27.79 -19.32
CA ALA A 421 41.82 26.86 -20.41
C ALA A 421 43.32 26.79 -20.64
N LEU A 422 43.87 25.57 -20.63
CA LEU A 422 45.29 25.32 -20.82
C LEU A 422 45.60 25.14 -22.30
N PRO A 423 46.80 25.57 -22.73
CA PRO A 423 47.13 25.53 -24.16
C PRO A 423 47.35 24.11 -24.66
N TYR A 424 47.36 23.99 -25.99
CA TYR A 424 47.64 22.74 -26.67
C TYR A 424 49.15 22.49 -26.70
N SER A 425 49.53 21.26 -27.04
CA SER A 425 50.93 20.88 -27.13
C SER A 425 51.20 20.30 -28.51
N THR A 426 51.86 21.08 -29.37
CA THR A 426 52.26 20.59 -30.69
C THR A 426 53.56 19.81 -30.59
N VAL A 427 53.63 18.69 -31.30
CA VAL A 427 54.85 17.91 -31.37
C VAL A 427 55.89 18.69 -32.16
N GLY A 428 57.04 18.95 -31.54
CA GLY A 428 58.10 19.69 -32.19
C GLY A 428 57.86 21.17 -32.32
N ASN A 429 56.92 21.73 -31.55
CA ASN A 429 56.55 23.14 -31.63
C ASN A 429 56.20 23.52 -33.07
N SER A 430 55.55 22.60 -33.77
CA SER A 430 55.34 22.73 -35.20
C SER A 430 54.26 23.75 -35.55
N ASN A 431 53.50 24.23 -34.57
CA ASN A 431 52.40 25.17 -34.80
C ASN A 431 51.40 24.61 -35.80
N ASN A 432 51.08 23.32 -35.66
CA ASN A 432 50.14 22.63 -36.52
C ASN A 432 48.89 22.28 -35.70
N TYR A 433 47.81 23.01 -35.93
CA TYR A 433 46.55 22.70 -35.28
C TYR A 433 45.45 22.62 -36.33
N LEU A 434 44.42 21.84 -36.01
CA LEU A 434 43.20 21.76 -36.80
C LEU A 434 42.02 22.04 -35.88
N HIS A 435 41.09 22.86 -36.34
CA HIS A 435 39.95 23.27 -35.53
C HIS A 435 38.65 22.88 -36.23
N LEU A 436 37.77 22.18 -35.51
CA LEU A 436 36.48 21.77 -36.02
C LEU A 436 35.42 22.70 -35.46
N SER A 437 34.65 23.35 -36.33
CA SER A 437 33.62 24.28 -35.90
C SER A 437 32.28 23.91 -36.50
N VAL A 438 31.22 24.10 -35.72
CA VAL A 438 29.86 23.81 -36.17
C VAL A 438 28.92 24.89 -35.62
N LEU A 439 27.84 25.12 -36.35
CA LEU A 439 26.82 26.07 -35.92
C LEU A 439 25.87 25.40 -34.95
N ARG A 440 25.76 25.96 -33.74
CA ARG A 440 24.95 25.35 -32.70
C ARG A 440 23.47 25.51 -33.01
N THR A 441 22.79 24.40 -33.25
CA THR A 441 21.34 24.34 -33.41
C THR A 441 20.83 23.10 -32.70
N GLU A 442 19.52 23.10 -32.44
CA GLU A 442 18.85 21.88 -31.96
C GLU A 442 18.37 21.13 -33.19
N LEU A 443 19.20 20.19 -33.65
CA LEU A 443 18.97 19.50 -34.90
C LEU A 443 18.31 18.14 -34.67
N ARG A 444 17.72 17.62 -35.73
CA ARG A 444 16.95 16.38 -35.71
C ARG A 444 17.51 15.44 -36.76
N PRO A 445 17.23 14.14 -36.63
CA PRO A 445 17.60 13.20 -37.70
C PRO A 445 16.91 13.57 -39.01
N GLY A 446 17.66 13.42 -40.11
CA GLY A 446 17.21 13.80 -41.43
C GLY A 446 17.91 15.02 -41.99
N GLU A 447 18.47 15.86 -41.14
CA GLU A 447 19.19 17.05 -41.59
C GLU A 447 20.62 16.69 -42.01
N THR A 448 21.28 17.63 -42.66
CA THR A 448 22.69 17.54 -43.00
C THR A 448 23.43 18.66 -42.31
N LEU A 449 24.51 18.33 -41.61
CA LEU A 449 25.29 19.29 -40.84
C LEU A 449 26.62 19.52 -41.54
N ASN A 450 26.91 20.79 -41.85
CA ASN A 450 28.20 21.16 -42.42
C ASN A 450 29.20 21.27 -41.28
N VAL A 451 30.17 20.36 -41.25
CA VAL A 451 31.23 20.41 -40.25
C VAL A 451 32.40 21.17 -40.86
N ASN A 452 32.76 22.30 -40.26
CA ASN A 452 33.80 23.17 -40.78
C ASN A 452 35.16 22.68 -40.30
N PHE A 453 35.96 22.13 -41.23
CA PHE A 453 37.33 21.72 -40.96
C PHE A 453 38.25 22.90 -41.19
N LEU A 454 39.11 23.18 -40.21
CA LEU A 454 40.10 24.24 -40.32
C LEU A 454 41.48 23.64 -40.06
N LEU A 455 42.46 24.08 -40.83
CA LEU A 455 43.81 23.53 -40.77
C LEU A 455 44.80 24.67 -40.84
N ARG A 456 45.48 24.98 -39.73
CA ARG A 456 46.55 25.95 -39.72
C ARG A 456 47.87 25.25 -39.44
N MET A 457 48.85 25.49 -40.31
CA MET A 457 50.17 24.89 -40.21
C MET A 457 51.15 25.79 -40.95
N ASP A 458 52.44 25.48 -40.79
CA ASP A 458 53.47 26.23 -41.49
C ASP A 458 53.40 25.94 -42.99
N ARG A 459 54.12 26.76 -43.76
CA ARG A 459 54.06 26.62 -45.21
C ARG A 459 54.74 25.34 -45.69
N ALA A 460 55.69 24.82 -44.93
CA ALA A 460 56.30 23.55 -45.27
C ALA A 460 55.32 22.41 -44.99
N HIS A 461 55.35 21.39 -45.85
CA HIS A 461 54.52 20.19 -45.70
C HIS A 461 53.03 20.50 -45.78
N GLU A 462 52.66 21.60 -46.44
CA GLU A 462 51.25 21.90 -46.63
C GLU A 462 50.64 21.08 -47.77
N ALA A 463 51.46 20.66 -48.74
CA ALA A 463 50.99 19.80 -49.82
C ALA A 463 50.96 18.33 -49.43
N LYS A 464 51.45 17.98 -48.24
CA LYS A 464 51.40 16.61 -47.75
C LYS A 464 50.03 16.21 -47.20
N ILE A 465 49.12 17.17 -47.03
CA ILE A 465 47.80 16.91 -46.48
C ILE A 465 46.80 16.89 -47.63
N ARG A 466 46.34 15.68 -47.98
CA ARG A 466 45.31 15.49 -48.98
C ARG A 466 44.04 14.90 -48.40
N TYR A 467 44.03 14.57 -47.11
CA TYR A 467 42.92 13.84 -46.51
C TYR A 467 42.87 14.12 -45.01
N TYR A 468 41.67 14.39 -44.51
CA TYR A 468 41.37 14.33 -43.09
C TYR A 468 40.78 12.95 -42.80
N THR A 469 41.10 12.40 -41.63
CA THR A 469 40.52 11.15 -41.18
C THR A 469 39.50 11.47 -40.10
N TYR A 470 38.22 11.20 -40.39
CA TYR A 470 37.13 11.52 -39.48
C TYR A 470 36.47 10.23 -39.00
N LEU A 471 36.23 10.16 -37.70
CA LEU A 471 35.59 9.01 -37.07
C LEU A 471 34.47 9.51 -36.15
N ILE A 472 33.36 8.78 -36.17
CA ILE A 472 32.17 9.13 -35.41
C ILE A 472 32.07 8.22 -34.19
N MET A 473 31.98 8.80 -33.00
CA MET A 473 31.80 8.07 -31.76
C MET A 473 30.37 8.28 -31.27
N ASN A 474 29.61 7.19 -31.17
CA ASN A 474 28.19 7.23 -30.86
C ASN A 474 27.91 6.24 -29.75
N LYS A 475 27.47 6.74 -28.59
CA LYS A 475 27.08 5.91 -27.45
C LYS A 475 28.22 5.00 -26.99
N GLY A 476 29.47 5.42 -27.25
CA GLY A 476 30.63 4.66 -26.88
C GLY A 476 31.20 3.80 -27.98
N ARG A 477 30.38 3.37 -28.94
CA ARG A 477 30.86 2.57 -30.06
C ARG A 477 31.24 3.47 -31.23
N LEU A 478 32.01 2.89 -32.15
CA LEU A 478 32.43 3.57 -33.36
C LEU A 478 31.35 3.37 -34.42
N LEU A 479 30.68 4.46 -34.81
CA LEU A 479 29.61 4.39 -35.79
C LEU A 479 30.17 4.38 -37.21
N LYS A 480 30.50 5.56 -37.73
CA LYS A 480 31.05 5.70 -39.07
C LYS A 480 32.49 6.19 -39.00
N ALA A 481 33.23 5.88 -40.05
CA ALA A 481 34.62 6.28 -40.17
C ALA A 481 34.97 6.44 -41.65
N GLY A 482 35.81 7.42 -41.96
CA GLY A 482 36.17 7.62 -43.36
C GLY A 482 37.13 8.78 -43.53
N ARG A 483 37.26 9.20 -44.78
CA ARG A 483 38.20 10.21 -45.22
C ARG A 483 37.46 11.40 -45.83
N GLN A 484 38.03 12.59 -45.65
CA GLN A 484 37.54 13.81 -46.27
C GLN A 484 38.68 14.38 -47.11
N VAL A 485 38.51 14.34 -48.43
CA VAL A 485 39.57 14.80 -49.33
C VAL A 485 39.79 16.30 -49.17
N ARG A 486 40.97 16.74 -49.61
CA ARG A 486 41.33 18.16 -49.53
C ARG A 486 42.34 18.49 -50.61
N GLU A 487 42.08 19.59 -51.32
CA GLU A 487 43.03 20.11 -52.30
C GLU A 487 43.98 21.08 -51.61
N PRO A 488 45.30 20.95 -51.80
CA PRO A 488 46.24 21.87 -51.15
C PRO A 488 45.98 23.32 -51.54
N GLY A 489 46.18 24.22 -50.57
CA GLY A 489 45.88 25.62 -50.74
C GLY A 489 44.55 26.05 -50.17
N GLN A 490 43.84 25.17 -49.49
CA GLN A 490 42.54 25.47 -48.90
C GLN A 490 42.67 25.58 -47.38
N ASP A 491 41.98 26.57 -46.82
CA ASP A 491 41.98 26.78 -45.38
C ASP A 491 40.73 26.23 -44.70
N LEU A 492 39.60 26.23 -45.38
CA LEU A 492 38.35 25.71 -44.84
C LEU A 492 37.87 24.55 -45.72
N VAL A 493 37.56 23.43 -45.09
CA VAL A 493 37.10 22.24 -45.80
C VAL A 493 35.79 21.80 -45.15
N VAL A 494 34.70 21.90 -45.89
CA VAL A 494 33.38 21.57 -45.35
C VAL A 494 33.15 20.07 -45.50
N LEU A 495 32.64 19.44 -44.44
CA LEU A 495 32.25 18.04 -44.49
C LEU A 495 30.73 17.94 -44.41
N PRO A 496 30.08 17.34 -45.40
CA PRO A 496 28.63 17.13 -45.31
C PRO A 496 28.31 15.90 -44.46
N LEU A 497 27.96 16.10 -43.19
CA LEU A 497 27.66 15.00 -42.30
C LEU A 497 26.15 14.75 -42.35
N SER A 498 25.76 13.62 -42.95
CA SER A 498 24.36 13.24 -43.04
C SER A 498 23.93 12.63 -41.70
N ILE A 499 23.06 13.33 -40.99
CA ILE A 499 22.64 12.92 -39.65
C ILE A 499 21.35 12.11 -39.76
N THR A 500 21.37 10.88 -39.24
CA THR A 500 20.23 9.98 -39.26
C THR A 500 19.82 9.69 -37.80
N THR A 501 18.88 8.75 -37.64
CA THR A 501 18.40 8.39 -36.31
C THR A 501 19.46 7.68 -35.47
N ASP A 502 20.62 7.36 -36.04
CA ASP A 502 21.67 6.70 -35.28
C ASP A 502 22.46 7.68 -34.44
N PHE A 503 22.58 8.94 -34.87
CA PHE A 503 23.37 9.91 -34.13
C PHE A 503 22.72 10.35 -32.83
N ILE A 504 21.48 9.95 -32.59
CA ILE A 504 20.84 10.22 -31.30
C ILE A 504 21.65 9.55 -30.19
N PRO A 505 21.82 10.18 -29.01
CA PRO A 505 21.41 11.53 -28.62
C PRO A 505 22.53 12.55 -28.69
N SER A 506 23.77 12.05 -28.71
CA SER A 506 24.94 12.91 -28.70
C SER A 506 26.10 12.11 -29.31
N PHE A 507 26.91 12.78 -30.13
CA PHE A 507 28.01 12.10 -30.79
C PHE A 507 29.26 12.98 -30.74
N ARG A 508 30.41 12.33 -30.73
CA ARG A 508 31.69 13.02 -30.77
C ARG A 508 32.38 12.74 -32.10
N LEU A 509 32.83 13.80 -32.76
CA LEU A 509 33.54 13.67 -34.02
C LEU A 509 35.03 13.86 -33.79
N VAL A 510 35.83 12.90 -34.25
CA VAL A 510 37.28 12.94 -34.10
C VAL A 510 37.88 13.09 -35.49
N ALA A 511 38.72 14.12 -35.68
CA ALA A 511 39.37 14.37 -36.96
C ALA A 511 40.87 14.50 -36.74
N TYR A 512 41.64 13.75 -37.52
CA TYR A 512 43.09 13.82 -37.39
C TYR A 512 43.74 13.64 -38.76
N TYR A 513 44.96 14.16 -38.87
CA TYR A 513 45.81 13.92 -40.03
C TYR A 513 47.23 13.67 -39.56
N THR A 514 47.90 12.74 -40.22
CA THR A 514 49.27 12.38 -39.91
C THR A 514 50.16 12.64 -41.12
N LEU A 515 51.42 13.00 -40.84
CA LEU A 515 52.36 13.34 -41.90
C LEU A 515 53.78 13.33 -41.35
N ILE A 516 54.74 13.36 -42.27
CA ILE A 516 56.14 13.52 -41.91
C ILE A 516 56.36 14.97 -41.49
N GLY A 517 56.84 15.17 -40.28
CA GLY A 517 56.85 16.49 -39.70
C GLY A 517 58.04 17.33 -40.14
N ALA A 518 57.91 18.65 -39.91
CA ALA A 518 59.00 19.56 -40.19
C ALA A 518 60.16 19.40 -39.20
N SER A 519 59.88 18.89 -38.00
CA SER A 519 60.92 18.57 -37.04
C SER A 519 61.61 17.24 -37.35
N GLY A 520 61.13 16.50 -38.34
CA GLY A 520 61.69 15.23 -38.73
C GLY A 520 60.95 14.02 -38.19
N GLN A 521 60.13 14.20 -37.16
CA GLN A 521 59.43 13.09 -36.52
C GLN A 521 58.05 12.91 -37.13
N ARG A 522 57.33 11.91 -36.64
CA ARG A 522 55.96 11.66 -37.07
C ARG A 522 55.02 12.66 -36.41
N GLU A 523 54.22 13.35 -37.21
CA GLU A 523 53.28 14.34 -36.71
C GLU A 523 51.86 13.84 -36.86
N VAL A 524 51.12 13.84 -35.76
CA VAL A 524 49.72 13.44 -35.73
C VAL A 524 48.95 14.61 -35.12
N VAL A 525 48.32 15.42 -35.95
CA VAL A 525 47.51 16.53 -35.48
C VAL A 525 46.07 16.07 -35.39
N ALA A 526 45.42 16.36 -34.27
CA ALA A 526 44.08 15.84 -34.03
C ALA A 526 43.25 16.84 -33.26
N ASP A 527 41.93 16.76 -33.44
CA ASP A 527 40.98 17.54 -32.66
C ASP A 527 39.62 16.86 -32.74
N SER A 528 38.83 17.03 -31.69
CA SER A 528 37.52 16.41 -31.60
C SER A 528 36.45 17.49 -31.38
N VAL A 529 35.21 17.03 -31.24
CA VAL A 529 34.10 17.93 -30.95
C VAL A 529 32.94 17.12 -30.40
N TRP A 530 32.27 17.66 -29.38
CA TRP A 530 31.07 17.05 -28.80
C TRP A 530 29.86 17.77 -29.37
N VAL A 531 29.05 17.06 -30.16
CA VAL A 531 27.87 17.61 -30.80
C VAL A 531 26.64 16.95 -30.19
N ASP A 532 25.70 17.76 -29.71
CA ASP A 532 24.52 17.27 -29.02
C ASP A 532 23.32 17.34 -29.96
N VAL A 533 22.75 16.17 -30.25
CA VAL A 533 21.53 16.08 -31.04
C VAL A 533 20.33 16.18 -30.10
N LYS A 534 19.19 16.61 -30.66
CA LYS A 534 17.97 16.70 -29.87
C LYS A 534 17.61 15.34 -29.28
N ASP A 535 17.43 15.31 -27.96
CA ASP A 535 17.22 14.06 -27.23
C ASP A 535 15.75 13.66 -27.33
N SER A 536 15.42 12.96 -28.41
CA SER A 536 14.08 12.45 -28.67
C SER A 536 14.17 10.97 -28.99
N CYS A 537 13.01 10.36 -29.24
CA CYS A 537 12.97 8.92 -29.51
C CYS A 537 13.64 8.59 -30.83
N VAL A 538 14.34 7.45 -30.85
CA VAL A 538 14.77 6.89 -32.12
C VAL A 538 13.56 6.49 -32.96
N GLY A 539 12.53 5.97 -32.30
CA GLY A 539 11.25 5.75 -32.94
C GLY A 539 10.29 6.89 -32.62
N SER A 540 9.05 6.56 -32.31
CA SER A 540 8.04 7.56 -32.00
C SER A 540 6.81 6.87 -31.45
N LEU A 541 6.21 7.46 -30.42
CA LEU A 541 4.96 6.94 -29.88
C LEU A 541 4.26 8.03 -29.09
N VAL A 542 2.96 8.22 -29.37
CA VAL A 542 2.10 9.08 -28.58
C VAL A 542 0.79 8.34 -28.32
N VAL A 543 0.04 8.83 -27.35
CA VAL A 543 -1.25 8.26 -27.01
C VAL A 543 -2.26 9.40 -26.94
N LYS A 544 -3.29 9.33 -27.78
CA LYS A 544 -4.28 10.39 -27.86
C LYS A 544 -5.68 9.80 -27.76
N SER A 545 -6.68 10.69 -27.72
CA SER A 545 -8.07 10.30 -27.56
C SER A 545 -8.63 9.73 -28.86
N GLY A 546 -9.92 9.42 -28.84
CA GLY A 546 -10.53 8.74 -29.97
C GLY A 546 -11.17 9.67 -30.99
N GLN A 547 -12.49 9.62 -31.09
CA GLN A 547 -13.17 10.15 -32.27
C GLN A 547 -13.13 11.68 -32.31
N SER A 548 -13.61 12.35 -31.25
CA SER A 548 -13.82 13.80 -31.37
C SER A 548 -13.77 14.47 -29.98
N GLU A 549 -12.56 14.58 -29.43
CA GLU A 549 -12.35 15.18 -28.11
C GLU A 549 -13.40 14.67 -27.12
N ASP A 550 -13.26 13.42 -26.70
CA ASP A 550 -14.18 12.87 -25.72
C ASP A 550 -14.09 13.70 -24.45
N ARG A 551 -15.07 14.58 -24.24
CA ARG A 551 -14.99 15.63 -23.25
C ARG A 551 -15.25 15.12 -21.85
N GLN A 552 -14.33 15.43 -20.92
CA GLN A 552 -14.38 15.15 -19.48
C GLN A 552 -15.15 13.86 -19.21
N PRO A 553 -14.63 12.72 -19.64
CA PRO A 553 -15.42 11.48 -19.63
C PRO A 553 -15.91 11.13 -18.23
N VAL A 554 -17.09 10.51 -18.18
CA VAL A 554 -17.72 10.14 -16.92
C VAL A 554 -17.26 8.74 -16.54
N PRO A 555 -17.29 8.37 -15.25
CA PRO A 555 -16.82 7.04 -14.84
C PRO A 555 -17.59 5.93 -15.53
N GLY A 556 -16.85 4.94 -16.03
CA GLY A 556 -17.43 3.80 -16.71
C GLY A 556 -17.58 3.95 -18.21
N GLN A 557 -17.29 5.12 -18.77
CA GLN A 557 -17.50 5.34 -20.20
C GLN A 557 -16.45 4.60 -21.02
N GLN A 558 -16.88 4.08 -22.17
CA GLN A 558 -15.98 3.41 -23.10
C GLN A 558 -15.43 4.46 -24.06
N MET A 559 -14.21 4.92 -23.80
CA MET A 559 -13.56 5.89 -24.66
C MET A 559 -12.52 5.19 -25.53
N THR A 560 -12.49 5.57 -26.80
CA THR A 560 -11.51 5.01 -27.72
C THR A 560 -10.13 5.61 -27.46
N LEU A 561 -9.13 4.74 -27.34
CA LEU A 561 -7.76 5.16 -27.09
C LEU A 561 -6.92 4.90 -28.33
N LYS A 562 -6.28 5.95 -28.86
CA LYS A 562 -5.47 5.86 -30.06
C LYS A 562 -4.00 5.78 -29.66
N ILE A 563 -3.33 4.73 -30.12
CA ILE A 563 -1.91 4.49 -29.84
C ILE A 563 -1.14 4.65 -31.14
N GLU A 564 -0.08 5.47 -31.11
CA GLU A 564 0.72 5.79 -32.29
C GLU A 564 2.16 5.37 -32.01
N GLY A 565 2.53 4.19 -32.48
CA GLY A 565 3.88 3.69 -32.27
C GLY A 565 4.53 3.21 -33.55
N ASP A 566 5.61 2.44 -33.42
CA ASP A 566 6.32 1.92 -34.57
C ASP A 566 5.77 0.57 -34.99
N HIS A 567 6.08 0.18 -36.22
CA HIS A 567 5.64 -1.11 -36.74
C HIS A 567 6.44 -2.24 -36.12
N GLY A 568 5.74 -3.28 -35.69
CA GLY A 568 6.38 -4.44 -35.10
C GLY A 568 7.02 -4.13 -33.76
N ALA A 569 6.20 -3.72 -32.79
CA ALA A 569 6.71 -3.33 -31.48
C ALA A 569 5.63 -3.55 -30.44
N ARG A 570 6.00 -4.17 -29.33
CA ARG A 570 5.09 -4.31 -28.20
C ARG A 570 4.99 -2.98 -27.46
N VAL A 571 3.78 -2.67 -26.99
CA VAL A 571 3.51 -1.44 -26.27
C VAL A 571 2.91 -1.82 -24.92
N VAL A 572 3.55 -1.40 -23.84
CA VAL A 572 3.09 -1.67 -22.49
C VAL A 572 2.44 -0.40 -21.94
N LEU A 573 1.31 -0.56 -21.26
CA LEU A 573 0.57 0.57 -20.72
C LEU A 573 0.33 0.38 -19.24
N VAL A 574 0.11 1.50 -18.55
CA VAL A 574 -0.20 1.50 -17.12
C VAL A 574 -0.89 2.80 -16.75
N ALA A 575 -2.11 2.71 -16.23
CA ALA A 575 -2.91 3.88 -15.88
C ALA A 575 -2.75 4.13 -14.39
N VAL A 576 -2.05 5.20 -14.04
CA VAL A 576 -1.86 5.58 -12.65
C VAL A 576 -2.53 6.92 -12.42
N ASP A 577 -2.82 7.20 -11.15
CA ASP A 577 -3.43 8.46 -10.79
C ASP A 577 -2.44 9.61 -10.94
N LYS A 578 -2.96 10.78 -11.32
CA LYS A 578 -2.13 11.97 -11.41
C LYS A 578 -1.51 12.30 -10.06
N GLY A 579 -2.25 12.05 -8.97
CA GLY A 579 -1.79 12.39 -7.64
C GLY A 579 -0.55 11.64 -7.19
N VAL A 580 -0.23 10.52 -7.85
CA VAL A 580 1.01 9.81 -7.58
C VAL A 580 2.07 10.07 -8.64
N PHE A 581 1.68 10.36 -9.88
CA PHE A 581 2.65 10.69 -10.91
C PHE A 581 3.31 12.04 -10.65
N VAL A 582 2.61 12.94 -9.96
CA VAL A 582 3.13 14.30 -9.80
C VAL A 582 4.18 14.37 -8.69
N LEU A 583 4.00 13.60 -7.63
CA LEU A 583 4.81 13.77 -6.43
C LEU A 583 5.95 12.77 -6.33
N ASN A 584 6.28 12.06 -7.40
CA ASN A 584 7.29 11.02 -7.33
C ASN A 584 8.72 11.57 -7.33
N LYS A 585 8.92 12.81 -6.89
CA LYS A 585 10.23 13.47 -6.87
C LYS A 585 10.75 13.46 -8.31
N LYS A 586 11.97 12.97 -8.56
CA LYS A 586 12.50 12.84 -9.91
C LYS A 586 12.62 11.39 -10.35
N ASN A 587 11.95 10.48 -9.63
CA ASN A 587 12.03 9.05 -9.91
C ASN A 587 11.13 8.62 -11.06
N LYS A 588 10.74 9.54 -11.93
CA LYS A 588 9.94 9.20 -13.10
C LYS A 588 10.73 8.32 -14.06
N LEU A 589 10.03 7.72 -15.01
CA LEU A 589 10.63 7.00 -16.12
C LEU A 589 10.30 7.76 -17.40
N THR A 590 11.23 8.61 -17.84
CA THR A 590 11.05 9.42 -19.03
C THR A 590 12.11 9.06 -20.06
N GLN A 591 11.90 9.54 -21.29
CA GLN A 591 12.92 9.38 -22.33
C GLN A 591 14.18 10.15 -21.96
N SER A 592 14.02 11.30 -21.32
CA SER A 592 15.17 12.10 -20.92
C SER A 592 16.01 11.39 -19.87
N LYS A 593 15.37 10.61 -18.98
CA LYS A 593 16.14 9.82 -18.03
C LYS A 593 16.97 8.75 -18.75
N ILE A 594 16.41 8.13 -19.78
CA ILE A 594 17.14 7.14 -20.56
C ILE A 594 18.37 7.77 -21.23
N TRP A 595 18.15 8.89 -21.92
CA TRP A 595 19.28 9.54 -22.58
C TRP A 595 20.30 10.05 -21.58
N ASP A 596 19.85 10.50 -20.41
CA ASP A 596 20.77 10.94 -19.37
C ASP A 596 21.60 9.77 -18.86
N VAL A 597 21.00 8.59 -18.74
CA VAL A 597 21.75 7.41 -18.31
C VAL A 597 22.77 7.02 -19.38
N VAL A 598 22.37 7.08 -20.66
CA VAL A 598 23.30 6.70 -21.73
C VAL A 598 24.47 7.67 -21.79
N GLU A 599 24.20 8.97 -21.64
CA GLU A 599 25.28 9.96 -21.67
C GLU A 599 26.11 9.92 -20.40
N LYS A 600 25.54 9.45 -19.30
CA LYS A 600 26.32 9.33 -18.07
C LYS A 600 27.36 8.22 -18.17
N ALA A 601 27.11 7.21 -19.01
CA ALA A 601 28.05 6.13 -19.24
C ALA A 601 28.90 6.37 -20.48
N ASP A 602 29.10 7.63 -20.87
CA ASP A 602 29.94 7.94 -22.01
C ASP A 602 31.41 7.82 -21.64
N ILE A 603 32.22 7.32 -22.58
CA ILE A 603 33.63 7.08 -22.28
C ILE A 603 34.40 8.39 -22.25
N GLY A 604 34.13 9.28 -23.19
CA GLY A 604 34.84 10.55 -23.24
C GLY A 604 34.49 11.43 -22.05
N CYS A 605 35.49 12.16 -21.55
CA CYS A 605 35.32 13.00 -20.37
C CYS A 605 35.35 14.49 -20.68
N THR A 606 36.02 14.91 -21.77
CA THR A 606 36.22 16.31 -22.15
C THR A 606 35.47 16.63 -23.42
N PRO A 607 34.87 17.82 -23.54
CA PRO A 607 34.09 18.17 -24.73
C PRO A 607 34.79 17.95 -26.07
N GLY A 608 35.86 18.69 -26.37
CA GLY A 608 36.37 18.63 -27.72
C GLY A 608 37.86 18.79 -27.97
N SER A 609 38.71 18.58 -26.96
CA SER A 609 40.15 18.68 -27.19
C SER A 609 40.87 17.87 -26.12
N GLY A 610 42.20 17.82 -26.24
CA GLY A 610 43.02 17.08 -25.32
C GLY A 610 44.21 17.90 -24.85
N LYS A 611 44.87 17.39 -23.81
CA LYS A 611 46.02 18.08 -23.22
C LYS A 611 47.20 18.15 -24.18
N ASP A 612 47.37 17.13 -25.02
CA ASP A 612 48.45 17.11 -26.00
C ASP A 612 47.90 16.46 -27.27
N TYR A 613 48.79 15.98 -28.13
CA TYR A 613 48.35 15.40 -29.39
C TYR A 613 47.61 14.08 -29.20
N ALA A 614 47.99 13.31 -28.18
CA ALA A 614 47.32 12.05 -27.88
C ALA A 614 46.19 12.20 -26.88
N GLY A 615 46.18 13.29 -26.12
CA GLY A 615 45.11 13.53 -25.18
C GLY A 615 43.77 13.79 -25.84
N VAL A 616 43.77 14.13 -27.14
CA VAL A 616 42.51 14.32 -27.85
C VAL A 616 41.79 12.99 -28.01
N PHE A 617 42.52 11.94 -28.41
CA PHE A 617 41.92 10.62 -28.54
C PHE A 617 41.44 10.08 -27.20
N SER A 618 42.24 10.26 -26.15
CA SER A 618 41.84 9.77 -24.83
C SER A 618 40.63 10.53 -24.30
N ASP A 619 40.63 11.85 -24.43
CA ASP A 619 39.48 12.64 -24.01
C ASP A 619 38.24 12.38 -24.87
N ALA A 620 38.43 11.89 -26.09
CA ALA A 620 37.30 11.53 -26.95
C ALA A 620 36.83 10.10 -26.74
N GLY A 621 37.56 9.29 -25.99
CA GLY A 621 37.19 7.91 -25.77
C GLY A 621 37.74 6.99 -26.83
N LEU A 622 39.00 7.20 -27.22
CA LEU A 622 39.66 6.39 -28.23
C LEU A 622 41.09 6.14 -27.82
N THR A 623 41.57 4.92 -28.04
CA THR A 623 42.98 4.62 -27.91
C THR A 623 43.59 4.62 -29.30
N PHE A 624 44.60 5.47 -29.45
CA PHE A 624 45.38 5.67 -30.66
C PHE A 624 46.77 5.11 -30.44
N THR A 625 47.22 4.24 -31.34
CA THR A 625 48.55 3.68 -31.30
C THR A 625 49.04 3.56 -32.74
N SER A 626 50.35 3.53 -32.93
CA SER A 626 50.91 3.48 -34.27
C SER A 626 52.07 2.50 -34.32
N SER A 627 52.50 2.19 -35.53
CA SER A 627 53.72 1.42 -35.72
C SER A 627 54.96 2.30 -35.72
N SER A 628 54.79 3.62 -35.74
CA SER A 628 55.91 4.56 -35.72
C SER A 628 56.27 5.02 -34.32
N GLY A 629 55.50 4.63 -33.31
CA GLY A 629 55.81 4.95 -31.93
C GLY A 629 54.92 5.98 -31.26
N GLN A 630 53.78 6.32 -31.86
CA GLN A 630 52.85 7.28 -31.28
C GLN A 630 51.69 6.54 -30.64
N GLN A 631 51.40 6.86 -29.38
CA GLN A 631 50.36 6.17 -28.64
C GLN A 631 49.84 7.09 -27.53
N THR A 632 48.74 6.67 -26.92
CA THR A 632 48.16 7.36 -25.78
C THR A 632 48.63 6.72 -24.48
N ALA A 633 48.39 7.45 -23.38
CA ALA A 633 48.67 6.91 -22.06
C ALA A 633 47.51 6.04 -21.62
N GLN A 634 47.77 4.75 -21.39
CA GLN A 634 46.71 3.82 -21.05
C GLN A 634 46.02 4.22 -19.76
N ARG A 635 44.71 4.00 -19.70
CA ARG A 635 43.91 4.35 -18.53
C ARG A 635 43.61 3.11 -17.70
N ALA A 636 43.65 3.26 -16.39
CA ALA A 636 43.17 2.26 -15.45
C ALA A 636 41.92 2.73 -14.72
N GLU A 637 41.27 3.78 -15.23
CA GLU A 637 40.13 4.41 -14.58
C GLU A 637 38.88 4.12 -15.39
N LEU A 638 37.99 3.30 -14.84
CA LEU A 638 36.70 3.07 -15.48
C LEU A 638 35.79 4.28 -15.35
N GLN A 639 36.05 5.15 -14.37
CA GLN A 639 35.31 6.39 -14.20
C GLN A 639 36.24 7.57 -14.51
N CYS A 640 35.68 8.58 -15.18
CA CYS A 640 36.46 9.77 -15.52
C CYS A 640 36.91 10.49 -14.25
N PRO A 641 38.10 11.10 -14.26
CA PRO A 641 38.54 11.90 -13.11
C PRO A 641 37.64 13.10 -12.88
N GLN A 642 36.89 13.09 -11.78
CA GLN A 642 35.97 14.19 -11.50
C GLN A 642 36.77 15.42 -11.05
N PRO A 643 36.53 16.60 -11.65
CA PRO A 643 37.20 17.84 -11.28
C PRO A 643 36.68 18.44 -9.98
N VAL B 2 -2.58 36.00 22.38
CA VAL B 2 -2.49 34.86 23.28
C VAL B 2 -2.96 33.58 22.58
N GLN B 3 -2.34 33.28 21.44
CA GLN B 3 -2.62 32.03 20.73
C GLN B 3 -2.06 30.82 21.48
N LEU B 4 -1.05 31.03 22.32
CA LEU B 4 -0.41 30.03 23.19
C LEU B 4 0.06 28.77 22.44
N THR B 5 -0.04 28.76 21.12
CA THR B 5 0.62 27.73 20.33
C THR B 5 2.02 28.18 19.92
N GLU B 6 2.11 29.43 19.44
CA GLU B 6 3.41 29.99 19.08
C GLU B 6 4.33 30.11 20.30
N LYS B 7 3.75 30.27 21.49
CA LYS B 7 4.56 30.23 22.71
C LYS B 7 5.17 28.85 22.90
N ARG B 8 4.38 27.81 22.71
CA ARG B 8 4.86 26.44 22.89
C ARG B 8 5.99 26.12 21.91
N MET B 9 5.76 26.35 20.62
CA MET B 9 6.77 26.04 19.62
C MET B 9 8.00 26.95 19.76
N ASP B 10 7.78 28.21 20.13
CA ASP B 10 8.89 29.12 20.36
C ASP B 10 9.77 28.64 21.51
N LYS B 11 9.16 28.05 22.54
CA LYS B 11 9.95 27.48 23.63
C LYS B 11 10.60 26.16 23.24
N VAL B 12 9.95 25.39 22.36
CA VAL B 12 10.58 24.15 21.87
C VAL B 12 11.82 24.46 21.06
N GLY B 13 11.82 25.58 20.32
CA GLY B 13 12.95 25.94 19.48
C GLY B 13 14.20 26.39 20.21
N LYS B 14 14.20 26.31 21.54
CA LYS B 14 15.34 26.74 22.34
C LYS B 14 16.05 25.58 23.03
N TYR B 15 15.80 24.35 22.60
CA TYR B 15 16.49 23.16 23.08
C TYR B 15 17.39 22.59 22.00
N PRO B 16 18.44 21.84 22.38
CA PRO B 16 19.31 21.24 21.36
C PRO B 16 18.51 20.35 20.41
N LYS B 17 18.93 20.34 19.14
CA LYS B 17 18.17 19.62 18.12
C LYS B 17 18.03 18.14 18.46
N GLU B 18 19.06 17.56 19.05
CA GLU B 18 18.96 16.22 19.61
C GLU B 18 18.41 16.31 21.03
N LEU B 19 17.59 15.31 21.40
CA LEU B 19 16.86 15.32 22.66
C LEU B 19 15.91 16.52 22.74
N ARG B 20 15.28 16.85 21.60
CA ARG B 20 14.33 17.95 21.53
C ARG B 20 12.88 17.48 21.48
N LYS B 21 12.65 16.20 21.16
CA LYS B 21 11.29 15.67 21.11
C LYS B 21 10.64 15.58 22.48
N CYS B 22 11.44 15.54 23.54
CA CYS B 22 10.90 15.30 24.89
C CYS B 22 10.11 16.51 25.38
N CYS B 23 10.57 17.72 25.09
CA CYS B 23 9.79 18.90 25.41
C CYS B 23 8.52 18.96 24.57
N GLU B 24 8.58 18.51 23.31
CA GLU B 24 7.39 18.47 22.46
C GLU B 24 6.33 17.54 23.05
N ASP B 25 6.73 16.31 23.42
CA ASP B 25 5.80 15.39 24.05
C ASP B 25 5.39 15.85 25.45
N GLY B 26 6.21 16.69 26.10
CA GLY B 26 5.83 17.24 27.39
C GLY B 26 4.77 18.32 27.30
N MET B 27 4.78 19.11 26.22
CA MET B 27 3.77 20.14 26.01
C MET B 27 2.41 19.55 25.68
N ARG B 28 2.32 18.26 25.40
CA ARG B 28 1.09 17.66 24.91
C ARG B 28 0.07 17.49 26.03
N GLU B 29 -1.19 17.74 25.70
CA GLU B 29 -2.30 17.38 26.58
C GLU B 29 -2.37 15.86 26.69
N ASN B 30 -2.12 15.33 27.88
CA ASN B 30 -2.23 13.90 28.08
C ASN B 30 -3.69 13.52 28.29
N PRO B 31 -4.30 12.71 27.40
CA PRO B 31 -5.71 12.36 27.61
C PRO B 31 -5.96 11.63 28.93
N MET B 32 -5.16 10.61 29.23
CA MET B 32 -5.12 10.10 30.59
C MET B 32 -4.44 11.16 31.46
N ARG B 33 -5.24 12.06 32.02
CA ARG B 33 -4.71 13.28 32.65
C ARG B 33 -3.94 12.91 33.92
N PHE B 34 -2.73 12.39 33.72
CA PHE B 34 -1.79 12.17 34.80
C PHE B 34 -0.94 13.42 34.98
N SER B 35 -0.61 13.74 36.23
CA SER B 35 0.25 14.88 36.50
C SER B 35 1.65 14.64 35.91
N CYS B 36 2.44 15.71 35.89
CA CYS B 36 3.81 15.63 35.37
C CYS B 36 4.60 14.53 36.06
N GLN B 37 4.56 14.50 37.39
CA GLN B 37 5.38 13.57 38.15
C GLN B 37 4.91 12.12 38.01
N ARG B 38 3.67 11.90 37.57
CA ARG B 38 3.23 10.55 37.28
C ARG B 38 3.50 10.14 35.85
N ARG B 39 3.66 11.10 34.93
CA ARG B 39 4.06 10.78 33.57
C ARG B 39 5.55 10.53 33.47
N THR B 40 6.35 11.26 34.25
CA THR B 40 7.79 11.03 34.30
C THR B 40 8.15 9.67 34.88
N ARG B 41 7.17 8.91 35.34
CA ARG B 41 7.39 7.53 35.78
C ARG B 41 7.44 6.58 34.60
N PHE B 42 6.79 6.93 33.49
CA PHE B 42 6.70 6.04 32.33
C PHE B 42 7.68 6.39 31.22
N ILE B 43 8.37 7.52 31.30
CA ILE B 43 9.39 7.84 30.31
C ILE B 43 10.56 6.87 30.48
N SER B 44 11.10 6.39 29.36
CA SER B 44 12.00 5.23 29.37
C SER B 44 13.46 5.62 29.56
N LEU B 45 14.09 6.17 28.52
CA LEU B 45 15.54 6.28 28.46
C LEU B 45 16.08 7.69 28.66
N GLY B 46 15.24 8.72 28.60
CA GLY B 46 15.75 10.07 28.66
C GLY B 46 16.08 10.58 30.05
N GLU B 47 17.36 10.52 30.43
CA GLU B 47 17.77 11.03 31.74
C GLU B 47 17.65 12.56 31.79
N ALA B 48 18.33 13.26 30.88
CA ALA B 48 18.12 14.69 30.73
C ALA B 48 16.74 14.99 30.15
N CYS B 49 16.20 14.06 29.38
CA CYS B 49 14.85 14.22 28.86
C CYS B 49 13.82 14.30 29.98
N LYS B 50 13.98 13.51 31.05
CA LYS B 50 12.99 13.57 32.13
C LYS B 50 12.85 14.97 32.68
N LYS B 51 13.99 15.58 33.05
CA LYS B 51 13.96 16.96 33.51
C LYS B 51 13.35 17.88 32.46
N VAL B 52 13.70 17.67 31.19
CA VAL B 52 13.18 18.55 30.14
C VAL B 52 11.66 18.38 29.99
N PHE B 53 11.21 17.12 30.04
CA PHE B 53 9.81 16.77 29.95
C PHE B 53 9.03 17.40 31.08
N LEU B 54 9.59 17.37 32.28
CA LEU B 54 9.01 18.00 33.46
C LEU B 54 8.99 19.52 33.35
N ASP B 55 10.08 20.10 32.87
CA ASP B 55 10.19 21.55 32.70
C ASP B 55 9.10 22.07 31.76
N CYS B 56 9.02 21.50 30.55
CA CYS B 56 8.02 21.93 29.59
C CYS B 56 6.59 21.54 30.00
N CYS B 57 6.38 20.35 30.56
CA CYS B 57 5.05 19.99 31.02
C CYS B 57 4.56 20.97 32.07
N ASN B 58 5.38 21.21 33.11
CA ASN B 58 5.00 22.17 34.13
C ASN B 58 4.70 23.54 33.52
N TYR B 59 5.59 24.04 32.66
CA TYR B 59 5.36 25.27 31.90
C TYR B 59 3.96 25.36 31.29
N ILE B 60 3.69 24.55 30.26
CA ILE B 60 2.44 24.73 29.52
C ILE B 60 1.24 24.44 30.42
N THR B 61 1.40 23.56 31.42
CA THR B 61 0.29 23.25 32.30
C THR B 61 -0.13 24.46 33.11
N GLU B 62 0.83 25.27 33.56
CA GLU B 62 0.41 26.47 34.27
C GLU B 62 0.09 27.62 33.32
N LEU B 63 0.44 27.51 32.03
CA LEU B 63 -0.11 28.45 31.05
C LEU B 63 -1.52 28.07 30.61
N ARG B 64 -1.96 26.85 30.91
CA ARG B 64 -3.32 26.41 30.64
C ARG B 64 -4.28 26.77 31.76
N ARG B 65 -3.74 27.07 32.95
CA ARG B 65 -4.53 27.51 34.09
C ARG B 65 -5.14 28.89 33.88
N GLN B 66 -4.85 29.55 32.76
CA GLN B 66 -5.45 30.83 32.41
C GLN B 66 -6.35 30.68 31.20
N HIS B 67 -7.09 31.74 30.91
CA HIS B 67 -8.00 31.80 29.76
C HIS B 67 -9.04 30.67 29.82
N ALA B 68 -9.71 30.57 30.97
CA ALA B 68 -10.76 29.57 31.20
C ALA B 68 -10.27 28.15 30.90
N LEU B 80 -12.55 28.25 20.45
CA LEU B 80 -11.86 29.27 19.66
C LEU B 80 -10.36 29.20 19.91
N ASP B 81 -9.97 28.84 21.13
CA ASP B 81 -8.56 28.77 21.48
C ASP B 81 -7.88 27.59 20.80
N GLU B 82 -6.64 27.79 20.36
CA GLU B 82 -5.87 26.77 19.66
C GLU B 82 -4.81 26.23 20.61
N ASP B 83 -4.89 24.93 20.90
CA ASP B 83 -3.95 24.27 21.81
C ASP B 83 -3.51 22.93 21.21
N ILE B 84 -2.95 23.00 20.00
CA ILE B 84 -2.43 21.84 19.30
C ILE B 84 -1.01 22.14 18.85
N ILE B 85 -0.16 21.12 18.85
CA ILE B 85 1.24 21.29 18.52
C ILE B 85 1.42 21.23 17.00
N ALA B 86 2.16 22.20 16.46
CA ALA B 86 2.47 22.25 15.03
C ALA B 86 3.82 21.57 14.82
N GLU B 87 3.80 20.31 14.39
CA GLU B 87 5.01 19.52 14.22
C GLU B 87 5.58 19.70 12.82
N GLU B 88 6.64 18.95 12.52
CA GLU B 88 7.34 19.08 11.24
C GLU B 88 7.73 17.70 10.73
N ASN B 89 8.34 17.69 9.54
CA ASN B 89 8.85 16.51 8.85
C ASN B 89 7.87 15.32 8.91
N ILE B 90 6.68 15.54 8.36
CA ILE B 90 5.69 14.49 8.19
C ILE B 90 5.00 14.68 6.85
N VAL B 91 5.00 13.65 6.02
CA VAL B 91 4.31 13.67 4.73
C VAL B 91 2.85 13.30 4.96
N SER B 92 1.95 13.91 4.19
CA SER B 92 0.52 13.82 4.47
C SER B 92 -0.15 12.61 3.83
N ARG B 93 -0.39 12.66 2.52
CA ARG B 93 -1.34 11.76 1.89
C ARG B 93 -0.68 10.47 1.41
N SER B 94 -1.46 9.39 1.46
CA SER B 94 -1.14 8.13 0.80
C SER B 94 -2.45 7.58 0.24
N GLU B 95 -2.48 6.28 -0.06
CA GLU B 95 -3.65 5.60 -0.60
C GLU B 95 -4.20 6.31 -1.83
N PHE B 96 -3.47 6.16 -2.90
CA PHE B 96 -3.99 6.69 -4.15
C PHE B 96 -4.74 5.60 -4.90
N PRO B 97 -5.68 5.98 -5.76
CA PRO B 97 -6.47 4.97 -6.50
C PRO B 97 -5.57 3.93 -7.15
N GLU B 98 -6.03 2.68 -7.10
CA GLU B 98 -5.23 1.57 -7.58
C GLU B 98 -5.05 1.65 -9.09
N SER B 99 -3.83 1.37 -9.54
CA SER B 99 -3.51 1.41 -10.96
C SER B 99 -4.30 0.36 -11.73
N TRP B 100 -4.52 0.61 -13.01
CA TRP B 100 -5.22 -0.33 -13.87
C TRP B 100 -4.64 -0.22 -15.27
N LEU B 101 -5.25 -0.96 -16.21
CA LEU B 101 -4.79 -1.01 -17.59
C LEU B 101 -3.32 -1.44 -17.66
N TRP B 102 -3.06 -2.62 -17.12
CA TRP B 102 -1.72 -3.19 -17.08
C TRP B 102 -1.72 -4.40 -18.01
N ASN B 103 -1.41 -4.15 -19.27
CA ASN B 103 -1.42 -5.22 -20.26
C ASN B 103 -0.37 -4.92 -21.33
N VAL B 104 0.09 -5.98 -21.98
CA VAL B 104 1.13 -5.88 -23.01
C VAL B 104 0.46 -6.17 -24.35
N GLU B 105 0.29 -5.13 -25.15
CA GLU B 105 -0.23 -5.24 -26.51
C GLU B 105 0.86 -4.82 -27.49
N ASP B 106 0.66 -5.19 -28.76
CA ASP B 106 1.65 -4.89 -29.78
C ASP B 106 0.96 -4.38 -31.04
N LEU B 107 1.74 -3.71 -31.88
CA LEU B 107 1.26 -3.14 -33.14
C LEU B 107 1.76 -4.01 -34.28
N LYS B 108 0.83 -4.57 -35.06
CA LYS B 108 1.19 -5.39 -36.21
C LYS B 108 0.16 -5.15 -37.32
N GLU B 109 0.14 -3.92 -37.84
CA GLU B 109 -0.61 -3.56 -39.03
C GLU B 109 0.30 -2.71 -39.91
N PRO B 110 0.08 -2.71 -41.21
CA PRO B 110 0.98 -1.96 -42.12
C PRO B 110 1.11 -0.51 -41.70
N PRO B 111 2.32 0.02 -41.66
CA PRO B 111 2.53 1.40 -41.22
C PRO B 111 2.13 2.41 -42.29
N LYS B 112 1.81 3.62 -41.82
CA LYS B 112 1.49 4.75 -42.68
C LYS B 112 2.54 5.82 -42.43
N ASN B 113 3.45 6.00 -43.40
CA ASN B 113 4.62 6.87 -43.25
C ASN B 113 5.52 6.37 -42.13
N GLY B 114 5.61 5.05 -41.98
CA GLY B 114 6.43 4.44 -40.96
C GLY B 114 5.87 4.48 -39.57
N ILE B 115 4.61 4.86 -39.39
CA ILE B 115 3.98 4.99 -38.09
C ILE B 115 2.74 4.10 -38.09
N SER B 116 2.78 3.01 -37.32
CA SER B 116 1.64 2.13 -37.19
C SER B 116 0.65 2.67 -36.18
N THR B 117 -0.63 2.37 -36.40
CA THR B 117 -1.73 2.90 -35.58
C THR B 117 -2.64 1.76 -35.16
N LYS B 118 -2.86 1.63 -33.84
CA LYS B 118 -3.74 0.61 -33.28
C LYS B 118 -4.69 1.27 -32.30
N LEU B 119 -5.98 0.98 -32.45
CA LEU B 119 -7.02 1.53 -31.59
C LEU B 119 -7.43 0.49 -30.56
N MET B 120 -7.41 0.89 -29.28
CA MET B 120 -7.74 0.00 -28.18
C MET B 120 -8.84 0.66 -27.35
N ASN B 121 -10.05 0.10 -27.39
CA ASN B 121 -11.17 0.63 -26.63
C ASN B 121 -11.14 0.08 -25.21
N ILE B 122 -11.20 0.99 -24.24
CA ILE B 122 -11.04 0.64 -22.83
C ILE B 122 -12.27 1.08 -22.05
N PHE B 123 -12.44 0.49 -20.88
CA PHE B 123 -13.50 0.85 -19.94
C PHE B 123 -12.87 1.61 -18.78
N LEU B 124 -13.38 2.81 -18.51
CA LEU B 124 -12.87 3.58 -17.39
C LEU B 124 -13.34 2.99 -16.06
N LYS B 125 -12.57 3.24 -15.01
CA LYS B 125 -12.95 2.80 -13.69
C LYS B 125 -13.95 3.79 -13.06
N ASP B 126 -14.65 3.30 -12.04
CA ASP B 126 -15.72 4.07 -11.40
C ASP B 126 -15.21 5.16 -10.47
N SER B 127 -13.94 5.51 -10.53
CA SER B 127 -13.35 6.49 -9.64
C SER B 127 -13.36 7.87 -10.28
N ILE B 128 -13.69 8.88 -9.48
CA ILE B 128 -13.62 10.27 -9.91
C ILE B 128 -12.20 10.75 -9.58
N THR B 129 -11.33 10.76 -10.59
CA THR B 129 -9.95 11.18 -10.43
C THR B 129 -9.38 11.42 -11.82
N THR B 130 -8.19 12.03 -11.86
CA THR B 130 -7.51 12.38 -13.11
C THR B 130 -6.47 11.30 -13.39
N TRP B 131 -6.83 10.34 -14.23
CA TRP B 131 -5.91 9.28 -14.60
C TRP B 131 -4.92 9.81 -15.63
N GLU B 132 -3.69 9.31 -15.61
CA GLU B 132 -2.71 9.72 -16.61
C GLU B 132 -2.06 8.48 -17.19
N ILE B 133 -2.50 8.06 -18.38
CA ILE B 133 -2.00 6.83 -18.95
C ILE B 133 -0.58 7.02 -19.44
N LEU B 134 0.32 6.14 -18.98
CA LEU B 134 1.72 6.13 -19.37
C LEU B 134 1.97 4.97 -20.32
N ALA B 135 2.74 5.22 -21.37
CA ALA B 135 3.00 4.24 -22.42
C ALA B 135 4.49 4.12 -22.66
N VAL B 136 4.92 2.90 -22.99
CA VAL B 136 6.31 2.61 -23.31
C VAL B 136 6.33 1.61 -24.47
N SER B 137 7.10 1.93 -25.50
CA SER B 137 7.26 1.03 -26.65
C SER B 137 8.64 0.42 -26.72
N MET B 138 8.68 -0.80 -27.25
CA MET B 138 9.88 -1.60 -27.45
C MET B 138 9.84 -2.20 -28.86
N SER B 139 10.65 -1.66 -29.77
CA SER B 139 10.77 -2.11 -31.14
C SER B 139 12.14 -2.73 -31.37
N ASP B 140 12.16 -3.93 -31.93
CA ASP B 140 13.39 -4.64 -32.26
C ASP B 140 14.08 -4.10 -33.50
N LYS B 141 13.82 -2.85 -33.87
CA LYS B 141 14.48 -2.21 -34.99
C LYS B 141 14.86 -0.79 -34.63
N LYS B 142 13.91 -0.02 -34.09
CA LYS B 142 14.12 1.37 -33.73
C LYS B 142 14.31 1.56 -32.23
N GLY B 143 14.43 0.49 -31.46
CA GLY B 143 14.80 0.62 -30.06
C GLY B 143 13.64 0.93 -29.13
N ILE B 144 13.85 1.78 -28.14
CA ILE B 144 12.84 2.01 -27.12
C ILE B 144 12.26 3.40 -27.29
N CYS B 145 11.06 3.61 -26.74
CA CYS B 145 10.52 4.97 -26.72
C CYS B 145 9.54 5.12 -25.58
N VAL B 146 9.86 5.99 -24.63
CA VAL B 146 8.97 6.34 -23.54
C VAL B 146 8.10 7.51 -23.96
N ALA B 147 6.79 7.36 -23.83
CA ALA B 147 5.84 8.34 -24.32
C ALA B 147 5.51 9.38 -23.25
N ASP B 148 4.82 10.43 -23.68
CA ASP B 148 4.29 11.43 -22.79
C ASP B 148 2.99 10.95 -22.16
N PRO B 149 2.68 11.42 -20.95
CA PRO B 149 1.42 11.00 -20.30
C PRO B 149 0.21 11.55 -21.02
N PHE B 150 -0.79 10.70 -21.24
CA PHE B 150 -2.07 11.15 -21.78
C PHE B 150 -3.01 11.31 -20.58
N GLU B 151 -3.31 12.57 -20.25
CA GLU B 151 -4.13 12.91 -19.11
C GLU B 151 -5.61 12.78 -19.47
N VAL B 152 -6.32 11.95 -18.70
CA VAL B 152 -7.74 11.70 -18.84
C VAL B 152 -8.39 12.17 -17.55
N THR B 153 -9.07 13.31 -17.60
CA THR B 153 -9.73 13.88 -16.43
C THR B 153 -11.15 13.33 -16.36
N VAL B 154 -11.31 12.21 -15.65
CA VAL B 154 -12.62 11.60 -15.47
C VAL B 154 -13.38 12.37 -14.40
N MET B 155 -14.55 12.89 -14.75
CA MET B 155 -15.29 13.76 -13.86
C MET B 155 -16.78 13.55 -14.04
N GLN B 156 -17.53 13.71 -12.96
CA GLN B 156 -18.97 13.65 -12.96
C GLN B 156 -19.48 14.77 -12.06
N ASP B 157 -20.43 15.56 -12.57
CA ASP B 157 -20.88 16.74 -11.83
C ASP B 157 -21.93 16.44 -10.77
N PHE B 158 -22.61 15.30 -10.85
CA PHE B 158 -23.60 14.91 -9.84
C PHE B 158 -23.18 13.58 -9.26
N PHE B 159 -22.73 13.56 -8.00
CA PHE B 159 -22.29 12.29 -7.43
C PHE B 159 -22.91 12.10 -6.06
N ILE B 160 -23.48 10.93 -5.82
CA ILE B 160 -24.19 10.63 -4.58
C ILE B 160 -23.35 9.64 -3.78
N ASP B 161 -23.13 9.97 -2.51
CA ASP B 161 -22.31 9.21 -1.58
C ASP B 161 -23.17 8.76 -0.41
N LEU B 162 -23.20 7.47 -0.13
CA LEU B 162 -24.03 6.94 0.96
C LEU B 162 -23.16 6.61 2.16
N ARG B 163 -23.41 7.27 3.28
CA ARG B 163 -22.63 7.10 4.51
C ARG B 163 -23.42 6.23 5.48
N LEU B 164 -22.94 5.01 5.68
CA LEU B 164 -23.46 4.02 6.61
C LEU B 164 -22.32 3.43 7.42
N PRO B 165 -22.58 3.06 8.69
CA PRO B 165 -21.53 2.56 9.58
C PRO B 165 -20.97 1.21 9.16
N TYR B 166 -19.95 0.75 9.89
CA TYR B 166 -19.29 -0.50 9.54
C TYR B 166 -20.22 -1.69 9.72
N SER B 167 -20.94 -1.72 10.84
CA SER B 167 -21.90 -2.78 11.10
C SER B 167 -22.87 -2.30 12.15
N VAL B 168 -24.13 -2.70 12.03
CA VAL B 168 -25.19 -2.29 12.95
C VAL B 168 -25.74 -3.52 13.63
N VAL B 169 -25.82 -3.45 14.96
CA VAL B 169 -26.41 -4.52 15.76
C VAL B 169 -27.93 -4.42 15.69
N ARG B 170 -28.59 -5.57 15.62
CA ARG B 170 -30.03 -5.62 15.41
C ARG B 170 -30.78 -4.80 16.46
N ASN B 171 -31.88 -4.19 16.03
CA ASN B 171 -32.80 -3.45 16.89
C ASN B 171 -32.17 -2.17 17.45
N GLU B 172 -31.22 -1.58 16.72
CA GLU B 172 -30.62 -0.31 17.09
C GLU B 172 -31.20 0.81 16.23
N GLN B 173 -31.20 2.02 16.79
CA GLN B 173 -31.74 3.20 16.13
C GLN B 173 -30.58 3.99 15.53
N VAL B 174 -30.18 3.61 14.32
CA VAL B 174 -29.11 4.30 13.60
C VAL B 174 -29.71 5.24 12.58
N GLU B 175 -28.99 6.32 12.29
CA GLU B 175 -29.34 7.32 11.30
C GLU B 175 -28.21 7.38 10.26
N ILE B 176 -28.36 6.63 9.18
CA ILE B 176 -27.43 6.77 8.07
C ILE B 176 -27.71 8.08 7.35
N ARG B 177 -26.75 8.51 6.53
CA ARG B 177 -27.01 9.73 5.78
C ARG B 177 -26.51 9.60 4.36
N ALA B 178 -27.32 10.08 3.42
CA ALA B 178 -26.94 10.12 2.01
C ALA B 178 -26.51 11.54 1.67
N VAL B 179 -25.21 11.70 1.45
CA VAL B 179 -24.58 12.96 1.10
C VAL B 179 -24.65 13.12 -0.42
N LEU B 180 -25.23 14.23 -0.87
CA LEU B 180 -25.33 14.54 -2.28
C LEU B 180 -24.27 15.60 -2.61
N TYR B 181 -23.43 15.30 -3.60
CA TYR B 181 -22.37 16.20 -4.06
C TYR B 181 -22.78 16.88 -5.36
N ASN B 182 -22.76 18.23 -5.34
CA ASN B 182 -23.05 19.08 -6.49
C ASN B 182 -21.80 19.91 -6.81
N TYR B 183 -21.22 19.65 -7.98
CA TYR B 183 -20.02 20.32 -8.47
C TYR B 183 -20.32 21.27 -9.62
N ARG B 184 -21.59 21.46 -9.97
CA ARG B 184 -21.97 22.47 -10.95
C ARG B 184 -21.76 23.85 -10.36
N GLN B 185 -21.06 24.71 -11.10
CA GLN B 185 -20.72 26.04 -10.59
C GLN B 185 -21.83 27.06 -10.85
N ASN B 186 -22.53 26.94 -11.98
CA ASN B 186 -23.56 27.91 -12.34
C ASN B 186 -24.96 27.47 -11.96
N GLN B 187 -25.14 26.23 -11.53
CA GLN B 187 -26.47 25.66 -11.33
C GLN B 187 -26.69 25.27 -9.88
N GLU B 188 -27.87 25.59 -9.36
CA GLU B 188 -28.29 25.15 -8.02
C GLU B 188 -29.25 23.98 -8.21
N LEU B 189 -28.83 22.79 -7.83
CA LEU B 189 -29.52 21.60 -8.32
C LEU B 189 -30.73 21.27 -7.45
N LYS B 190 -31.89 21.11 -8.06
CA LYS B 190 -33.05 20.59 -7.34
C LYS B 190 -33.19 19.12 -7.69
N VAL B 191 -33.09 18.25 -6.67
CA VAL B 191 -33.11 16.81 -6.92
C VAL B 191 -34.05 16.08 -5.97
N ARG B 192 -34.70 15.04 -6.50
CA ARG B 192 -35.54 14.18 -5.67
C ARG B 192 -34.78 12.94 -5.23
N VAL B 193 -34.42 12.92 -3.95
CA VAL B 193 -33.72 11.79 -3.35
C VAL B 193 -34.74 10.94 -2.62
N GLU B 194 -34.59 9.64 -2.75
CA GLU B 194 -35.59 8.67 -2.36
C GLU B 194 -34.87 7.51 -1.70
N LEU B 195 -35.41 7.02 -0.60
CA LEU B 195 -34.89 5.82 0.02
C LEU B 195 -35.77 4.64 -0.35
N LEU B 196 -35.16 3.60 -0.90
CA LEU B 196 -35.91 2.42 -1.29
C LEU B 196 -36.25 1.58 -0.05
N HIS B 197 -37.28 0.77 -0.18
CA HIS B 197 -37.77 -0.05 0.91
C HIS B 197 -37.17 -1.45 0.84
N ASN B 198 -36.77 -1.96 1.99
CA ASN B 198 -36.31 -3.34 2.13
C ASN B 198 -37.06 -3.93 3.33
N PRO B 199 -37.79 -5.04 3.17
CA PRO B 199 -38.54 -5.60 4.29
C PRO B 199 -37.68 -6.04 5.47
N ALA B 200 -36.35 -6.01 5.33
CA ALA B 200 -35.47 -6.46 6.40
C ALA B 200 -35.18 -5.40 7.44
N PHE B 201 -35.59 -4.15 7.22
CA PHE B 201 -35.44 -3.12 8.22
C PHE B 201 -36.55 -2.11 8.08
N CYS B 202 -37.01 -1.57 9.22
CA CYS B 202 -38.08 -0.59 9.23
C CYS B 202 -37.51 0.77 8.84
N SER B 203 -37.86 1.25 7.65
CA SER B 203 -37.51 2.57 7.18
C SER B 203 -38.78 3.40 7.03
N LEU B 204 -38.58 4.71 6.81
CA LEU B 204 -39.72 5.60 6.58
C LEU B 204 -40.46 5.24 5.30
N ALA B 205 -39.82 4.50 4.40
CA ALA B 205 -40.47 3.97 3.21
C ALA B 205 -41.01 2.58 3.51
N THR B 206 -42.27 2.36 3.15
CA THR B 206 -42.93 1.08 3.33
C THR B 206 -43.39 0.54 1.97
N THR B 207 -44.08 -0.59 2.00
CA THR B 207 -44.70 -1.10 0.78
C THR B 207 -45.95 -0.32 0.42
N LYS B 208 -46.53 0.41 1.38
CA LYS B 208 -47.73 1.19 1.11
C LYS B 208 -47.41 2.50 0.39
N ARG B 209 -46.25 3.10 0.66
CA ARG B 209 -45.89 4.38 0.08
C ARG B 209 -44.38 4.50 0.03
N ARG B 210 -43.88 5.30 -0.91
CA ARG B 210 -42.46 5.59 -1.04
C ARG B 210 -42.05 6.73 -0.12
N HIS B 211 -40.74 6.85 0.08
CA HIS B 211 -40.15 7.95 0.84
C HIS B 211 -39.26 8.71 -0.12
N GLN B 212 -39.90 9.58 -0.88
CA GLN B 212 -39.22 10.48 -1.79
C GLN B 212 -39.39 11.92 -1.34
N GLN B 213 -38.28 12.64 -1.27
CA GLN B 213 -38.30 14.01 -0.83
C GLN B 213 -37.46 14.88 -1.75
N THR B 214 -37.86 16.13 -1.88
CA THR B 214 -37.26 17.08 -2.79
C THR B 214 -36.37 18.03 -2.01
N VAL B 215 -35.07 18.05 -2.34
CA VAL B 215 -34.15 18.97 -1.71
C VAL B 215 -33.43 19.76 -2.80
N THR B 216 -32.77 20.84 -2.37
CA THR B 216 -32.04 21.72 -3.28
C THR B 216 -30.61 21.86 -2.78
N ILE B 217 -29.66 21.52 -3.64
CA ILE B 217 -28.24 21.54 -3.33
C ILE B 217 -27.65 22.85 -3.81
N PRO B 218 -26.99 23.62 -2.94
CA PRO B 218 -26.31 24.82 -3.38
C PRO B 218 -25.16 24.46 -4.31
N PRO B 219 -24.77 25.37 -5.20
CA PRO B 219 -23.70 25.06 -6.16
C PRO B 219 -22.35 24.95 -5.47
N LYS B 220 -21.51 24.07 -6.03
CA LYS B 220 -20.14 23.84 -5.54
C LYS B 220 -20.17 23.44 -4.06
N SER B 221 -21.12 22.59 -3.69
CA SER B 221 -21.25 22.19 -2.31
C SER B 221 -22.09 20.91 -2.23
N SER B 222 -22.27 20.43 -1.01
CA SER B 222 -22.95 19.17 -0.78
C SER B 222 -24.14 19.41 0.15
N LEU B 223 -24.92 18.35 0.32
CA LEU B 223 -26.07 18.38 1.21
C LEU B 223 -26.27 16.98 1.76
N SER B 224 -26.40 16.86 3.09
CA SER B 224 -26.56 15.57 3.72
C SER B 224 -28.04 15.34 4.02
N VAL B 225 -28.61 14.25 3.50
CA VAL B 225 -30.00 13.89 3.70
C VAL B 225 -30.04 12.68 4.64
N PRO B 226 -30.57 12.81 5.85
CA PRO B 226 -30.55 11.68 6.78
C PRO B 226 -31.76 10.77 6.65
N TYR B 227 -31.48 9.48 6.89
CA TYR B 227 -32.51 8.44 6.94
C TYR B 227 -32.24 7.58 8.17
N VAL B 228 -33.25 7.43 9.03
CA VAL B 228 -33.14 6.61 10.22
C VAL B 228 -33.74 5.24 9.92
N ILE B 229 -32.95 4.19 10.16
CA ILE B 229 -33.41 2.84 9.89
C ILE B 229 -33.25 1.98 11.14
N VAL B 230 -34.10 0.96 11.25
CA VAL B 230 -34.04 0.01 12.35
C VAL B 230 -33.86 -1.38 11.78
N PRO B 231 -32.69 -1.98 11.88
CA PRO B 231 -32.49 -3.34 11.33
C PRO B 231 -33.28 -4.36 12.13
N LEU B 232 -34.00 -5.23 11.40
CA LEU B 232 -34.83 -6.25 12.03
C LEU B 232 -34.28 -7.66 11.89
N LYS B 233 -33.42 -7.91 10.91
CA LYS B 233 -32.88 -9.25 10.67
C LYS B 233 -31.38 -9.18 10.50
N THR B 234 -30.69 -10.17 11.03
CA THR B 234 -29.24 -10.23 10.92
C THR B 234 -28.84 -10.76 9.56
N GLY B 235 -27.78 -10.17 9.00
CA GLY B 235 -27.27 -10.50 7.68
C GLY B 235 -26.98 -9.25 6.87
N LEU B 236 -26.43 -9.47 5.68
CA LEU B 236 -26.11 -8.37 4.78
C LEU B 236 -27.37 -7.95 4.05
N GLN B 237 -27.79 -6.70 4.28
CA GLN B 237 -29.00 -6.15 3.67
C GLN B 237 -28.62 -5.00 2.74
N GLU B 238 -29.51 -4.69 1.81
CA GLU B 238 -29.24 -3.68 0.79
C GLU B 238 -29.81 -2.34 1.22
N VAL B 239 -28.95 -1.33 1.31
CA VAL B 239 -29.37 0.05 1.48
C VAL B 239 -29.22 0.72 0.11
N GLU B 240 -30.34 1.15 -0.47
CA GLU B 240 -30.37 1.66 -1.82
C GLU B 240 -31.07 3.02 -1.84
N VAL B 241 -30.37 4.04 -2.29
CA VAL B 241 -30.91 5.39 -2.46
C VAL B 241 -30.88 5.74 -3.94
N LYS B 242 -31.96 6.37 -4.41
CA LYS B 242 -32.11 6.77 -5.80
C LYS B 242 -32.26 8.28 -5.85
N ALA B 243 -31.50 8.94 -6.71
CA ALA B 243 -31.63 10.39 -6.85
C ALA B 243 -31.96 10.73 -8.30
N ALA B 244 -33.05 11.46 -8.49
CA ALA B 244 -33.42 11.93 -9.82
C ALA B 244 -33.51 13.45 -9.81
N VAL B 245 -32.70 14.09 -10.66
CA VAL B 245 -32.64 15.54 -10.70
C VAL B 245 -33.92 16.09 -11.34
N TYR B 246 -34.37 17.23 -10.84
CA TYR B 246 -35.69 17.74 -11.16
C TYR B 246 -35.70 18.62 -12.40
N HIS B 247 -34.56 18.79 -13.08
CA HIS B 247 -34.51 19.64 -14.26
C HIS B 247 -33.85 18.93 -15.44
N HIS B 248 -32.69 18.33 -15.20
CA HIS B 248 -31.87 17.74 -16.24
C HIS B 248 -32.22 16.26 -16.40
N PHE B 249 -31.36 15.52 -17.10
CA PHE B 249 -31.57 14.09 -17.36
C PHE B 249 -30.55 13.22 -16.62
N ILE B 250 -30.05 13.69 -15.49
CA ILE B 250 -29.03 12.97 -14.73
C ILE B 250 -29.72 12.21 -13.62
N SER B 251 -29.62 10.88 -13.64
CA SER B 251 -30.25 10.01 -12.65
C SER B 251 -29.20 9.09 -12.07
N ASP B 252 -28.86 9.29 -10.80
CA ASP B 252 -27.82 8.47 -10.16
C ASP B 252 -28.44 7.66 -9.03
N GLY B 253 -27.70 6.66 -8.56
CA GLY B 253 -28.19 5.78 -7.52
C GLY B 253 -27.06 5.02 -6.87
N VAL B 254 -27.24 4.72 -5.59
CA VAL B 254 -26.24 4.00 -4.80
C VAL B 254 -26.90 2.80 -4.13
N ARG B 255 -26.27 1.64 -4.23
CA ARG B 255 -26.76 0.40 -3.64
C ARG B 255 -25.62 -0.25 -2.87
N LYS B 256 -25.53 0.05 -1.58
CA LYS B 256 -24.47 -0.52 -0.75
C LYS B 256 -25.03 -1.61 0.14
N SER B 257 -24.12 -2.44 0.66
CA SER B 257 -24.48 -3.58 1.49
C SER B 257 -24.09 -3.28 2.94
N LEU B 258 -25.08 -3.25 3.82
CA LEU B 258 -24.88 -3.03 5.25
C LEU B 258 -25.11 -4.35 5.98
N LYS B 259 -24.10 -4.82 6.71
CA LYS B 259 -24.23 -6.07 7.44
C LYS B 259 -24.77 -5.78 8.85
N VAL B 260 -25.78 -6.58 9.24
CA VAL B 260 -26.42 -6.47 10.55
C VAL B 260 -25.99 -7.68 11.36
N VAL B 261 -25.33 -7.43 12.49
CA VAL B 261 -24.76 -8.51 13.29
C VAL B 261 -25.68 -8.79 14.48
N PRO B 262 -25.62 -9.98 15.07
CA PRO B 262 -26.47 -10.28 16.22
C PRO B 262 -26.17 -9.41 17.43
N GLU B 263 -27.00 -9.58 18.44
CA GLU B 263 -27.05 -8.67 19.58
C GLU B 263 -26.03 -8.97 20.66
N GLY B 264 -25.27 -10.05 20.54
CA GLY B 264 -24.31 -10.38 21.58
C GLY B 264 -22.89 -10.42 21.08
N ILE B 265 -22.11 -11.38 21.54
CA ILE B 265 -20.74 -11.57 21.06
C ILE B 265 -20.57 -13.00 20.60
N ARG B 266 -19.88 -13.19 19.48
CA ARG B 266 -19.68 -14.51 18.92
C ARG B 266 -18.72 -15.31 19.77
N MET B 267 -19.06 -16.59 19.98
CA MET B 267 -18.24 -17.53 20.72
C MET B 267 -18.14 -18.84 19.95
N ASN B 268 -16.94 -19.41 19.97
CA ASN B 268 -16.63 -20.71 19.33
C ASN B 268 -16.18 -21.65 20.46
N LYS B 269 -16.95 -21.73 21.53
CA LYS B 269 -16.63 -22.53 22.71
C LYS B 269 -16.45 -23.98 22.31
N THR B 270 -15.36 -24.59 22.79
CA THR B 270 -15.08 -25.99 22.52
C THR B 270 -15.88 -26.87 23.48
N VAL B 271 -16.78 -27.66 22.94
CA VAL B 271 -17.59 -28.55 23.78
C VAL B 271 -16.71 -29.62 24.42
N ALA B 272 -16.10 -30.44 23.58
CA ALA B 272 -15.19 -31.47 24.06
C ALA B 272 -14.24 -31.87 22.93
N VAL B 273 -13.14 -32.49 23.33
CA VAL B 273 -12.17 -33.04 22.41
C VAL B 273 -11.79 -34.43 22.91
N ARG B 274 -11.96 -35.43 22.08
CA ARG B 274 -11.68 -36.80 22.50
C ARG B 274 -10.76 -37.48 21.51
N THR B 275 -9.72 -38.13 22.02
CA THR B 275 -8.77 -38.86 21.18
C THR B 275 -9.44 -40.14 20.68
N LEU B 276 -9.58 -40.26 19.37
CA LEU B 276 -10.24 -41.40 18.76
C LEU B 276 -9.21 -42.49 18.54
N ASP B 277 -9.18 -43.49 19.41
CA ASP B 277 -8.21 -44.55 19.25
C ASP B 277 -8.71 -45.82 19.91
N PRO B 278 -8.99 -46.88 19.14
CA PRO B 278 -9.56 -48.09 19.72
C PRO B 278 -8.57 -49.12 20.22
N GLU B 279 -7.28 -48.99 19.89
CA GLU B 279 -6.33 -50.04 20.22
C GLU B 279 -5.69 -49.84 21.60
N ARG B 280 -5.11 -48.67 21.86
CA ARG B 280 -4.48 -48.42 23.15
C ARG B 280 -5.48 -47.99 24.22
N LEU B 281 -6.64 -47.49 23.82
CA LEU B 281 -7.71 -47.12 24.74
C LEU B 281 -9.03 -47.68 24.21
N GLY B 282 -10.05 -47.71 25.06
CA GLY B 282 -11.32 -48.29 24.71
C GLY B 282 -11.44 -49.76 25.04
N ARG B 283 -10.35 -50.38 25.50
CA ARG B 283 -10.26 -51.78 25.90
C ARG B 283 -10.98 -52.74 24.96
N GLU B 284 -11.66 -53.73 25.53
CA GLU B 284 -12.41 -54.73 24.77
C GLU B 284 -13.29 -54.08 23.72
N GLY B 285 -13.51 -54.81 22.63
CA GLY B 285 -14.32 -54.29 21.54
C GLY B 285 -13.67 -53.08 20.93
N VAL B 286 -14.40 -51.96 20.92
CA VAL B 286 -13.90 -50.68 20.46
C VAL B 286 -14.47 -49.58 21.35
N GLN B 287 -13.97 -48.37 21.16
CA GLN B 287 -14.24 -47.26 22.08
C GLN B 287 -15.54 -46.55 21.76
N LYS B 288 -16.38 -46.39 22.78
CA LYS B 288 -17.55 -45.51 22.73
C LYS B 288 -17.24 -44.22 23.48
N GLU B 289 -17.76 -43.11 22.97
CA GLU B 289 -17.42 -41.77 23.45
C GLU B 289 -18.67 -40.90 23.43
N ASP B 290 -19.14 -40.50 24.59
CA ASP B 290 -20.29 -39.60 24.66
C ASP B 290 -19.81 -38.16 24.60
N ILE B 291 -20.56 -37.35 23.85
CA ILE B 291 -20.25 -35.93 23.68
C ILE B 291 -21.43 -35.13 24.22
N PRO B 292 -21.23 -34.22 25.17
CA PRO B 292 -22.35 -33.51 25.78
C PRO B 292 -22.82 -32.37 24.89
N PRO B 293 -24.02 -31.85 25.11
CA PRO B 293 -24.43 -30.62 24.42
C PRO B 293 -23.71 -29.40 24.98
N ALA B 294 -23.97 -28.22 24.42
CA ALA B 294 -23.26 -27.02 24.81
C ALA B 294 -23.89 -26.39 26.05
N ASP B 295 -23.19 -25.39 26.60
CA ASP B 295 -23.65 -24.69 27.79
C ASP B 295 -24.83 -23.78 27.46
N LEU B 296 -24.57 -22.75 26.63
CA LEU B 296 -25.59 -21.84 26.11
C LEU B 296 -26.57 -21.35 27.19
N SER B 297 -26.09 -21.20 28.43
CA SER B 297 -26.93 -20.60 29.46
C SER B 297 -27.07 -19.09 29.30
N ASP B 298 -26.49 -18.54 28.21
CA ASP B 298 -26.51 -17.10 27.97
C ASP B 298 -26.67 -16.80 26.48
N GLN B 299 -27.22 -17.73 25.70
CA GLN B 299 -27.37 -17.52 24.27
C GLN B 299 -28.36 -16.38 24.00
N VAL B 300 -27.96 -15.47 23.12
CA VAL B 300 -28.80 -14.31 22.81
C VAL B 300 -30.10 -14.78 22.14
N PRO B 301 -31.26 -14.30 22.58
CA PRO B 301 -32.52 -14.84 22.07
C PRO B 301 -32.65 -14.63 20.57
N ASP B 302 -33.27 -15.61 19.91
CA ASP B 302 -33.56 -15.55 18.48
C ASP B 302 -32.28 -15.46 17.65
N THR B 303 -31.26 -16.21 18.06
CA THR B 303 -30.02 -16.34 17.31
C THR B 303 -29.76 -17.82 17.03
N GLU B 304 -29.15 -18.09 15.89
CA GLU B 304 -28.89 -19.47 15.51
C GLU B 304 -27.60 -19.96 16.15
N SER B 305 -27.41 -21.27 16.13
CA SER B 305 -26.22 -21.90 16.70
C SER B 305 -25.78 -23.02 15.78
N GLU B 306 -24.48 -23.13 15.55
CA GLU B 306 -23.98 -24.16 14.63
C GLU B 306 -22.94 -25.01 15.32
N THR B 307 -23.14 -26.33 15.31
CA THR B 307 -22.17 -27.28 15.85
C THR B 307 -21.43 -27.94 14.71
N ARG B 308 -20.12 -27.72 14.66
CA ARG B 308 -19.23 -28.31 13.68
C ARG B 308 -18.50 -29.47 14.36
N ILE B 309 -18.77 -30.67 13.85
CA ILE B 309 -18.10 -31.90 14.25
C ILE B 309 -16.94 -32.12 13.30
N LEU B 310 -15.73 -32.15 13.85
CA LEU B 310 -14.49 -32.25 13.09
C LEU B 310 -13.83 -33.58 13.41
N LEU B 311 -13.56 -34.37 12.37
CA LEU B 311 -12.91 -35.67 12.48
C LEU B 311 -11.54 -35.54 11.82
N GLN B 312 -10.50 -35.61 12.64
CA GLN B 312 -9.12 -35.62 12.16
C GLN B 312 -8.64 -37.06 12.15
N GLY B 313 -8.30 -37.58 10.97
CA GLY B 313 -7.81 -38.94 10.85
C GLY B 313 -6.47 -39.17 11.52
N THR B 314 -5.68 -38.14 11.71
CA THR B 314 -4.41 -38.19 12.40
C THR B 314 -4.33 -37.02 13.38
N PRO B 315 -3.48 -37.11 14.41
CA PRO B 315 -3.40 -36.03 15.39
C PRO B 315 -3.03 -34.68 14.79
N VAL B 316 -2.34 -34.65 13.65
CA VAL B 316 -1.92 -33.39 13.05
C VAL B 316 -2.33 -33.36 11.58
N ALA B 317 -3.64 -33.39 11.34
CA ALA B 317 -4.19 -33.28 10.00
C ALA B 317 -4.81 -31.92 9.71
N GLN B 318 -5.50 -31.34 10.69
CA GLN B 318 -6.09 -30.02 10.48
C GLN B 318 -5.04 -28.93 10.53
N MET B 319 -4.07 -29.05 11.44
CA MET B 319 -3.05 -28.02 11.56
C MET B 319 -2.23 -27.90 10.28
N THR B 320 -1.90 -29.02 9.65
CA THR B 320 -1.18 -28.97 8.38
C THR B 320 -2.05 -28.39 7.27
N GLU B 321 -3.27 -28.91 7.13
CA GLU B 321 -4.15 -28.45 6.06
C GLU B 321 -4.40 -26.95 6.15
N ASP B 322 -4.46 -26.42 7.38
CA ASP B 322 -4.57 -24.97 7.55
C ASP B 322 -3.25 -24.27 7.33
N ALA B 323 -2.12 -24.93 7.65
CA ALA B 323 -0.82 -24.32 7.45
C ALA B 323 -0.46 -24.20 5.97
N VAL B 324 -1.09 -24.99 5.11
CA VAL B 324 -0.82 -24.92 3.67
C VAL B 324 -1.65 -23.84 3.00
N ASP B 325 -2.95 -23.81 3.28
CA ASP B 325 -3.83 -22.82 2.67
C ASP B 325 -3.53 -21.43 3.20
N ALA B 326 -3.49 -20.44 2.30
CA ALA B 326 -3.14 -19.08 2.69
C ALA B 326 -4.25 -18.44 3.50
N GLU B 327 -5.46 -18.41 2.95
CA GLU B 327 -6.59 -17.75 3.60
C GLU B 327 -7.19 -18.59 4.72
N ARG B 328 -6.45 -19.61 5.20
CA ARG B 328 -6.85 -20.40 6.34
C ARG B 328 -5.75 -20.54 7.39
N LEU B 329 -4.54 -20.09 7.11
CA LEU B 329 -3.44 -20.22 8.07
C LEU B 329 -3.68 -19.37 9.31
N LYS B 330 -4.32 -18.22 9.18
CA LYS B 330 -4.56 -17.35 10.33
C LYS B 330 -5.78 -17.76 11.15
N HIS B 331 -6.44 -18.86 10.80
CA HIS B 331 -7.55 -19.38 11.57
C HIS B 331 -7.11 -20.41 12.61
N LEU B 332 -5.82 -20.77 12.65
CA LEU B 332 -5.34 -21.70 13.66
C LEU B 332 -5.35 -21.09 15.05
N ILE B 333 -5.25 -19.77 15.14
CA ILE B 333 -5.02 -19.08 16.40
C ILE B 333 -6.12 -18.04 16.60
N VAL B 334 -6.60 -17.93 17.84
CA VAL B 334 -7.67 -16.99 18.17
C VAL B 334 -7.13 -15.69 18.73
N THR B 335 -5.84 -15.42 18.58
CA THR B 335 -5.24 -14.19 19.07
C THR B 335 -4.55 -13.44 17.94
N PRO B 336 -4.48 -12.12 18.01
CA PRO B 336 -3.82 -11.35 16.93
C PRO B 336 -2.33 -11.61 16.88
N SER B 337 -1.72 -11.13 15.80
CA SER B 337 -0.30 -11.32 15.53
C SER B 337 0.28 -9.97 15.14
N GLY B 338 0.77 -9.24 16.13
CA GLY B 338 1.29 -7.93 15.81
C GLY B 338 2.67 -7.66 16.45
N CYS B 339 3.34 -8.75 16.83
CA CYS B 339 4.57 -8.66 17.58
C CYS B 339 5.52 -9.78 17.13
N GLY B 340 6.80 -9.58 17.45
CA GLY B 340 7.92 -10.36 16.94
C GLY B 340 7.64 -11.84 16.88
N GLU B 341 7.22 -12.43 17.99
CA GLU B 341 6.97 -13.86 18.02
C GLU B 341 5.62 -14.24 17.43
N GLN B 342 4.63 -13.38 17.63
CA GLN B 342 3.29 -13.67 17.12
C GLN B 342 3.31 -13.72 15.58
N ASN B 343 3.90 -12.69 14.95
CA ASN B 343 3.98 -12.68 13.49
C ASN B 343 4.52 -13.99 12.92
N MET B 344 5.27 -14.76 13.72
CA MET B 344 5.84 -16.01 13.23
C MET B 344 4.80 -17.02 12.77
N ILE B 345 3.50 -16.72 12.88
CA ILE B 345 2.52 -17.56 12.20
C ILE B 345 2.84 -17.65 10.71
N GLY B 346 3.37 -16.56 10.13
CA GLY B 346 3.73 -16.54 8.72
C GLY B 346 4.85 -17.47 8.32
N MET B 347 5.43 -18.20 9.27
CA MET B 347 6.54 -19.10 8.97
C MET B 347 6.33 -20.45 9.66
N THR B 348 6.54 -20.48 10.99
CA THR B 348 6.68 -21.66 11.82
C THR B 348 5.73 -22.80 11.46
N PRO B 349 4.40 -22.63 11.57
CA PRO B 349 3.52 -23.78 11.33
C PRO B 349 3.58 -24.26 9.89
N THR B 350 3.68 -23.34 8.93
CA THR B 350 3.87 -23.76 7.55
C THR B 350 5.21 -24.50 7.39
N VAL B 351 6.24 -24.07 8.11
CA VAL B 351 7.56 -24.71 8.01
C VAL B 351 7.49 -26.15 8.47
N ILE B 352 7.05 -26.35 9.72
CA ILE B 352 7.00 -27.71 10.25
C ILE B 352 5.95 -28.54 9.52
N ALA B 353 4.93 -27.92 8.94
CA ALA B 353 3.96 -28.66 8.14
C ALA B 353 4.60 -29.18 6.86
N VAL B 354 5.32 -28.32 6.13
CA VAL B 354 5.98 -28.75 4.90
C VAL B 354 7.02 -29.83 5.21
N HIS B 355 7.73 -29.69 6.34
CA HIS B 355 8.72 -30.70 6.70
C HIS B 355 8.05 -32.02 7.06
N TYR B 356 6.92 -31.97 7.77
CA TYR B 356 6.20 -33.20 8.09
C TYR B 356 5.74 -33.90 6.82
N LEU B 357 5.21 -33.14 5.86
CA LEU B 357 4.79 -33.71 4.59
C LEU B 357 5.97 -34.25 3.77
N ASP B 358 7.15 -33.64 3.91
CA ASP B 358 8.32 -34.15 3.21
C ASP B 358 8.79 -35.47 3.82
N GLU B 359 8.81 -35.55 5.15
CA GLU B 359 9.28 -36.76 5.80
C GLU B 359 8.33 -37.93 5.62
N THR B 360 7.02 -37.67 5.58
CA THR B 360 6.08 -38.76 5.43
C THR B 360 5.66 -39.04 3.99
N GLU B 361 6.19 -38.30 3.01
CA GLU B 361 5.92 -38.53 1.58
C GLU B 361 4.42 -38.49 1.29
N GLN B 362 3.82 -37.35 1.63
CA GLN B 362 2.38 -37.17 1.48
C GLN B 362 2.00 -36.13 0.43
N TRP B 363 2.97 -35.44 -0.15
CA TRP B 363 2.64 -34.44 -1.19
C TRP B 363 2.03 -35.08 -2.43
N GLU B 364 2.27 -36.38 -2.64
CA GLU B 364 1.74 -37.05 -3.83
C GLU B 364 0.23 -37.15 -3.77
N LYS B 365 -0.31 -37.59 -2.63
CA LYS B 365 -1.76 -37.70 -2.49
C LYS B 365 -2.40 -36.36 -2.14
N PHE B 366 -1.67 -35.48 -1.43
CA PHE B 366 -2.24 -34.21 -1.00
C PHE B 366 -2.32 -33.21 -2.15
N GLY B 367 -1.26 -33.10 -2.95
CA GLY B 367 -1.22 -32.15 -4.04
C GLY B 367 0.09 -31.40 -4.13
N LEU B 368 0.92 -31.79 -5.10
CA LEU B 368 2.22 -31.16 -5.26
C LEU B 368 2.09 -29.65 -5.52
N GLU B 369 1.05 -29.24 -6.25
CA GLU B 369 0.88 -27.84 -6.65
C GLU B 369 0.86 -26.89 -5.45
N LYS B 370 0.42 -27.37 -4.29
CA LYS B 370 0.33 -26.48 -3.15
C LYS B 370 1.68 -26.22 -2.49
N ARG B 371 2.69 -27.10 -2.70
CA ARG B 371 3.93 -26.96 -1.96
C ARG B 371 4.56 -25.60 -2.18
N GLN B 372 4.77 -25.22 -3.45
CA GLN B 372 5.33 -23.91 -3.73
C GLN B 372 4.50 -22.79 -3.09
N GLY B 373 3.17 -22.93 -3.10
CA GLY B 373 2.35 -21.94 -2.42
C GLY B 373 2.75 -21.79 -0.96
N ALA B 374 2.83 -22.91 -0.24
CA ALA B 374 3.34 -22.87 1.11
C ALA B 374 4.69 -22.16 1.17
N LEU B 375 5.60 -22.48 0.25
CA LEU B 375 6.88 -21.81 0.29
C LEU B 375 6.73 -20.30 0.16
N GLU B 376 5.86 -19.85 -0.74
CA GLU B 376 5.65 -18.41 -0.85
C GLU B 376 5.10 -17.85 0.45
N LEU B 377 4.21 -18.57 1.12
CA LEU B 377 3.76 -18.13 2.43
C LEU B 377 4.94 -17.93 3.36
N ILE B 378 5.85 -18.91 3.40
CA ILE B 378 7.03 -18.75 4.24
C ILE B 378 7.79 -17.50 3.84
N LYS B 379 7.98 -17.28 2.54
CA LYS B 379 8.63 -16.04 2.09
C LYS B 379 7.92 -14.83 2.69
N LYS B 380 6.59 -14.77 2.54
CA LYS B 380 5.88 -13.63 3.11
C LYS B 380 6.15 -13.51 4.61
N GLY B 381 6.03 -14.62 5.34
CA GLY B 381 6.36 -14.58 6.75
C GLY B 381 7.72 -13.97 6.99
N TYR B 382 8.74 -14.50 6.30
CA TYR B 382 10.09 -13.98 6.46
C TYR B 382 10.12 -12.47 6.22
N THR B 383 9.49 -12.04 5.14
CA THR B 383 9.45 -10.60 4.88
C THR B 383 8.85 -9.85 6.07
N GLN B 384 7.67 -10.29 6.53
CA GLN B 384 7.06 -9.60 7.65
C GLN B 384 7.98 -9.60 8.86
N GLN B 385 8.63 -10.73 9.12
CA GLN B 385 9.47 -10.80 10.31
C GLN B 385 10.64 -9.84 10.22
N LEU B 386 11.15 -9.60 9.00
CA LEU B 386 12.28 -8.69 8.90
C LEU B 386 11.94 -7.30 9.40
N ALA B 387 10.67 -6.97 9.59
CA ALA B 387 10.34 -5.65 10.09
C ALA B 387 10.76 -5.46 11.53
N PHE B 388 10.91 -6.53 12.31
CA PHE B 388 11.24 -6.37 13.72
C PHE B 388 12.73 -6.36 13.99
N ARG B 389 13.55 -6.29 12.95
CA ARG B 389 14.99 -6.36 13.10
C ARG B 389 15.58 -5.00 13.43
N GLN B 390 16.51 -4.98 14.37
CA GLN B 390 17.31 -3.83 14.71
C GLN B 390 18.68 -3.96 14.08
N PRO B 391 19.52 -2.91 14.14
CA PRO B 391 20.91 -3.06 13.69
C PRO B 391 21.64 -4.16 14.45
N SER B 392 22.72 -4.65 13.82
CA SER B 392 23.52 -5.77 14.32
C SER B 392 22.73 -7.06 14.43
N SER B 393 21.61 -7.17 13.71
CA SER B 393 20.78 -8.36 13.65
C SER B 393 20.30 -8.77 15.05
N ALA B 394 19.53 -7.88 15.66
CA ALA B 394 18.91 -8.13 16.95
C ALA B 394 17.43 -7.86 16.85
N PHE B 395 16.60 -8.81 17.27
CA PHE B 395 15.16 -8.73 17.09
C PHE B 395 14.49 -8.32 18.41
N ALA B 396 13.70 -7.24 18.36
CA ALA B 396 12.93 -6.77 19.49
C ALA B 396 11.46 -7.08 19.27
N ALA B 397 10.74 -7.26 20.38
CA ALA B 397 9.32 -7.61 20.30
C ALA B 397 8.53 -6.50 19.62
N PHE B 398 8.92 -5.24 19.85
CA PHE B 398 8.29 -4.10 19.20
C PHE B 398 9.38 -3.14 18.74
N VAL B 399 9.11 -2.44 17.64
CA VAL B 399 10.01 -1.39 17.21
C VAL B 399 10.04 -0.30 18.27
N LYS B 400 11.18 0.40 18.37
CA LYS B 400 11.42 1.40 19.41
C LYS B 400 11.43 0.73 20.80
N ARG B 401 12.11 -0.40 20.90
CA ARG B 401 12.28 -1.09 22.18
C ARG B 401 13.59 -1.85 22.16
N ALA B 402 14.06 -2.21 23.34
CA ALA B 402 15.32 -2.92 23.45
C ALA B 402 15.19 -4.33 22.86
N PRO B 403 16.20 -4.80 22.13
CA PRO B 403 16.14 -6.14 21.57
C PRO B 403 16.12 -7.21 22.66
N SER B 404 15.27 -8.21 22.47
CA SER B 404 15.09 -9.27 23.45
C SER B 404 15.94 -10.48 23.09
N THR B 405 16.48 -11.14 24.12
CA THR B 405 17.28 -12.34 23.90
C THR B 405 16.40 -13.52 23.47
N TRP B 406 15.27 -13.71 24.16
CA TRP B 406 14.38 -14.82 23.85
C TRP B 406 13.88 -14.76 22.42
N LEU B 407 13.38 -13.58 21.99
CA LEU B 407 12.87 -13.45 20.64
C LEU B 407 13.97 -13.64 19.61
N THR B 408 15.15 -13.08 19.87
CA THR B 408 16.26 -13.24 18.92
C THR B 408 16.62 -14.70 18.75
N ALA B 409 16.73 -15.44 19.86
CA ALA B 409 17.05 -16.86 19.77
C ALA B 409 15.96 -17.63 19.06
N TYR B 410 14.69 -17.30 19.32
CA TYR B 410 13.58 -18.00 18.67
C TYR B 410 13.59 -17.76 17.17
N VAL B 411 13.85 -16.53 16.75
CA VAL B 411 13.95 -16.22 15.33
C VAL B 411 15.13 -16.96 14.72
N VAL B 412 16.24 -17.05 15.45
CA VAL B 412 17.36 -17.87 14.99
C VAL B 412 16.91 -19.29 14.74
N LYS B 413 16.15 -19.86 15.66
CA LYS B 413 15.69 -21.24 15.53
C LYS B 413 14.82 -21.42 14.29
N VAL B 414 13.80 -20.58 14.14
CA VAL B 414 12.87 -20.75 13.01
C VAL B 414 13.58 -20.51 11.69
N PHE B 415 14.44 -19.47 11.63
CA PHE B 415 15.16 -19.19 10.39
C PHE B 415 16.10 -20.34 10.02
N SER B 416 16.88 -20.82 10.99
CA SER B 416 17.78 -21.94 10.73
C SER B 416 17.02 -23.18 10.31
N LEU B 417 15.79 -23.36 10.81
CA LEU B 417 14.96 -24.45 10.34
C LEU B 417 14.39 -24.17 8.95
N ALA B 418 14.34 -22.91 8.53
CA ALA B 418 13.75 -22.53 7.26
C ALA B 418 14.77 -22.40 6.12
N VAL B 419 16.06 -22.58 6.41
CA VAL B 419 17.06 -22.49 5.34
C VAL B 419 16.91 -23.62 4.34
N ASN B 420 16.20 -24.69 4.70
CA ASN B 420 15.97 -25.80 3.79
C ASN B 420 14.91 -25.47 2.74
N LEU B 421 13.95 -24.62 3.09
CA LEU B 421 12.80 -24.34 2.24
C LEU B 421 12.98 -23.09 1.39
N ILE B 422 13.09 -21.92 2.01
CA ILE B 422 13.26 -20.68 1.27
C ILE B 422 14.68 -20.16 1.46
N ALA B 423 15.01 -19.07 0.77
CA ALA B 423 16.34 -18.46 0.85
C ALA B 423 16.35 -17.49 2.03
N ILE B 424 17.10 -17.85 3.07
CA ILE B 424 17.27 -17.01 4.26
C ILE B 424 18.63 -16.36 4.19
N ASP B 425 18.68 -15.04 4.41
CA ASP B 425 19.94 -14.31 4.34
C ASP B 425 20.83 -14.71 5.51
N SER B 426 22.05 -15.15 5.19
CA SER B 426 22.97 -15.58 6.23
C SER B 426 23.47 -14.42 7.08
N GLN B 427 23.39 -13.19 6.57
CA GLN B 427 23.85 -12.05 7.35
C GLN B 427 22.95 -11.83 8.58
N VAL B 428 21.64 -11.90 8.39
CA VAL B 428 20.72 -11.68 9.51
C VAL B 428 20.83 -12.82 10.52
N LEU B 429 20.75 -14.07 10.05
CA LEU B 429 20.81 -15.22 10.94
C LEU B 429 22.14 -15.28 11.67
N CYS B 430 23.25 -15.21 10.93
CA CYS B 430 24.56 -15.28 11.54
C CYS B 430 24.84 -14.08 12.45
N GLY B 431 24.40 -12.88 12.06
CA GLY B 431 24.56 -11.75 12.94
C GLY B 431 23.77 -11.88 14.21
N ALA B 432 22.60 -12.55 14.15
CA ALA B 432 21.82 -12.77 15.35
C ALA B 432 22.48 -13.79 16.27
N VAL B 433 23.00 -14.88 15.70
CA VAL B 433 23.76 -15.84 16.51
C VAL B 433 24.96 -15.16 17.15
N LYS B 434 25.62 -14.28 16.39
CA LYS B 434 26.75 -13.53 16.92
C LYS B 434 26.33 -12.62 18.07
N TRP B 435 25.22 -11.90 17.89
CA TRP B 435 24.69 -11.05 18.95
C TRP B 435 24.44 -11.85 20.21
N LEU B 436 23.72 -12.97 20.08
CA LEU B 436 23.42 -13.82 21.22
C LEU B 436 24.70 -14.28 21.92
N ILE B 437 25.57 -14.98 21.19
CA ILE B 437 26.74 -15.61 21.81
C ILE B 437 27.67 -14.56 22.40
N LEU B 438 28.01 -13.54 21.60
CA LEU B 438 29.00 -12.56 22.05
C LEU B 438 28.45 -11.66 23.15
N GLU B 439 27.27 -11.09 22.95
CA GLU B 439 26.82 -10.04 23.86
C GLU B 439 25.96 -10.56 25.01
N LYS B 440 25.04 -11.48 24.74
CA LYS B 440 24.04 -11.85 25.72
C LYS B 440 24.43 -13.05 26.58
N GLN B 441 25.53 -13.73 26.27
CA GLN B 441 26.00 -14.86 27.09
C GLN B 441 27.23 -14.41 27.87
N LYS B 442 27.15 -14.54 29.18
CA LYS B 442 28.18 -14.27 30.18
C LYS B 442 29.06 -15.50 30.36
N PRO B 443 30.35 -15.33 30.68
CA PRO B 443 31.20 -16.50 30.98
C PRO B 443 30.66 -17.43 32.07
N ASP B 444 29.60 -17.03 32.78
CA ASP B 444 28.87 -17.96 33.64
C ASP B 444 28.17 -19.06 32.85
N GLY B 445 28.08 -18.93 31.52
CA GLY B 445 27.20 -19.75 30.73
C GLY B 445 25.76 -19.30 30.74
N VAL B 446 25.46 -18.20 31.43
CA VAL B 446 24.11 -17.68 31.60
C VAL B 446 23.83 -16.65 30.52
N PHE B 447 22.59 -16.63 30.03
CA PHE B 447 22.16 -15.65 29.03
C PHE B 447 21.43 -14.51 29.72
N GLN B 448 21.89 -13.28 29.47
CA GLN B 448 21.29 -12.09 30.04
C GLN B 448 20.18 -11.57 29.14
N GLU B 449 19.11 -11.06 29.76
CA GLU B 449 18.01 -10.44 29.04
C GLU B 449 17.82 -9.03 29.60
N ASP B 450 18.11 -8.02 28.77
CA ASP B 450 18.02 -6.63 29.18
C ASP B 450 16.83 -5.93 28.58
N ALA B 451 15.81 -6.68 28.18
CA ALA B 451 14.56 -6.16 27.65
C ALA B 451 13.42 -6.60 28.55
N PRO B 452 12.26 -5.95 28.47
CA PRO B 452 11.10 -6.42 29.24
C PRO B 452 10.78 -7.87 28.92
N VAL B 453 10.19 -8.56 29.89
CA VAL B 453 9.96 -9.99 29.76
C VAL B 453 8.83 -10.25 28.77
N ILE B 454 8.99 -11.28 27.96
CA ILE B 454 7.98 -11.70 26.99
C ILE B 454 7.22 -12.92 27.49
N HIS B 455 7.95 -13.95 27.90
CA HIS B 455 7.35 -15.13 28.49
C HIS B 455 7.34 -15.00 30.01
N GLN B 456 6.32 -15.59 30.64
CA GLN B 456 6.26 -15.57 32.10
C GLN B 456 7.25 -16.53 32.74
N GLU B 457 7.94 -17.35 31.93
CA GLU B 457 9.05 -18.16 32.40
C GLU B 457 10.38 -17.45 32.25
N MET B 458 10.39 -16.25 31.67
CA MET B 458 11.58 -15.43 31.56
C MET B 458 11.81 -14.54 32.78
N ILE B 459 10.80 -14.38 33.63
CA ILE B 459 10.92 -13.52 34.79
C ILE B 459 11.35 -14.31 36.04
N GLY B 460 10.98 -15.57 36.14
CA GLY B 460 11.37 -16.43 37.25
C GLY B 460 10.99 -15.90 38.63
N GLY B 461 11.49 -16.63 39.64
CA GLY B 461 11.31 -16.24 41.02
C GLY B 461 12.14 -15.02 41.37
N LEU B 462 11.93 -14.53 42.59
CA LEU B 462 12.54 -13.27 43.01
C LEU B 462 13.83 -13.49 43.80
N ARG B 463 13.71 -13.81 45.10
CA ARG B 463 14.88 -13.81 45.98
C ARG B 463 15.94 -14.81 45.52
N ASN B 464 15.53 -15.93 44.94
CA ASN B 464 16.43 -16.79 44.18
C ASN B 464 15.90 -16.86 42.75
N ASN B 465 16.66 -16.31 41.80
CA ASN B 465 16.28 -16.30 40.40
C ASN B 465 17.10 -17.29 39.56
N ASN B 466 17.59 -18.37 40.20
CA ASN B 466 18.44 -19.33 39.49
C ASN B 466 17.71 -19.96 38.30
N GLU B 467 16.45 -20.36 38.52
CA GLU B 467 15.66 -20.96 37.44
C GLU B 467 15.36 -19.97 36.31
N LYS B 468 15.36 -18.68 36.61
CA LYS B 468 15.17 -17.67 35.57
C LYS B 468 16.25 -17.79 34.50
N ASP B 469 17.51 -17.93 34.92
CA ASP B 469 18.57 -18.20 33.97
C ASP B 469 18.42 -19.58 33.34
N MET B 470 17.97 -20.57 34.12
CA MET B 470 17.84 -21.93 33.57
C MET B 470 16.93 -21.96 32.33
N ALA B 471 15.72 -21.42 32.43
CA ALA B 471 14.78 -21.59 31.32
C ALA B 471 15.24 -20.87 30.06
N LEU B 472 15.75 -19.64 30.21
CA LEU B 472 16.22 -18.88 29.06
C LEU B 472 17.43 -19.54 28.42
N THR B 473 18.38 -20.00 29.22
CA THR B 473 19.57 -20.64 28.65
C THR B 473 19.19 -21.94 27.94
N ALA B 474 18.27 -22.71 28.51
CA ALA B 474 17.81 -23.93 27.83
C ALA B 474 17.13 -23.60 26.50
N PHE B 475 16.32 -22.54 26.47
CA PHE B 475 15.65 -22.16 25.23
C PHE B 475 16.66 -21.75 24.16
N VAL B 476 17.64 -20.91 24.53
CA VAL B 476 18.64 -20.48 23.56
C VAL B 476 19.49 -21.67 23.09
N LEU B 477 19.72 -22.64 23.97
CA LEU B 477 20.44 -23.84 23.56
C LEU B 477 19.63 -24.66 22.57
N ILE B 478 18.32 -24.77 22.78
CA ILE B 478 17.45 -25.43 21.80
C ILE B 478 17.52 -24.70 20.46
N SER B 479 17.60 -23.37 20.52
CA SER B 479 17.69 -22.58 19.29
C SER B 479 18.99 -22.87 18.55
N LEU B 480 20.11 -22.87 19.28
CA LEU B 480 21.41 -23.10 18.65
C LEU B 480 21.61 -24.54 18.22
N GLN B 481 20.86 -25.49 18.77
CA GLN B 481 20.98 -26.89 18.38
C GLN B 481 20.57 -27.15 16.94
N GLU B 482 19.91 -26.19 16.28
CA GLU B 482 19.51 -26.35 14.88
C GLU B 482 20.23 -25.37 13.95
N ALA B 483 21.19 -24.61 14.48
CA ALA B 483 22.03 -23.75 13.67
C ALA B 483 23.48 -24.21 13.69
N LYS B 484 23.70 -25.51 13.90
CA LYS B 484 25.05 -26.05 14.07
C LYS B 484 25.90 -25.88 12.82
N ASP B 485 25.52 -26.56 11.72
CA ASP B 485 26.27 -26.48 10.47
C ASP B 485 25.65 -25.47 9.50
N ILE B 486 24.62 -24.75 9.92
CA ILE B 486 24.01 -23.72 9.07
C ILE B 486 24.75 -22.40 9.20
N CYS B 487 25.07 -21.98 10.43
CA CYS B 487 25.86 -20.78 10.67
C CYS B 487 27.01 -21.13 11.62
N GLU B 488 28.20 -21.30 11.06
CA GLU B 488 29.39 -21.60 11.85
C GLU B 488 30.65 -20.88 11.36
N GLU B 489 30.81 -20.66 10.06
CA GLU B 489 32.00 -19.97 9.57
C GLU B 489 32.03 -18.52 10.01
N GLN B 490 30.86 -17.90 10.21
CA GLN B 490 30.81 -16.52 10.67
C GLN B 490 30.99 -16.44 12.19
N VAL B 491 30.41 -17.38 12.93
CA VAL B 491 30.54 -17.46 14.38
C VAL B 491 31.05 -18.86 14.70
N ASN B 492 32.33 -18.97 15.02
CA ASN B 492 32.97 -20.26 15.24
C ASN B 492 32.89 -20.72 16.69
N SER B 493 32.17 -20.00 17.55
CA SER B 493 32.08 -20.33 18.97
C SER B 493 30.77 -21.02 19.31
N LEU B 494 30.29 -21.90 18.45
CA LEU B 494 29.06 -22.63 18.73
C LEU B 494 29.30 -23.86 19.62
N PRO B 495 30.33 -24.68 19.36
CA PRO B 495 30.59 -25.79 20.29
C PRO B 495 30.89 -25.32 21.71
N GLY B 496 31.60 -24.21 21.86
CA GLY B 496 31.89 -23.70 23.19
C GLY B 496 30.66 -23.14 23.88
N SER B 497 29.78 -22.45 23.13
CA SER B 497 28.55 -21.93 23.72
C SER B 497 27.61 -23.06 24.11
N ILE B 498 27.48 -24.08 23.25
CA ILE B 498 26.73 -25.28 23.62
C ILE B 498 27.33 -25.92 24.86
N THR B 499 28.66 -25.96 24.94
CA THR B 499 29.34 -26.53 26.10
C THR B 499 28.96 -25.79 27.38
N LYS B 500 29.13 -24.47 27.38
CA LYS B 500 28.86 -23.68 28.59
C LYS B 500 27.39 -23.71 28.97
N ALA B 501 26.49 -23.60 27.99
CA ALA B 501 25.05 -23.66 28.28
C ALA B 501 24.67 -25.02 28.87
N GLY B 502 25.12 -26.11 28.23
CA GLY B 502 24.85 -27.43 28.75
C GLY B 502 25.45 -27.65 30.12
N ASP B 503 26.60 -27.03 30.40
CA ASP B 503 27.21 -27.15 31.72
C ASP B 503 26.36 -26.44 32.77
N PHE B 504 25.90 -25.22 32.49
CA PHE B 504 25.08 -24.51 33.46
C PHE B 504 23.76 -25.24 33.68
N LEU B 505 23.19 -25.83 32.62
CA LEU B 505 21.94 -26.58 32.77
C LEU B 505 22.16 -27.86 33.57
N GLU B 506 23.21 -28.60 33.26
CA GLU B 506 23.47 -29.88 33.91
C GLU B 506 23.95 -29.72 35.34
N ALA B 507 24.50 -28.55 35.69
CA ALA B 507 24.97 -28.34 37.05
C ALA B 507 23.83 -27.99 38.00
N ASN B 508 23.05 -26.96 37.65
CA ASN B 508 21.92 -26.51 38.47
C ASN B 508 20.60 -27.12 38.03
N TYR B 509 20.61 -28.39 37.65
CA TYR B 509 19.38 -29.05 37.23
C TYR B 509 18.53 -29.50 38.42
N MET B 510 19.16 -29.77 39.56
CA MET B 510 18.45 -30.17 40.75
C MET B 510 17.90 -28.99 41.56
N ASN B 511 18.05 -27.77 41.04
CA ASN B 511 17.47 -26.59 41.67
C ASN B 511 16.14 -26.20 41.05
N LEU B 512 15.68 -26.91 40.03
CA LEU B 512 14.43 -26.57 39.36
C LEU B 512 13.25 -27.10 40.16
N GLN B 513 12.29 -26.23 40.43
CA GLN B 513 11.06 -26.59 41.13
C GLN B 513 9.85 -26.68 40.22
N ARG B 514 9.75 -25.80 39.23
CA ARG B 514 8.64 -25.81 38.31
C ARG B 514 8.83 -26.89 37.24
N SER B 515 7.71 -27.49 36.81
CA SER B 515 7.78 -28.59 35.87
C SER B 515 8.15 -28.12 34.47
N TYR B 516 7.83 -26.86 34.12
CA TYR B 516 8.20 -26.31 32.82
C TYR B 516 9.70 -26.27 32.65
N THR B 517 10.41 -25.73 33.65
CA THR B 517 11.86 -25.68 33.61
C THR B 517 12.44 -27.07 33.45
N VAL B 518 11.94 -28.03 34.24
CA VAL B 518 12.41 -29.41 34.12
C VAL B 518 12.19 -29.93 32.70
N ALA B 519 11.04 -29.64 32.11
CA ALA B 519 10.73 -30.13 30.76
C ALA B 519 11.68 -29.57 29.71
N ILE B 520 11.74 -28.24 29.62
CA ILE B 520 12.54 -27.63 28.54
C ILE B 520 14.02 -27.88 28.76
N ALA B 521 14.47 -27.90 30.03
CA ALA B 521 15.85 -28.21 30.32
C ALA B 521 16.17 -29.67 30.01
N GLY B 522 15.22 -30.58 30.25
CA GLY B 522 15.44 -31.97 29.91
C GLY B 522 15.56 -32.18 28.41
N TYR B 523 14.74 -31.46 27.63
CA TYR B 523 14.87 -31.55 26.18
C TYR B 523 16.20 -30.96 25.71
N ALA B 524 16.60 -29.83 26.30
CA ALA B 524 17.88 -29.22 25.93
C ALA B 524 19.04 -30.14 26.25
N LEU B 525 18.99 -30.84 27.38
CA LEU B 525 20.05 -31.78 27.74
C LEU B 525 19.99 -33.07 26.93
N ALA B 526 18.78 -33.49 26.52
CA ALA B 526 18.66 -34.69 25.71
C ALA B 526 19.16 -34.45 24.29
N GLN B 527 19.04 -33.22 23.78
CA GLN B 527 19.56 -32.92 22.46
C GLN B 527 21.06 -33.12 22.35
N MET B 528 21.80 -33.04 23.46
CA MET B 528 23.24 -33.24 23.46
C MET B 528 23.65 -34.64 23.90
N GLY B 529 22.70 -35.46 24.34
CA GLY B 529 23.05 -36.75 24.92
C GLY B 529 23.52 -36.68 26.35
N ARG B 530 23.16 -35.63 27.08
CA ARG B 530 23.56 -35.45 28.47
C ARG B 530 22.43 -35.68 29.44
N LEU B 531 21.31 -36.27 29.00
CA LEU B 531 20.17 -36.58 29.85
C LEU B 531 20.24 -38.06 30.22
N LYS B 532 20.68 -38.34 31.44
CA LYS B 532 20.89 -39.72 31.89
C LYS B 532 21.10 -39.73 33.39
N GLY B 533 20.68 -40.83 34.01
CA GLY B 533 20.90 -41.04 35.43
C GLY B 533 19.97 -40.24 36.31
N PRO B 534 20.56 -39.52 37.28
CA PRO B 534 19.73 -38.71 38.19
C PRO B 534 18.95 -37.61 37.48
N LEU B 535 19.50 -37.06 36.40
CA LEU B 535 18.75 -36.09 35.63
C LEU B 535 17.56 -36.74 34.94
N LEU B 536 17.75 -37.95 34.40
CA LEU B 536 16.65 -38.66 33.75
C LEU B 536 15.54 -38.99 34.75
N ASN B 537 15.91 -39.58 35.89
CA ASN B 537 14.91 -39.89 36.92
C ASN B 537 14.22 -38.63 37.40
N LYS B 538 15.00 -37.60 37.77
CA LYS B 538 14.42 -36.35 38.25
C LYS B 538 13.47 -35.75 37.23
N PHE B 539 13.83 -35.82 35.95
CA PHE B 539 12.97 -35.27 34.90
C PHE B 539 11.67 -36.05 34.82
N LEU B 540 11.76 -37.37 34.66
CA LEU B 540 10.54 -38.14 34.41
C LEU B 540 9.63 -38.18 35.63
N THR B 541 10.18 -38.01 36.84
CA THR B 541 9.37 -38.12 38.05
C THR B 541 8.32 -37.02 38.11
N THR B 542 8.69 -35.79 37.75
CA THR B 542 7.80 -34.64 37.94
C THR B 542 6.51 -34.78 37.14
N ALA B 543 6.54 -35.51 36.04
CA ALA B 543 5.36 -35.73 35.21
C ALA B 543 4.19 -36.26 36.02
N LYS B 544 3.18 -35.43 36.27
CA LYS B 544 2.02 -35.84 37.04
C LYS B 544 1.15 -36.76 36.19
N ASP B 545 0.82 -37.93 36.75
CA ASP B 545 0.09 -39.01 36.09
C ASP B 545 0.90 -39.61 34.95
N LYS B 546 2.19 -39.31 34.86
CA LYS B 546 3.09 -39.82 33.81
C LYS B 546 2.56 -39.53 32.41
N ASN B 547 1.89 -38.39 32.23
CA ASN B 547 1.49 -37.98 30.89
C ASN B 547 1.33 -36.47 30.74
N ARG B 548 1.76 -35.66 31.71
CA ARG B 548 1.76 -34.22 31.55
C ARG B 548 2.73 -33.59 32.55
N TRP B 549 3.47 -32.60 32.08
CA TRP B 549 4.33 -31.77 32.93
C TRP B 549 3.59 -30.46 33.15
N GLU B 550 3.06 -30.26 34.35
CA GLU B 550 2.14 -29.16 34.60
C GLU B 550 2.47 -28.46 35.91
N ASP B 551 2.01 -27.22 35.99
CA ASP B 551 2.06 -26.37 37.18
C ASP B 551 0.70 -25.70 37.37
N PRO B 552 0.17 -25.69 38.59
CA PRO B 552 -1.13 -25.06 38.82
C PRO B 552 -1.05 -23.54 38.69
N GLY B 553 -1.97 -22.97 37.92
CA GLY B 553 -2.00 -21.54 37.68
C GLY B 553 -1.41 -21.10 36.36
N LYS B 554 -0.69 -21.98 35.67
CA LYS B 554 -0.12 -21.70 34.35
C LYS B 554 -0.59 -22.81 33.42
N GLN B 555 -1.60 -22.51 32.60
CA GLN B 555 -2.29 -23.56 31.85
C GLN B 555 -1.61 -23.86 30.50
N LEU B 556 -1.45 -22.85 29.64
CA LEU B 556 -0.81 -23.08 28.35
C LEU B 556 0.68 -23.39 28.51
N TYR B 557 1.30 -22.88 29.57
CA TYR B 557 2.68 -23.24 29.85
C TYR B 557 2.82 -24.73 30.10
N ASN B 558 1.76 -25.38 30.59
CA ASN B 558 1.78 -26.83 30.74
C ASN B 558 1.70 -27.53 29.38
N VAL B 559 0.99 -26.95 28.41
CA VAL B 559 0.99 -27.50 27.06
C VAL B 559 2.37 -27.37 26.43
N GLU B 560 3.01 -26.21 26.62
CA GLU B 560 4.39 -26.03 26.16
C GLU B 560 5.33 -27.04 26.83
N ALA B 561 5.22 -27.20 28.14
CA ALA B 561 6.11 -28.09 28.87
C ALA B 561 5.90 -29.54 28.46
N THR B 562 4.65 -29.96 28.29
CA THR B 562 4.37 -31.30 27.81
C THR B 562 4.90 -31.50 26.39
N SER B 563 4.83 -30.47 25.54
CA SER B 563 5.38 -30.58 24.19
C SER B 563 6.90 -30.74 24.21
N TYR B 564 7.59 -29.87 24.96
CA TYR B 564 9.04 -29.98 25.07
C TYR B 564 9.45 -31.32 25.65
N ALA B 565 8.70 -31.80 26.64
CA ALA B 565 9.00 -33.10 27.23
C ALA B 565 8.78 -34.23 26.23
N LEU B 566 7.75 -34.11 25.39
CA LEU B 566 7.53 -35.12 24.35
C LEU B 566 8.67 -35.11 23.35
N LEU B 567 9.20 -33.93 23.03
CA LEU B 567 10.38 -33.86 22.18
C LEU B 567 11.59 -34.47 22.86
N ALA B 568 11.70 -34.34 24.17
CA ALA B 568 12.77 -34.99 24.91
C ALA B 568 12.64 -36.51 24.84
N LEU B 569 11.42 -37.02 24.98
CA LEU B 569 11.19 -38.46 24.90
C LEU B 569 11.48 -39.00 23.52
N LEU B 570 11.02 -38.30 22.47
CA LEU B 570 11.32 -38.72 21.11
C LEU B 570 12.80 -38.57 20.79
N GLN B 571 13.49 -37.67 21.47
CA GLN B 571 14.94 -37.52 21.27
C GLN B 571 15.70 -38.71 21.83
N LEU B 572 15.27 -39.22 22.99
CA LEU B 572 15.87 -40.40 23.59
C LEU B 572 15.44 -41.70 22.90
N LYS B 573 14.57 -41.62 21.90
CA LYS B 573 14.08 -42.79 21.17
C LYS B 573 13.34 -43.76 22.10
N ASP B 574 12.65 -43.22 23.10
CA ASP B 574 11.85 -44.02 24.02
C ASP B 574 10.42 -44.10 23.50
N PHE B 575 9.90 -45.32 23.34
CA PHE B 575 8.59 -45.54 22.77
C PHE B 575 7.64 -46.19 23.77
N ASP B 576 7.79 -45.86 25.06
CA ASP B 576 6.91 -46.37 26.09
C ASP B 576 6.11 -45.26 26.77
N PHE B 577 6.78 -44.18 27.18
CA PHE B 577 6.11 -43.08 27.88
C PHE B 577 5.40 -42.13 26.94
N VAL B 578 5.29 -42.46 25.66
CA VAL B 578 4.80 -41.51 24.65
C VAL B 578 3.29 -41.57 24.47
N PRO B 579 2.66 -42.73 24.24
CA PRO B 579 1.23 -42.74 23.90
C PRO B 579 0.35 -41.98 24.88
N PRO B 580 0.59 -42.09 26.20
CA PRO B 580 -0.21 -41.26 27.12
C PRO B 580 0.03 -39.77 26.92
N VAL B 581 1.27 -39.37 26.63
CA VAL B 581 1.56 -37.95 26.42
C VAL B 581 0.91 -37.45 25.13
N VAL B 582 0.85 -38.30 24.10
CA VAL B 582 0.16 -37.93 22.86
C VAL B 582 -1.33 -37.81 23.11
N ARG B 583 -1.91 -38.75 23.87
CA ARG B 583 -3.33 -38.67 24.20
C ARG B 583 -3.66 -37.41 24.99
N TRP B 584 -2.75 -36.97 25.87
CA TRP B 584 -2.99 -35.76 26.64
C TRP B 584 -2.81 -34.50 25.79
N LEU B 585 -1.74 -34.45 24.99
CA LEU B 585 -1.51 -33.28 24.14
C LEU B 585 -2.59 -33.13 23.08
N ASN B 586 -3.19 -34.23 22.63
CA ASN B 586 -4.20 -34.14 21.60
C ASN B 586 -5.53 -33.60 22.11
N GLU B 587 -5.73 -33.57 23.43
CA GLU B 587 -6.99 -33.16 24.03
C GLU B 587 -6.88 -31.83 24.78
N GLN B 588 -5.87 -31.03 24.47
CA GLN B 588 -5.73 -29.71 25.06
C GLN B 588 -6.26 -28.60 24.17
N ARG B 589 -7.00 -28.96 23.12
CA ARG B 589 -7.54 -27.98 22.18
C ARG B 589 -8.76 -27.32 22.82
N TYR B 590 -8.57 -26.09 23.32
CA TYR B 590 -9.60 -25.40 24.07
C TYR B 590 -10.28 -24.28 23.30
N TYR B 591 -9.64 -23.72 22.28
CA TYR B 591 -10.14 -22.56 21.55
C TYR B 591 -10.31 -22.98 20.09
N GLY B 592 -11.50 -23.48 19.76
CA GLY B 592 -11.70 -24.11 18.49
C GLY B 592 -10.93 -25.43 18.43
N GLY B 593 -10.77 -25.93 17.20
CA GLY B 593 -9.95 -27.12 17.01
C GLY B 593 -8.50 -26.90 17.37
N GLY B 594 -8.02 -25.66 17.32
CA GLY B 594 -6.65 -25.33 17.63
C GLY B 594 -6.45 -24.90 19.07
N TYR B 595 -5.39 -24.12 19.29
CA TYR B 595 -4.99 -23.68 20.62
C TYR B 595 -4.97 -22.16 20.66
N GLY B 596 -4.85 -21.64 21.88
CA GLY B 596 -4.89 -20.20 22.09
C GLY B 596 -3.67 -19.44 21.60
N SER B 597 -2.56 -19.56 22.34
CA SER B 597 -1.38 -18.79 22.02
C SER B 597 -0.68 -19.38 20.80
N THR B 598 0.40 -18.70 20.38
CA THR B 598 1.20 -19.17 19.26
C THR B 598 2.13 -20.30 19.68
N GLN B 599 2.81 -20.13 20.81
CA GLN B 599 3.79 -21.11 21.26
C GLN B 599 3.16 -22.48 21.48
N ALA B 600 1.94 -22.51 22.03
CA ALA B 600 1.27 -23.78 22.25
C ALA B 600 1.02 -24.51 20.94
N THR B 601 0.41 -23.83 19.97
CA THR B 601 0.12 -24.47 18.70
C THR B 601 1.39 -24.90 18.01
N PHE B 602 2.44 -24.06 18.06
CA PHE B 602 3.70 -24.39 17.40
C PHE B 602 4.33 -25.63 18.02
N MET B 603 4.43 -25.69 19.35
CA MET B 603 5.13 -26.79 20.00
C MET B 603 4.33 -28.08 19.93
N VAL B 604 3.02 -28.00 20.07
CA VAL B 604 2.19 -29.19 19.88
C VAL B 604 2.30 -29.68 18.45
N PHE B 605 2.31 -28.75 17.49
CA PHE B 605 2.52 -29.12 16.09
C PHE B 605 3.85 -29.88 15.95
N GLN B 606 4.93 -29.32 16.47
CA GLN B 606 6.24 -29.94 16.30
C GLN B 606 6.29 -31.33 16.94
N ALA B 607 5.81 -31.46 18.18
CA ALA B 607 5.91 -32.73 18.92
C ALA B 607 4.99 -33.79 18.32
N LEU B 608 3.69 -33.48 18.20
CA LEU B 608 2.76 -34.43 17.62
C LEU B 608 3.13 -34.77 16.18
N ALA B 609 3.77 -33.84 15.46
CA ALA B 609 4.21 -34.14 14.11
C ALA B 609 5.42 -35.07 14.12
N GLN B 610 6.32 -34.86 15.07
CA GLN B 610 7.54 -35.66 15.13
C GLN B 610 7.35 -36.99 15.85
N TYR B 611 6.16 -37.26 16.39
CA TYR B 611 5.90 -38.64 16.80
C TYR B 611 5.82 -39.57 15.59
N GLN B 612 5.49 -39.03 14.42
CA GLN B 612 5.50 -39.79 13.17
C GLN B 612 6.78 -39.56 12.38
N LYS B 613 7.93 -39.73 13.04
CA LYS B 613 9.20 -39.75 12.31
C LYS B 613 9.18 -40.83 11.23
N ASP B 614 9.06 -42.09 11.66
CA ASP B 614 8.89 -43.21 10.76
C ASP B 614 7.58 -43.90 11.09
N ALA B 615 7.40 -45.14 10.63
CA ALA B 615 6.28 -45.98 11.03
C ALA B 615 6.85 -47.22 11.70
N PRO B 616 7.49 -47.07 12.87
CA PRO B 616 8.08 -48.24 13.54
C PRO B 616 7.05 -48.94 14.40
N ASP B 617 6.27 -49.83 13.78
CA ASP B 617 5.10 -50.45 14.41
C ASP B 617 4.08 -49.38 14.85
N HIS B 618 4.03 -48.27 14.12
CA HIS B 618 3.12 -47.18 14.43
C HIS B 618 1.78 -47.41 13.73
N GLN B 619 0.74 -46.86 14.34
CA GLN B 619 -0.63 -47.12 13.88
C GLN B 619 -0.88 -46.46 12.52
N GLU B 620 -1.38 -47.25 11.57
CA GLU B 620 -1.83 -46.74 10.29
C GLU B 620 -3.33 -46.48 10.32
N LEU B 621 -3.77 -45.48 9.56
CA LEU B 621 -5.13 -44.99 9.64
C LEU B 621 -6.10 -45.87 8.85
N ASN B 622 -7.15 -46.33 9.53
CA ASN B 622 -8.27 -47.02 8.90
C ASN B 622 -9.43 -47.10 9.89
N LEU B 623 -9.97 -45.95 10.26
CA LEU B 623 -11.01 -45.88 11.28
C LEU B 623 -12.40 -45.97 10.67
N ASP B 624 -13.33 -46.54 11.43
CA ASP B 624 -14.73 -46.68 11.04
C ASP B 624 -15.56 -45.96 12.10
N VAL B 625 -15.63 -44.64 12.00
CA VAL B 625 -16.25 -43.87 13.08
C VAL B 625 -17.72 -43.62 12.73
N SER B 626 -18.61 -44.13 13.57
CA SER B 626 -20.05 -43.95 13.40
C SER B 626 -20.54 -43.01 14.48
N LEU B 627 -21.50 -42.16 14.14
CA LEU B 627 -22.02 -41.17 15.06
C LEU B 627 -23.53 -41.25 15.05
N GLN B 628 -24.12 -41.43 16.22
CA GLN B 628 -25.58 -41.46 16.39
C GLN B 628 -25.99 -40.09 16.88
N LEU B 629 -26.36 -39.23 15.94
CA LEU B 629 -26.75 -37.87 16.32
C LEU B 629 -28.26 -37.82 16.55
N PRO B 630 -28.71 -37.21 17.64
CA PRO B 630 -30.16 -37.12 17.88
C PRO B 630 -30.88 -36.25 16.87
N SER B 631 -30.19 -35.24 16.31
CA SER B 631 -30.82 -34.36 15.33
C SER B 631 -31.08 -35.07 14.01
N ARG B 632 -30.21 -36.00 13.63
CA ARG B 632 -30.38 -36.73 12.38
C ARG B 632 -31.19 -38.01 12.60
N SER B 633 -31.78 -38.51 11.52
CA SER B 633 -32.68 -39.65 11.60
C SER B 633 -31.97 -40.99 11.52
N SER B 634 -30.71 -41.01 11.09
CA SER B 634 -29.97 -42.26 10.92
C SER B 634 -28.54 -42.07 11.39
N LYS B 635 -27.80 -43.18 11.44
CA LYS B 635 -26.39 -43.14 11.81
C LYS B 635 -25.59 -42.46 10.72
N ILE B 636 -24.44 -41.92 11.10
CA ILE B 636 -23.53 -41.28 10.15
C ILE B 636 -22.17 -41.97 10.26
N THR B 637 -21.78 -42.68 9.20
CA THR B 637 -20.60 -43.53 9.22
C THR B 637 -19.51 -42.93 8.32
N HIS B 638 -18.56 -42.23 8.93
CA HIS B 638 -17.42 -41.75 8.18
C HIS B 638 -16.29 -42.77 8.27
N ARG B 639 -15.58 -42.94 7.15
CA ARG B 639 -14.47 -43.88 7.02
C ARG B 639 -13.31 -43.17 6.35
N ILE B 640 -12.35 -42.70 7.17
CA ILE B 640 -11.14 -42.04 6.69
C ILE B 640 -10.02 -43.07 6.68
N HIS B 641 -9.36 -43.21 5.54
CA HIS B 641 -8.29 -44.18 5.36
C HIS B 641 -6.96 -43.48 5.10
N TRP B 642 -5.88 -44.19 5.39
CA TRP B 642 -4.56 -43.75 4.97
C TRP B 642 -4.46 -43.82 3.44
N GLU B 643 -3.50 -43.07 2.91
CA GLU B 643 -3.34 -42.89 1.46
C GLU B 643 -4.58 -42.26 0.83
N SER B 644 -5.28 -41.44 1.60
CA SER B 644 -6.37 -40.62 1.08
C SER B 644 -5.95 -39.16 1.07
N ALA B 645 -6.43 -38.43 0.07
CA ALA B 645 -6.03 -37.02 -0.07
C ALA B 645 -6.43 -36.21 1.16
N SER B 646 -7.63 -36.41 1.66
CA SER B 646 -8.14 -35.68 2.82
C SER B 646 -8.22 -36.64 4.00
N LEU B 647 -7.29 -36.51 4.93
CA LEU B 647 -7.37 -37.19 6.22
C LEU B 647 -8.30 -36.46 7.18
N LEU B 648 -9.23 -35.66 6.67
CA LEU B 648 -10.11 -34.85 7.49
C LEU B 648 -11.52 -34.92 6.92
N ARG B 649 -12.50 -35.06 7.81
CA ARG B 649 -13.89 -35.00 7.40
C ARG B 649 -14.70 -34.28 8.48
N SER B 650 -15.67 -33.48 8.06
CA SER B 650 -16.42 -32.68 9.03
C SER B 650 -17.89 -32.61 8.63
N GLU B 651 -18.74 -32.43 9.64
CA GLU B 651 -20.17 -32.23 9.43
C GLU B 651 -20.63 -31.04 10.26
N GLU B 652 -21.79 -30.49 9.89
CA GLU B 652 -22.35 -29.34 10.58
C GLU B 652 -23.82 -29.61 10.88
N THR B 653 -24.24 -29.31 12.10
CA THR B 653 -25.63 -29.43 12.49
C THR B 653 -26.11 -28.14 13.14
N LYS B 654 -27.33 -27.74 12.81
CA LYS B 654 -27.89 -26.48 13.28
C LYS B 654 -28.67 -26.64 14.58
N GLU B 655 -28.63 -27.81 15.21
CA GLU B 655 -29.31 -28.05 16.47
C GLU B 655 -28.32 -28.62 17.47
N ASN B 656 -28.23 -27.99 18.64
CA ASN B 656 -27.29 -28.41 19.68
C ASN B 656 -27.85 -29.62 20.41
N GLU B 657 -27.16 -30.76 20.29
CA GLU B 657 -27.57 -32.00 20.93
C GLU B 657 -26.34 -32.71 21.48
N GLY B 658 -26.57 -33.64 22.40
CA GLY B 658 -25.51 -34.47 22.91
C GLY B 658 -25.50 -35.83 22.22
N PHE B 659 -24.50 -36.07 21.36
CA PHE B 659 -24.46 -37.24 20.52
C PHE B 659 -23.38 -38.22 20.97
N THR B 660 -23.62 -39.51 20.68
CA THR B 660 -22.70 -40.59 21.00
C THR B 660 -21.92 -40.98 19.75
N VAL B 661 -20.61 -41.18 19.93
CA VAL B 661 -19.67 -41.50 18.87
C VAL B 661 -19.09 -42.88 19.17
N THR B 662 -18.92 -43.69 18.14
CA THR B 662 -18.38 -45.03 18.30
C THR B 662 -17.27 -45.21 17.26
N ALA B 663 -16.02 -45.22 17.73
CA ALA B 663 -14.89 -45.47 16.86
C ALA B 663 -14.69 -46.96 16.69
N GLU B 664 -14.02 -47.33 15.61
CA GLU B 664 -13.74 -48.74 15.34
C GLU B 664 -12.60 -48.84 14.36
N GLY B 665 -11.91 -49.98 14.39
CA GLY B 665 -10.83 -50.25 13.48
C GLY B 665 -9.47 -49.88 14.02
N LYS B 666 -8.54 -49.56 13.13
CA LYS B 666 -7.17 -49.22 13.50
C LYS B 666 -6.89 -47.78 13.09
N GLY B 667 -6.32 -47.00 14.00
CA GLY B 667 -6.02 -45.61 13.72
C GLY B 667 -6.20 -44.70 14.92
N GLN B 668 -5.34 -43.69 15.04
CA GLN B 668 -5.42 -42.70 16.11
C GLN B 668 -5.75 -41.35 15.50
N GLY B 669 -6.85 -40.76 15.95
CA GLY B 669 -7.32 -39.49 15.44
C GLY B 669 -7.89 -38.59 16.52
N THR B 670 -8.61 -37.55 16.11
CA THR B 670 -9.11 -36.53 17.03
C THR B 670 -10.55 -36.20 16.70
N LEU B 671 -11.36 -36.03 17.75
CA LEU B 671 -12.75 -35.59 17.60
C LEU B 671 -12.86 -34.23 18.28
N SER B 672 -13.01 -33.19 17.44
CA SER B 672 -13.15 -31.80 17.85
C SER B 672 -14.62 -31.43 17.72
N VAL B 673 -15.31 -31.17 18.83
CA VAL B 673 -16.71 -30.78 18.74
C VAL B 673 -16.79 -29.30 19.13
N VAL B 674 -17.05 -28.42 18.15
CA VAL B 674 -17.06 -26.99 18.45
C VAL B 674 -18.40 -26.40 18.05
N THR B 675 -18.94 -25.51 18.88
CA THR B 675 -20.17 -24.81 18.55
C THR B 675 -19.91 -23.33 18.34
N MET B 676 -20.91 -22.66 17.77
CA MET B 676 -20.83 -21.23 17.51
C MET B 676 -22.17 -20.60 17.88
N TYR B 677 -22.16 -19.72 18.88
CA TYR B 677 -23.37 -19.05 19.35
C TYR B 677 -23.03 -17.62 19.76
N HIS B 678 -24.05 -16.85 20.10
CA HIS B 678 -23.88 -15.46 20.50
C HIS B 678 -24.29 -15.31 21.95
N ALA B 679 -23.33 -14.96 22.81
CA ALA B 679 -23.60 -14.79 24.22
C ALA B 679 -24.03 -13.37 24.53
N LYS B 680 -24.75 -13.24 25.64
CA LYS B 680 -25.24 -11.95 26.11
C LYS B 680 -24.07 -11.05 26.52
N ALA B 681 -24.41 -9.83 26.93
CA ALA B 681 -23.42 -8.80 27.24
C ALA B 681 -23.19 -8.65 28.74
N LYS B 682 -23.41 -9.71 29.52
CA LYS B 682 -23.18 -9.65 30.95
C LYS B 682 -21.69 -9.70 31.25
N ASP B 683 -21.26 -8.90 32.23
CA ASP B 683 -19.86 -8.89 32.63
C ASP B 683 -19.47 -10.25 33.21
N GLN B 684 -18.16 -10.49 33.26
CA GLN B 684 -17.66 -11.79 33.68
C GLN B 684 -18.08 -12.11 35.11
N LEU B 685 -18.68 -13.27 35.30
CA LEU B 685 -19.10 -13.70 36.63
C LEU B 685 -17.89 -13.76 37.57
N THR B 686 -16.91 -14.61 37.25
CA THR B 686 -15.69 -14.73 38.03
C THR B 686 -14.50 -14.52 37.10
N CYS B 687 -13.79 -13.41 37.27
CA CYS B 687 -12.59 -13.14 36.49
C CYS B 687 -11.40 -13.86 37.12
N ASN B 688 -10.75 -14.73 36.36
CA ASN B 688 -9.75 -15.65 36.89
C ASN B 688 -8.55 -14.91 37.47
N LYS B 689 -7.71 -14.34 36.59
CA LYS B 689 -6.43 -13.78 37.01
C LYS B 689 -6.28 -12.33 36.59
N PHE B 690 -7.38 -11.57 36.58
CA PHE B 690 -7.30 -10.20 36.13
C PHE B 690 -8.40 -9.37 36.77
N ASP B 691 -8.04 -8.17 37.22
CA ASP B 691 -9.01 -7.15 37.61
C ASP B 691 -9.12 -6.15 36.45
N LEU B 692 -10.35 -5.79 36.10
CA LEU B 692 -10.57 -4.93 34.94
C LEU B 692 -11.80 -4.06 35.18
N LYS B 693 -11.64 -2.76 34.97
CA LYS B 693 -12.71 -1.77 35.11
C LYS B 693 -12.73 -0.91 33.85
N VAL B 694 -13.90 -0.74 33.28
CA VAL B 694 -14.07 0.05 32.07
C VAL B 694 -15.15 1.09 32.30
N THR B 695 -14.84 2.36 32.00
CA THR B 695 -15.81 3.43 32.15
C THR B 695 -15.78 4.31 30.91
N ILE B 696 -16.94 4.85 30.55
CA ILE B 696 -17.04 5.76 29.40
C ILE B 696 -17.75 7.03 29.85
N LYS B 697 -17.11 8.17 29.58
CA LYS B 697 -17.60 9.47 30.03
C LYS B 697 -17.60 10.45 28.87
N PRO B 698 -18.64 11.26 28.70
CA PRO B 698 -18.67 12.18 27.56
C PRO B 698 -17.68 13.32 27.72
N ALA B 699 -17.19 13.82 26.58
CA ALA B 699 -16.24 14.92 26.48
C ALA B 699 -16.97 16.25 26.28
N PRO B 700 -16.33 17.38 26.62
CA PRO B 700 -16.98 18.67 26.42
C PRO B 700 -17.24 18.98 24.96
N GLU B 701 -18.25 19.81 24.72
CA GLU B 701 -18.67 20.13 23.35
C GLU B 701 -17.71 21.09 22.69
N THR B 702 -17.32 22.17 23.40
CA THR B 702 -16.42 23.16 22.82
C THR B 702 -15.07 22.54 22.46
N GLU B 703 -14.66 21.50 23.18
CA GLU B 703 -13.44 20.78 22.82
C GLU B 703 -13.61 20.18 21.42
N LYS B 704 -12.70 20.54 20.52
CA LYS B 704 -12.89 20.29 19.10
C LYS B 704 -12.90 18.79 18.79
N ARG B 705 -13.76 18.42 17.86
CA ARG B 705 -13.91 17.07 17.35
C ARG B 705 -13.75 17.09 15.83
N PRO B 706 -13.45 15.95 15.21
CA PRO B 706 -13.37 15.91 13.75
C PRO B 706 -14.66 16.35 13.09
N GLN B 707 -14.54 16.70 11.80
CA GLN B 707 -15.66 17.33 11.10
C GLN B 707 -16.83 16.36 10.95
N ASP B 708 -16.57 15.15 10.44
CA ASP B 708 -17.65 14.19 10.24
C ASP B 708 -18.23 13.68 11.54
N ALA B 709 -17.49 13.79 12.64
CA ALA B 709 -17.95 13.28 13.92
C ALA B 709 -19.14 14.10 14.43
N LYS B 710 -20.08 13.41 15.06
CA LYS B 710 -21.22 14.03 15.72
C LYS B 710 -20.99 14.18 17.22
N ASN B 711 -20.56 13.13 17.92
CA ASN B 711 -20.31 13.29 19.34
C ASN B 711 -18.98 12.66 19.71
N THR B 712 -18.30 13.25 20.69
CA THR B 712 -17.04 12.71 21.17
C THR B 712 -17.17 12.33 22.64
N MET B 713 -16.61 11.17 22.98
CA MET B 713 -16.62 10.67 24.35
C MET B 713 -15.23 10.15 24.68
N ILE B 714 -14.94 10.06 25.97
CA ILE B 714 -13.68 9.55 26.48
C ILE B 714 -13.92 8.13 26.96
N LEU B 715 -13.01 7.21 26.63
CA LEU B 715 -13.08 5.84 27.10
C LEU B 715 -11.86 5.58 27.98
N GLU B 716 -12.11 5.10 29.19
CA GLU B 716 -11.09 4.88 30.21
C GLU B 716 -11.06 3.40 30.55
N ILE B 717 -9.89 2.78 30.47
CA ILE B 717 -9.73 1.38 30.81
C ILE B 717 -8.64 1.25 31.87
N CYS B 718 -8.96 0.57 32.97
CA CYS B 718 -8.03 0.35 34.07
C CYS B 718 -7.93 -1.15 34.35
N THR B 719 -6.73 -1.69 34.32
CA THR B 719 -6.55 -3.12 34.52
C THR B 719 -5.46 -3.35 35.56
N ARG B 720 -5.46 -4.57 36.11
CA ARG B 720 -4.46 -4.94 37.10
C ARG B 720 -4.30 -6.46 37.11
N TYR B 721 -3.06 -6.91 37.23
CA TYR B 721 -2.76 -8.32 37.40
C TYR B 721 -2.88 -8.70 38.86
N ARG B 722 -3.43 -9.88 39.13
CA ARG B 722 -3.58 -10.39 40.49
C ARG B 722 -2.47 -11.36 40.87
N GLY B 723 -1.46 -11.53 40.02
CA GLY B 723 -0.39 -12.46 40.29
C GLY B 723 0.61 -11.94 41.30
N ASP B 724 1.54 -12.82 41.67
CA ASP B 724 2.59 -12.44 42.60
C ASP B 724 3.61 -11.49 41.99
N GLN B 725 3.69 -11.43 40.65
CA GLN B 725 4.59 -10.52 39.96
C GLN B 725 3.84 -9.84 38.82
N ASP B 726 4.54 -9.08 37.99
CA ASP B 726 3.90 -8.37 36.89
C ASP B 726 3.58 -9.32 35.75
N ALA B 727 2.44 -9.09 35.09
CA ALA B 727 2.10 -9.84 33.90
C ALA B 727 3.12 -9.54 32.80
N THR B 728 3.40 -10.55 31.98
CA THR B 728 4.48 -10.44 31.01
C THR B 728 4.03 -9.95 29.64
N MET B 729 2.78 -10.20 29.26
CA MET B 729 2.31 -9.75 27.94
C MET B 729 0.79 -9.67 28.00
N SER B 730 0.23 -8.50 27.69
CA SER B 730 -1.22 -8.43 27.82
C SER B 730 -1.87 -7.78 26.60
N ILE B 731 -3.08 -8.25 26.29
CA ILE B 731 -3.85 -7.71 25.19
C ILE B 731 -5.18 -7.15 25.69
N LEU B 732 -5.48 -5.92 25.26
CA LEU B 732 -6.78 -5.26 25.42
C LEU B 732 -7.52 -5.37 24.08
N ASP B 733 -8.49 -6.25 24.02
CA ASP B 733 -9.28 -6.51 22.81
C ASP B 733 -10.59 -5.76 23.00
N ILE B 734 -10.67 -4.55 22.45
CA ILE B 734 -11.85 -3.70 22.62
C ILE B 734 -12.67 -3.77 21.33
N SER B 735 -13.90 -4.25 21.42
CA SER B 735 -14.81 -4.21 20.29
C SER B 735 -15.62 -2.92 20.38
N MET B 736 -15.60 -2.13 19.31
CA MET B 736 -16.25 -0.83 19.31
C MET B 736 -17.77 -0.98 19.25
N MET B 737 -18.46 -0.01 19.86
CA MET B 737 -19.89 0.06 19.66
C MET B 737 -20.20 0.50 18.22
N THR B 738 -21.44 0.26 17.80
CA THR B 738 -21.82 0.56 16.43
C THR B 738 -21.78 2.06 16.16
N GLY B 739 -21.10 2.45 15.09
CA GLY B 739 -20.93 3.84 14.75
C GLY B 739 -19.81 4.54 15.47
N PHE B 740 -18.97 3.82 16.19
CA PHE B 740 -17.87 4.40 16.94
C PHE B 740 -16.53 4.07 16.28
N ALA B 741 -15.53 4.93 16.54
CA ALA B 741 -14.18 4.60 16.12
C ALA B 741 -13.20 5.32 17.02
N PRO B 742 -12.02 4.75 17.26
CA PRO B 742 -11.07 5.40 18.17
C PRO B 742 -10.37 6.58 17.54
N ASP B 743 -9.86 7.46 18.40
CA ASP B 743 -9.11 8.64 17.97
C ASP B 743 -7.64 8.23 17.81
N THR B 744 -7.18 8.14 16.56
CA THR B 744 -5.83 7.70 16.29
C THR B 744 -4.77 8.70 16.76
N ASP B 745 -5.16 9.96 17.00
CA ASP B 745 -4.21 10.93 17.52
C ASP B 745 -3.74 10.54 18.92
N ASP B 746 -4.68 10.25 19.82
CA ASP B 746 -4.32 9.84 21.18
C ASP B 746 -3.56 8.52 21.16
N LEU B 747 -4.01 7.56 20.35
CA LEU B 747 -3.29 6.30 20.23
C LEU B 747 -1.85 6.52 19.80
N LYS B 748 -1.63 7.43 18.84
CA LYS B 748 -0.28 7.75 18.42
C LYS B 748 0.51 8.38 19.58
N GLN B 749 -0.13 9.27 20.35
CA GLN B 749 0.54 9.90 21.48
C GLN B 749 0.96 8.89 22.53
N LEU B 750 0.17 7.85 22.74
CA LEU B 750 0.46 6.86 23.77
C LEU B 750 1.41 5.78 23.30
N ALA B 751 1.37 5.44 22.01
CA ALA B 751 2.22 4.38 21.48
C ALA B 751 3.58 4.88 21.02
N ASN B 752 3.70 6.15 20.63
CA ASN B 752 4.94 6.65 20.05
C ASN B 752 5.61 7.74 20.87
N GLY B 753 4.94 8.31 21.86
CA GLY B 753 5.53 9.35 22.67
C GLY B 753 6.65 8.83 23.57
N VAL B 754 7.27 9.76 24.28
CA VAL B 754 8.35 9.37 25.20
C VAL B 754 7.78 8.69 26.44
N ASP B 755 6.62 9.15 26.92
CA ASP B 755 5.90 8.48 28.00
C ASP B 755 5.02 7.41 27.36
N ARG B 756 5.56 6.20 27.24
CA ARG B 756 4.89 5.12 26.54
C ARG B 756 3.95 4.38 27.48
N TYR B 757 2.70 4.18 27.04
CA TYR B 757 1.74 3.36 27.73
C TYR B 757 1.18 2.25 26.86
N ILE B 758 1.46 2.29 25.55
CA ILE B 758 0.99 1.29 24.60
C ILE B 758 2.18 0.86 23.75
N SER B 759 2.36 -0.45 23.59
CA SER B 759 3.39 -0.93 22.68
C SER B 759 3.03 -0.60 21.24
N LYS B 760 1.81 -0.92 20.82
CA LYS B 760 1.26 -0.54 19.52
C LYS B 760 -0.21 -0.90 19.48
N TYR B 761 -0.97 -0.13 18.71
CA TYR B 761 -2.37 -0.43 18.43
C TYR B 761 -2.49 -1.08 17.04
N GLU B 762 -3.69 -1.58 16.74
CA GLU B 762 -3.85 -2.33 15.50
C GLU B 762 -5.10 -1.93 14.72
N LEU B 763 -6.26 -1.88 15.39
CA LEU B 763 -7.55 -1.74 14.71
C LEU B 763 -7.76 -2.88 13.71
N ASP B 764 -7.26 -4.07 14.07
CA ASP B 764 -7.31 -5.23 13.19
C ASP B 764 -8.74 -5.70 12.95
N LYS B 765 -9.38 -5.16 11.92
CA LYS B 765 -10.71 -5.61 11.54
C LYS B 765 -10.59 -6.94 10.78
N ALA B 766 -11.18 -7.99 11.34
CA ALA B 766 -11.23 -9.30 10.70
C ALA B 766 -12.58 -9.57 10.07
N PHE B 767 -13.43 -8.55 9.91
CA PHE B 767 -14.77 -8.67 9.37
C PHE B 767 -15.63 -9.63 10.21
N SER B 768 -15.68 -9.34 11.50
CA SER B 768 -16.46 -10.14 12.44
C SER B 768 -17.11 -9.18 13.42
N ASP B 769 -18.46 -9.16 13.42
CA ASP B 769 -19.24 -8.24 14.23
C ASP B 769 -18.73 -6.82 14.02
N ARG B 770 -18.56 -6.04 15.09
CA ARG B 770 -18.01 -4.71 14.90
C ARG B 770 -16.49 -4.77 14.80
N ASN B 771 -15.91 -3.68 14.32
CA ASN B 771 -14.46 -3.60 14.18
C ASN B 771 -13.80 -3.54 15.55
N THR B 772 -12.71 -4.28 15.69
CA THR B 772 -11.99 -4.37 16.95
C THR B 772 -10.77 -3.47 16.95
N LEU B 773 -10.31 -3.17 18.17
CA LEU B 773 -9.12 -2.37 18.42
C LEU B 773 -8.30 -3.18 19.42
N ILE B 774 -7.18 -3.72 18.94
CA ILE B 774 -6.27 -4.50 19.76
C ILE B 774 -5.18 -3.57 20.26
N ILE B 775 -4.96 -3.58 21.57
CA ILE B 775 -3.92 -2.77 22.20
C ILE B 775 -2.93 -3.74 22.85
N TYR B 776 -1.65 -3.49 22.62
CA TYR B 776 -0.57 -4.32 23.16
C TYR B 776 0.06 -3.64 24.37
N LEU B 777 0.17 -4.37 25.48
CA LEU B 777 0.84 -3.87 26.67
C LEU B 777 2.01 -4.78 27.03
N ASP B 778 3.18 -4.15 27.16
CA ASP B 778 4.41 -4.84 27.55
C ASP B 778 4.28 -5.53 28.90
N LYS B 779 3.49 -4.96 29.81
CA LYS B 779 3.29 -5.56 31.12
C LYS B 779 2.07 -4.94 31.78
N VAL B 780 1.52 -5.67 32.75
CA VAL B 780 0.44 -5.17 33.61
C VAL B 780 0.89 -5.39 35.04
N SER B 781 1.09 -4.29 35.77
CA SER B 781 1.63 -4.37 37.12
C SER B 781 0.57 -4.86 38.10
N HIS B 782 1.03 -5.63 39.09
CA HIS B 782 0.18 -6.11 40.18
C HIS B 782 0.19 -5.17 41.38
N SER B 783 1.13 -4.24 41.44
CA SER B 783 1.20 -3.29 42.54
C SER B 783 0.22 -2.13 42.39
N GLU B 784 -0.42 -1.99 41.24
CA GLU B 784 -1.28 -0.84 40.95
C GLU B 784 -2.14 -1.18 39.74
N ASP B 785 -2.92 -0.20 39.31
CA ASP B 785 -3.74 -0.32 38.11
C ASP B 785 -3.08 0.46 36.97
N ASP B 786 -2.99 -0.18 35.81
CA ASP B 786 -2.43 0.47 34.62
C ASP B 786 -3.56 1.13 33.85
N CYS B 787 -4.00 2.28 34.35
CA CYS B 787 -5.08 3.01 33.69
C CYS B 787 -4.56 3.69 32.43
N LEU B 788 -5.40 3.69 31.40
CA LEU B 788 -5.10 4.43 30.18
C LEU B 788 -6.42 4.76 29.50
N ALA B 789 -6.50 5.96 28.93
CA ALA B 789 -7.73 6.46 28.35
C ALA B 789 -7.44 7.07 26.99
N PHE B 790 -8.49 7.15 26.17
CA PHE B 790 -8.38 7.76 24.86
C PHE B 790 -9.77 8.15 24.37
N LYS B 791 -9.79 9.06 23.40
CA LYS B 791 -11.05 9.53 22.85
C LYS B 791 -11.64 8.50 21.89
N VAL B 792 -12.96 8.43 21.86
CA VAL B 792 -13.72 7.66 20.89
C VAL B 792 -14.75 8.60 20.27
N HIS B 793 -14.85 8.56 18.95
CA HIS B 793 -15.76 9.46 18.24
C HIS B 793 -16.91 8.66 17.63
N GLN B 794 -18.12 9.20 17.80
CA GLN B 794 -19.36 8.66 17.26
C GLN B 794 -19.70 9.49 16.04
N TYR B 795 -19.38 8.93 14.88
CA TYR B 795 -19.62 9.50 13.55
C TYR B 795 -21.04 9.26 13.06
N PHE B 796 -21.76 8.33 13.67
CA PHE B 796 -23.18 8.16 13.43
C PHE B 796 -23.86 8.03 14.79
N ASN B 797 -24.76 8.96 15.10
CA ASN B 797 -25.44 8.91 16.39
C ASN B 797 -26.46 7.79 16.42
N VAL B 798 -26.36 6.94 17.43
CA VAL B 798 -27.18 5.74 17.56
C VAL B 798 -27.95 5.81 18.86
N GLU B 799 -29.17 5.30 18.84
CA GLU B 799 -29.97 5.14 20.05
C GLU B 799 -30.25 3.66 20.28
N LEU B 800 -30.60 3.32 21.52
CA LEU B 800 -30.73 1.94 21.96
C LEU B 800 -29.45 1.15 21.68
N ILE B 801 -28.31 1.78 21.93
CA ILE B 801 -27.02 1.20 21.61
C ILE B 801 -26.81 -0.06 22.44
N GLN B 802 -26.38 -1.14 21.78
CA GLN B 802 -25.96 -2.30 22.55
C GLN B 802 -24.52 -2.14 22.98
N PRO B 803 -24.19 -2.48 24.23
CA PRO B 803 -22.88 -2.12 24.79
C PRO B 803 -21.74 -2.81 24.06
N GLY B 804 -20.53 -2.31 24.33
CA GLY B 804 -19.34 -2.85 23.72
C GLY B 804 -18.52 -3.66 24.70
N ALA B 805 -17.67 -4.54 24.17
CA ALA B 805 -16.89 -5.48 24.97
C ALA B 805 -15.43 -5.06 25.04
N VAL B 806 -14.80 -5.38 26.16
CA VAL B 806 -13.38 -5.16 26.40
C VAL B 806 -12.88 -6.41 27.10
N LYS B 807 -12.09 -7.21 26.41
CA LYS B 807 -11.59 -8.47 26.98
C LYS B 807 -10.08 -8.34 27.16
N VAL B 808 -9.60 -8.56 28.37
CA VAL B 808 -8.17 -8.58 28.58
C VAL B 808 -7.72 -10.02 28.73
N TYR B 809 -6.55 -10.31 28.15
CA TYR B 809 -6.02 -11.64 28.38
C TYR B 809 -4.51 -11.67 28.21
N ALA B 810 -3.86 -12.54 28.98
CA ALA B 810 -2.44 -12.80 28.79
C ALA B 810 -2.23 -13.62 27.53
N TYR B 811 -1.19 -13.28 26.76
CA TYR B 811 -1.05 -13.89 25.45
C TYR B 811 -0.69 -15.37 25.56
N TYR B 812 0.22 -15.71 26.47
CA TYR B 812 0.73 -17.07 26.59
C TYR B 812 -0.01 -17.89 27.65
N ASN B 813 -1.18 -17.41 28.10
CA ASN B 813 -2.02 -18.16 29.03
C ASN B 813 -3.40 -17.52 28.98
N LEU B 814 -4.28 -18.09 28.14
CA LEU B 814 -5.55 -17.41 27.85
C LEU B 814 -6.55 -17.51 29.00
N GLU B 815 -6.38 -18.44 29.93
CA GLU B 815 -7.29 -18.51 31.05
C GLU B 815 -7.15 -17.32 31.99
N GLU B 816 -6.04 -16.60 31.92
CA GLU B 816 -5.87 -15.33 32.62
C GLU B 816 -6.54 -14.24 31.80
N SER B 817 -7.81 -13.98 32.12
CA SER B 817 -8.63 -13.11 31.30
C SER B 817 -9.68 -12.42 32.17
N CYS B 818 -10.33 -11.43 31.58
CA CYS B 818 -11.45 -10.75 32.20
C CYS B 818 -12.22 -9.99 31.12
N THR B 819 -13.51 -10.26 31.00
CA THR B 819 -14.35 -9.71 29.95
C THR B 819 -15.37 -8.75 30.57
N ARG B 820 -15.26 -7.48 30.24
CA ARG B 820 -16.16 -6.47 30.78
C ARG B 820 -16.85 -5.73 29.64
N PHE B 821 -17.94 -5.06 29.95
CA PHE B 821 -18.71 -4.36 28.94
C PHE B 821 -18.97 -2.93 29.36
N TYR B 822 -19.04 -2.03 28.38
CA TYR B 822 -19.21 -0.63 28.64
C TYR B 822 -20.37 -0.06 27.82
N HIS B 823 -20.98 1.01 28.37
CA HIS B 823 -22.20 1.64 27.88
C HIS B 823 -22.32 3.01 28.52
N PRO B 824 -22.75 4.04 27.78
CA PRO B 824 -22.99 5.35 28.40
C PRO B 824 -24.04 5.34 29.49
N GLU B 825 -25.07 4.49 29.35
CA GLU B 825 -26.19 4.43 30.27
C GLU B 825 -26.82 5.82 30.42
N LYS B 826 -27.62 6.22 29.45
CA LYS B 826 -28.30 7.51 29.53
C LYS B 826 -29.49 7.41 30.47
N GLU B 827 -29.85 8.56 31.06
CA GLU B 827 -30.58 8.59 32.31
C GLU B 827 -32.04 8.18 32.16
N ASP B 828 -32.49 7.28 33.04
CA ASP B 828 -33.90 7.02 33.36
C ASP B 828 -34.80 6.92 32.13
N GLY B 829 -34.54 5.89 31.33
CA GLY B 829 -35.43 5.60 30.23
C GLY B 829 -34.71 5.57 28.92
N LYS B 830 -35.49 5.51 27.84
CA LYS B 830 -34.95 5.30 26.50
C LYS B 830 -35.28 6.49 25.62
N LEU B 831 -34.25 7.19 25.17
CA LEU B 831 -34.37 8.18 24.10
C LEU B 831 -34.06 7.45 22.79
N ASN B 832 -35.07 7.31 21.94
CA ASN B 832 -34.91 6.68 20.65
C ASN B 832 -35.01 7.72 19.54
N LYS B 833 -35.05 7.26 18.30
CA LYS B 833 -35.35 8.14 17.18
C LYS B 833 -36.86 8.30 17.05
N LEU B 834 -37.28 9.56 16.84
CA LEU B 834 -38.67 10.01 17.02
C LEU B 834 -39.68 8.99 16.53
N CYS B 835 -40.49 8.51 17.45
CA CYS B 835 -41.38 7.37 17.27
C CYS B 835 -42.73 7.75 16.66
N ARG B 836 -42.97 9.04 16.40
CA ARG B 836 -44.29 9.49 15.96
C ARG B 836 -44.73 8.74 14.70
N ASP B 837 -43.85 8.62 13.71
CA ASP B 837 -44.22 8.07 12.43
C ASP B 837 -44.38 6.55 12.52
N GLU B 838 -44.88 5.96 11.42
CA GLU B 838 -45.02 4.51 11.35
C GLU B 838 -43.67 3.81 11.38
N LEU B 839 -42.58 4.55 11.17
CA LEU B 839 -41.23 4.00 11.34
C LEU B 839 -41.09 3.28 12.67
N CYS B 840 -41.82 3.72 13.69
CA CYS B 840 -41.73 3.15 15.02
C CYS B 840 -42.69 1.99 15.24
N ARG B 841 -43.97 2.18 14.90
CA ARG B 841 -44.94 1.11 15.02
C ARG B 841 -44.47 -0.11 14.23
N CYS B 842 -43.78 0.13 13.10
CA CYS B 842 -43.15 -0.97 12.38
C CYS B 842 -42.14 -1.70 13.27
N ALA B 843 -41.29 -0.95 13.98
CA ALA B 843 -40.26 -1.59 14.79
C ALA B 843 -40.87 -2.34 15.97
N GLU B 844 -41.96 -1.81 16.53
CA GLU B 844 -42.61 -2.41 17.69
C GLU B 844 -43.54 -3.57 17.32
N GLU B 845 -43.92 -3.67 16.05
CA GLU B 845 -44.65 -4.84 15.58
C GLU B 845 -43.82 -6.11 15.73
N ASN B 846 -42.50 -5.99 15.71
CA ASN B 846 -41.63 -7.15 15.58
C ASN B 846 -41.61 -8.01 16.85
N CYS B 847 -41.81 -7.42 18.02
CA CYS B 847 -41.50 -8.09 19.27
C CYS B 847 -42.72 -8.44 20.12
N PHE B 848 -43.93 -8.09 19.70
CA PHE B 848 -45.14 -8.61 20.34
C PHE B 848 -46.31 -8.36 19.39
N ILE B 849 -47.39 -9.12 19.58
CA ILE B 849 -48.51 -9.06 18.64
C ILE B 849 -49.11 -7.64 18.62
N GLN B 850 -49.80 -7.33 17.54
CA GLN B 850 -50.45 -6.05 17.36
C GLN B 850 -51.94 -6.18 17.61
N LYS B 851 -52.50 -5.21 18.33
CA LYS B 851 -53.91 -5.19 18.64
C LYS B 851 -54.65 -4.31 17.65
N SER B 852 -55.82 -4.74 17.22
CA SER B 852 -56.64 -3.90 16.35
C SER B 852 -57.16 -2.66 17.09
N ASP B 853 -56.25 -1.71 17.38
CA ASP B 853 -56.55 -0.33 17.75
C ASP B 853 -57.76 -0.21 18.69
N ASP B 854 -57.70 -0.93 19.81
CA ASP B 854 -58.70 -0.99 20.88
C ASP B 854 -59.99 -1.67 20.41
N LYS B 855 -60.09 -2.08 19.14
CA LYS B 855 -61.22 -2.86 18.64
C LYS B 855 -60.91 -4.34 18.87
N VAL B 856 -61.03 -4.75 20.14
CA VAL B 856 -60.67 -6.10 20.56
C VAL B 856 -61.88 -6.76 21.21
N THR B 857 -62.33 -7.86 20.62
CA THR B 857 -63.42 -8.65 21.13
C THR B 857 -62.91 -10.02 21.59
N LEU B 858 -63.67 -10.65 22.49
CA LEU B 858 -63.26 -11.96 22.98
C LEU B 858 -63.30 -13.01 21.88
N GLU B 859 -64.14 -12.81 20.86
CA GLU B 859 -64.17 -13.75 19.74
C GLU B 859 -62.83 -13.74 19.00
N GLU B 860 -62.26 -12.56 18.78
CA GLU B 860 -60.93 -12.46 18.21
C GLU B 860 -59.89 -13.15 19.10
N ARG B 861 -60.00 -12.95 20.41
CA ARG B 861 -59.08 -13.61 21.33
C ARG B 861 -59.16 -15.12 21.21
N LEU B 862 -60.38 -15.65 21.06
CA LEU B 862 -60.54 -17.08 20.84
C LEU B 862 -59.91 -17.52 19.52
N ASP B 863 -60.07 -16.72 18.44
CA ASP B 863 -59.46 -17.10 17.16
C ASP B 863 -57.95 -17.22 17.28
N LYS B 864 -57.33 -16.15 17.78
CA LYS B 864 -55.88 -16.08 17.79
C LYS B 864 -55.32 -17.05 18.82
N ALA B 865 -56.15 -17.44 19.78
CA ALA B 865 -55.76 -18.41 20.79
C ALA B 865 -55.98 -19.84 20.35
N CYS B 866 -56.89 -20.09 19.41
CA CYS B 866 -57.12 -21.42 18.87
C CYS B 866 -56.34 -21.69 17.59
N GLU B 867 -55.24 -20.97 17.39
CA GLU B 867 -54.34 -21.30 16.28
C GLU B 867 -53.59 -22.59 16.59
N PRO B 868 -53.28 -23.39 15.58
CA PRO B 868 -52.63 -24.69 15.83
C PRO B 868 -51.25 -24.57 16.46
N GLY B 869 -50.62 -23.39 16.40
CA GLY B 869 -49.30 -23.23 16.99
C GLY B 869 -49.34 -22.86 18.45
N VAL B 870 -50.48 -22.37 18.92
CA VAL B 870 -50.64 -21.95 20.31
C VAL B 870 -50.45 -23.16 21.22
N ASP B 871 -49.29 -23.23 21.87
CA ASP B 871 -48.97 -24.35 22.74
C ASP B 871 -49.34 -24.09 24.20
N TYR B 872 -49.13 -22.87 24.68
CA TYR B 872 -49.41 -22.52 26.07
C TYR B 872 -50.27 -21.27 26.13
N VAL B 873 -51.20 -21.24 27.08
CA VAL B 873 -52.03 -20.08 27.39
C VAL B 873 -52.03 -19.94 28.90
N TYR B 874 -51.34 -18.92 29.40
CA TYR B 874 -51.14 -18.72 30.83
C TYR B 874 -51.87 -17.46 31.31
N LYS B 875 -51.97 -17.34 32.63
CA LYS B 875 -52.40 -16.11 33.30
C LYS B 875 -51.28 -15.77 34.28
N THR B 876 -50.45 -14.80 33.92
CA THR B 876 -49.26 -14.49 34.68
C THR B 876 -49.53 -13.35 35.66
N ARG B 877 -48.59 -13.17 36.59
CA ARG B 877 -48.60 -12.06 37.53
C ARG B 877 -47.17 -11.55 37.64
N LEU B 878 -46.96 -10.29 37.26
CA LEU B 878 -45.61 -9.72 37.17
C LEU B 878 -45.02 -9.59 38.56
N VAL B 879 -44.15 -10.55 38.91
CA VAL B 879 -43.48 -10.55 40.20
C VAL B 879 -42.40 -9.49 40.20
N LYS B 880 -41.31 -9.75 39.48
CA LYS B 880 -40.15 -8.86 39.48
C LYS B 880 -39.85 -8.41 38.06
N VAL B 881 -39.18 -7.26 37.96
CA VAL B 881 -38.77 -6.70 36.66
C VAL B 881 -37.31 -6.29 36.79
N GLN B 882 -36.41 -7.05 36.17
CA GLN B 882 -35.00 -6.68 36.11
C GLN B 882 -34.68 -6.37 34.66
N LEU B 883 -34.59 -5.08 34.34
CA LEU B 883 -34.33 -4.64 32.98
C LEU B 883 -32.85 -4.31 32.82
N SER B 884 -32.28 -4.76 31.72
CA SER B 884 -30.91 -4.44 31.36
C SER B 884 -30.90 -3.52 30.16
N ASN B 885 -29.70 -3.21 29.66
CA ASN B 885 -29.56 -2.34 28.49
C ASN B 885 -29.52 -3.11 27.19
N ASP B 886 -29.70 -4.42 27.23
CA ASP B 886 -29.77 -5.24 26.02
C ASP B 886 -31.03 -6.08 25.96
N PHE B 887 -31.50 -6.60 27.09
CA PHE B 887 -32.74 -7.36 27.15
C PHE B 887 -33.38 -7.18 28.52
N ASP B 888 -34.67 -6.90 28.53
CA ASP B 888 -35.42 -6.76 29.77
C ASP B 888 -35.95 -8.12 30.19
N GLU B 889 -35.84 -8.44 31.48
CA GLU B 889 -36.29 -9.72 32.01
C GLU B 889 -37.45 -9.49 32.97
N TYR B 890 -38.58 -10.10 32.66
CA TYR B 890 -39.80 -10.02 33.45
C TYR B 890 -39.99 -11.35 34.16
N ILE B 891 -39.67 -11.38 35.45
CA ILE B 891 -39.90 -12.56 36.27
C ILE B 891 -41.39 -12.60 36.60
N MET B 892 -42.13 -13.51 35.94
CA MET B 892 -43.57 -13.67 36.08
C MET B 892 -43.89 -14.87 36.96
N ALA B 893 -45.15 -14.96 37.37
CA ALA B 893 -45.65 -16.08 38.14
C ALA B 893 -46.95 -16.59 37.51
N ILE B 894 -47.02 -17.89 37.28
CA ILE B 894 -48.22 -18.50 36.69
C ILE B 894 -49.25 -18.68 37.79
N GLU B 895 -50.42 -18.05 37.62
CA GLU B 895 -51.50 -18.21 38.57
C GLU B 895 -52.52 -19.26 38.17
N GLN B 896 -52.72 -19.46 36.86
CA GLN B 896 -53.54 -20.58 36.39
C GLN B 896 -53.12 -20.88 34.96
N THR B 897 -52.82 -22.16 34.70
CA THR B 897 -52.49 -22.62 33.37
C THR B 897 -53.78 -22.90 32.62
N ILE B 898 -54.23 -21.93 31.81
CA ILE B 898 -55.45 -22.14 31.05
C ILE B 898 -55.24 -23.14 29.93
N LYS B 899 -53.99 -23.36 29.53
CA LYS B 899 -53.69 -24.38 28.51
C LYS B 899 -52.18 -24.67 28.61
N SER B 900 -51.83 -25.66 29.41
CA SER B 900 -50.42 -25.98 29.61
C SER B 900 -49.78 -26.42 28.30
N GLY B 901 -48.48 -26.17 28.20
CA GLY B 901 -47.73 -26.43 26.99
C GLY B 901 -46.96 -27.74 27.05
N SER B 902 -45.99 -27.87 26.15
CA SER B 902 -45.16 -29.06 26.06
C SER B 902 -44.14 -29.14 27.19
N ASP B 903 -44.02 -28.10 28.01
CA ASP B 903 -43.15 -28.09 29.17
C ASP B 903 -44.01 -28.12 30.43
N GLU B 904 -43.80 -29.11 31.28
CA GLU B 904 -44.57 -29.23 32.50
C GLU B 904 -44.31 -28.04 33.42
N VAL B 905 -45.39 -27.41 33.86
CA VAL B 905 -45.31 -26.25 34.75
C VAL B 905 -46.45 -26.35 35.75
N GLN B 906 -46.15 -26.01 37.01
CA GLN B 906 -47.12 -26.07 38.08
C GLN B 906 -47.65 -24.67 38.39
N VAL B 907 -48.91 -24.62 38.84
CA VAL B 907 -49.52 -23.35 39.22
C VAL B 907 -48.76 -22.78 40.41
N GLY B 908 -48.17 -21.60 40.23
CA GLY B 908 -47.38 -20.94 41.25
C GLY B 908 -45.91 -20.89 40.94
N GLN B 909 -45.44 -21.57 39.90
CA GLN B 909 -44.04 -21.51 39.51
C GLN B 909 -43.74 -20.24 38.73
N GLN B 910 -42.55 -19.69 38.95
CA GLN B 910 -42.12 -18.50 38.25
C GLN B 910 -41.57 -18.86 36.87
N ARG B 911 -41.82 -17.99 35.91
CA ARG B 911 -41.26 -18.09 34.56
C ARG B 911 -40.74 -16.71 34.17
N THR B 912 -39.47 -16.65 33.76
CA THR B 912 -38.83 -15.38 33.44
C THR B 912 -38.89 -15.15 31.94
N PHE B 913 -39.83 -14.31 31.50
CA PHE B 913 -39.95 -13.95 30.11
C PHE B 913 -38.90 -12.91 29.73
N ILE B 914 -38.23 -13.11 28.60
CA ILE B 914 -37.23 -12.18 28.10
C ILE B 914 -37.84 -11.38 26.97
N SER B 915 -37.56 -10.07 26.93
CA SER B 915 -38.06 -9.20 25.87
C SER B 915 -36.95 -8.28 25.39
N PRO B 916 -36.92 -7.97 24.09
CA PRO B 916 -35.94 -6.99 23.60
C PRO B 916 -36.17 -5.65 24.24
N ILE B 917 -35.10 -4.86 24.32
CA ILE B 917 -35.17 -3.56 24.98
C ILE B 917 -36.02 -2.59 24.16
N LYS B 918 -35.91 -2.67 22.83
CA LYS B 918 -36.65 -1.76 21.96
C LYS B 918 -38.15 -1.86 22.16
N CYS B 919 -38.63 -2.94 22.76
CA CYS B 919 -40.06 -3.16 22.95
C CYS B 919 -40.55 -2.72 24.33
N ARG B 920 -39.64 -2.30 25.22
CA ARG B 920 -40.04 -1.96 26.58
C ARG B 920 -41.16 -0.93 26.60
N GLU B 921 -40.91 0.23 25.99
CA GLU B 921 -41.94 1.26 25.90
C GLU B 921 -43.19 0.74 25.20
N ALA B 922 -43.03 -0.18 24.25
CA ALA B 922 -44.19 -0.73 23.57
C ALA B 922 -45.04 -1.60 24.48
N LEU B 923 -44.42 -2.20 25.51
CA LEU B 923 -45.16 -3.03 26.44
C LEU B 923 -45.66 -2.28 27.66
N LYS B 924 -44.93 -1.22 28.06
CA LYS B 924 -45.19 -0.42 29.26
C LYS B 924 -45.83 -1.24 30.37
N LEU B 925 -45.06 -2.15 30.95
CA LEU B 925 -45.57 -3.03 32.00
C LEU B 925 -45.46 -2.36 33.36
N GLU B 926 -46.27 -2.84 34.30
CA GLU B 926 -46.20 -2.43 35.69
C GLU B 926 -46.10 -3.68 36.55
N GLU B 927 -45.28 -3.61 37.59
CA GLU B 927 -45.13 -4.75 38.50
C GLU B 927 -46.43 -5.04 39.23
N LYS B 928 -46.60 -6.31 39.62
CA LYS B 928 -47.74 -6.75 40.42
C LYS B 928 -49.07 -6.47 39.73
N LYS B 929 -49.10 -6.55 38.41
CA LYS B 929 -50.32 -6.51 37.63
C LYS B 929 -50.53 -7.87 36.98
N HIS B 930 -51.79 -8.28 36.86
CA HIS B 930 -52.08 -9.55 36.20
C HIS B 930 -51.91 -9.38 34.69
N TYR B 931 -51.67 -10.51 34.02
CA TYR B 931 -51.46 -10.48 32.57
C TYR B 931 -51.96 -11.77 31.95
N LEU B 932 -52.52 -11.66 30.74
CA LEU B 932 -52.86 -12.79 29.91
C LEU B 932 -51.81 -12.90 28.81
N MET B 933 -51.19 -14.07 28.70
CA MET B 933 -50.12 -14.31 27.74
C MET B 933 -50.29 -15.69 27.11
N TRP B 934 -49.98 -15.79 25.82
CA TRP B 934 -49.93 -17.09 25.18
C TRP B 934 -48.92 -17.05 24.04
N GLY B 935 -48.55 -18.24 23.56
CA GLY B 935 -47.52 -18.34 22.55
C GLY B 935 -47.37 -19.71 21.91
N LEU B 936 -46.18 -19.99 21.41
CA LEU B 936 -45.89 -21.22 20.69
C LEU B 936 -44.97 -22.11 21.48
N SER B 937 -44.85 -23.37 21.04
CA SER B 937 -43.83 -24.26 21.56
C SER B 937 -42.43 -23.79 21.16
N SER B 938 -42.34 -23.04 20.05
CA SER B 938 -41.07 -22.44 19.68
C SER B 938 -40.67 -21.33 20.63
N ASP B 939 -41.62 -20.81 21.42
CA ASP B 939 -41.30 -19.76 22.38
C ASP B 939 -40.44 -20.27 23.52
N PHE B 940 -40.57 -21.55 23.88
CA PHE B 940 -39.69 -22.14 24.87
C PHE B 940 -38.24 -22.06 24.38
N TRP B 941 -37.32 -21.96 25.33
CA TRP B 941 -35.94 -21.65 24.98
C TRP B 941 -35.01 -22.32 25.97
N GLY B 942 -33.80 -22.63 25.49
CA GLY B 942 -32.83 -23.35 26.30
C GLY B 942 -31.82 -22.46 27.00
N GLU B 943 -32.08 -22.17 28.27
CA GLU B 943 -31.14 -21.48 29.13
C GLU B 943 -31.29 -22.03 30.54
N LYS B 944 -30.39 -21.60 31.42
CA LYS B 944 -30.52 -21.84 32.85
C LYS B 944 -30.28 -20.52 33.57
N PRO B 945 -31.21 -20.08 34.43
CA PRO B 945 -32.40 -20.76 34.95
C PRO B 945 -33.40 -21.17 33.87
N ASN B 946 -33.93 -22.39 33.98
CA ASN B 946 -34.78 -22.97 32.95
C ASN B 946 -36.11 -22.24 32.85
N LEU B 947 -36.04 -20.92 32.65
CA LEU B 947 -37.21 -20.04 32.57
C LEU B 947 -36.95 -19.18 31.34
N SER B 948 -37.39 -19.66 30.18
CA SER B 948 -36.99 -19.00 28.94
C SER B 948 -38.16 -19.06 27.95
N TYR B 949 -39.02 -18.07 28.02
CA TYR B 949 -40.04 -17.81 27.00
C TYR B 949 -39.69 -16.47 26.36
N ILE B 950 -39.34 -16.50 25.07
CA ILE B 950 -39.03 -15.26 24.36
C ILE B 950 -40.32 -14.65 23.84
N ILE B 951 -40.52 -13.37 24.17
CA ILE B 951 -41.71 -12.65 23.72
C ILE B 951 -41.42 -12.16 22.31
N GLY B 952 -42.03 -12.81 21.32
CA GLY B 952 -41.76 -12.50 19.92
C GLY B 952 -42.98 -12.08 19.14
N LYS B 953 -42.91 -12.24 17.81
CA LYS B 953 -44.00 -11.85 16.93
C LYS B 953 -45.25 -12.70 17.11
N ASP B 954 -45.18 -13.76 17.91
CA ASP B 954 -46.32 -14.67 18.10
C ASP B 954 -46.75 -14.76 19.55
N THR B 955 -46.30 -13.85 20.41
CA THR B 955 -46.55 -13.92 21.85
C THR B 955 -47.60 -12.88 22.23
N TRP B 956 -48.81 -13.35 22.54
CA TRP B 956 -49.88 -12.47 22.98
C TRP B 956 -49.65 -12.05 24.42
N VAL B 957 -49.68 -10.75 24.67
CA VAL B 957 -49.52 -10.16 25.99
C VAL B 957 -50.58 -9.08 26.16
N GLU B 958 -51.31 -9.13 27.28
CA GLU B 958 -52.36 -8.15 27.54
C GLU B 958 -52.52 -7.99 29.04
N HIS B 959 -52.64 -6.75 29.51
CA HIS B 959 -52.77 -6.51 30.94
C HIS B 959 -54.16 -6.89 31.41
N TRP B 960 -54.22 -7.70 32.45
CA TRP B 960 -55.47 -8.20 33.01
C TRP B 960 -55.85 -7.34 34.20
N PRO B 961 -56.85 -6.46 34.07
CA PRO B 961 -57.23 -5.61 35.20
C PRO B 961 -57.72 -6.43 36.38
N GLU B 962 -57.35 -6.00 37.59
CA GLU B 962 -57.72 -6.74 38.79
C GLU B 962 -59.22 -6.60 39.05
N GLU B 963 -59.71 -7.44 39.97
CA GLU B 963 -61.14 -7.48 40.26
C GLU B 963 -61.63 -6.17 40.87
N ASP B 964 -60.80 -5.50 41.67
CA ASP B 964 -61.23 -4.28 42.35
C ASP B 964 -61.36 -3.10 41.40
N GLU B 965 -60.64 -3.12 40.27
CA GLU B 965 -60.70 -2.03 39.30
C GLU B 965 -61.58 -2.33 38.10
N CYS B 966 -62.24 -3.49 38.07
CA CYS B 966 -63.25 -3.73 37.04
C CYS B 966 -64.51 -2.92 37.27
N GLN B 967 -64.63 -2.25 38.42
CA GLN B 967 -65.73 -1.37 38.70
C GLN B 967 -65.56 0.02 38.08
N ASP B 968 -64.50 0.21 37.28
CA ASP B 968 -64.29 1.44 36.54
C ASP B 968 -64.81 1.28 35.11
N GLU B 969 -64.92 2.41 34.41
CA GLU B 969 -65.59 2.41 33.12
C GLU B 969 -64.75 1.72 32.06
N GLU B 970 -63.46 2.07 31.95
CA GLU B 970 -62.63 1.56 30.88
C GLU B 970 -62.24 0.10 31.06
N ASN B 971 -62.61 -0.54 32.16
CA ASN B 971 -62.10 -1.86 32.49
C ASN B 971 -63.12 -2.99 32.35
N GLN B 972 -64.37 -2.75 32.76
CA GLN B 972 -65.37 -3.83 32.85
C GLN B 972 -65.57 -4.54 31.51
N LYS B 973 -65.63 -3.76 30.42
CA LYS B 973 -65.80 -4.33 29.09
C LYS B 973 -64.70 -5.34 28.79
N GLN B 974 -63.48 -5.08 29.24
CA GLN B 974 -62.38 -6.02 29.07
C GLN B 974 -62.48 -7.17 30.07
N CYS B 975 -62.90 -6.87 31.30
CA CYS B 975 -62.92 -7.88 32.36
C CYS B 975 -63.85 -9.03 32.00
N GLN B 976 -65.08 -8.70 31.60
CA GLN B 976 -66.05 -9.75 31.29
C GLN B 976 -65.61 -10.59 30.10
N ASP B 977 -65.03 -9.94 29.09
CA ASP B 977 -64.50 -10.67 27.95
C ASP B 977 -63.40 -11.63 28.37
N LEU B 978 -62.52 -11.19 29.29
CA LEU B 978 -61.43 -12.05 29.72
C LEU B 978 -61.93 -13.23 30.54
N GLY B 979 -62.95 -13.01 31.36
CA GLY B 979 -63.50 -14.11 32.13
C GLY B 979 -64.20 -15.14 31.24
N ALA B 980 -65.01 -14.66 30.30
CA ALA B 980 -65.62 -15.56 29.33
C ALA B 980 -64.56 -16.29 28.52
N PHE B 981 -63.45 -15.61 28.20
CA PHE B 981 -62.32 -16.28 27.55
C PHE B 981 -61.79 -17.41 28.41
N THR B 982 -61.57 -17.15 29.71
CA THR B 982 -61.02 -18.17 30.58
C THR B 982 -61.90 -19.41 30.64
N GLU B 983 -63.19 -19.22 30.94
CA GLU B 983 -64.07 -20.39 31.04
C GLU B 983 -64.32 -21.04 29.69
N SER B 984 -64.30 -20.26 28.59
CA SER B 984 -64.48 -20.80 27.26
C SER B 984 -63.21 -21.45 26.72
N MET B 985 -62.10 -21.31 27.44
CA MET B 985 -60.89 -22.06 27.12
C MET B 985 -60.62 -23.21 28.08
N VAL B 986 -61.27 -23.24 29.23
CA VAL B 986 -61.11 -24.35 30.16
C VAL B 986 -62.19 -25.40 29.90
N VAL B 987 -63.45 -24.97 29.96
CA VAL B 987 -64.55 -25.92 29.82
C VAL B 987 -64.70 -26.35 28.37
N PHE B 988 -64.71 -25.38 27.44
CA PHE B 988 -64.84 -25.66 26.02
C PHE B 988 -63.46 -25.62 25.37
N GLY B 989 -63.18 -26.60 24.52
CA GLY B 989 -61.91 -26.68 23.84
C GLY B 989 -61.84 -25.78 22.62
N CYS B 990 -60.83 -26.02 21.81
CA CYS B 990 -60.77 -25.33 20.53
C CYS B 990 -61.37 -26.21 19.44
N PRO B 991 -62.24 -25.67 18.59
CA PRO B 991 -62.74 -26.47 17.46
C PRO B 991 -61.78 -26.49 16.28
N ASN B 992 -60.92 -25.50 16.14
CA ASN B 992 -59.89 -25.49 15.11
C ASN B 992 -58.76 -26.43 15.51
N GLN C 2 -16.93 10.42 -30.20
CA GLN C 2 -17.44 9.06 -30.11
C GLN C 2 -18.40 8.75 -31.24
N VAL C 3 -19.69 8.91 -30.96
CA VAL C 3 -20.75 8.56 -31.90
C VAL C 3 -20.98 9.71 -32.86
N GLN C 4 -21.28 9.39 -34.12
CA GLN C 4 -21.64 10.36 -35.13
C GLN C 4 -23.04 10.03 -35.64
N LEU C 5 -23.74 11.07 -36.11
CA LEU C 5 -25.14 10.96 -36.46
C LEU C 5 -25.38 11.36 -37.90
N VAL C 6 -26.38 10.73 -38.52
CA VAL C 6 -26.77 10.99 -39.90
C VAL C 6 -28.29 11.17 -39.92
N GLU C 7 -28.74 12.35 -40.33
CA GLU C 7 -30.16 12.67 -40.36
C GLU C 7 -30.71 12.44 -41.76
N THR C 8 -31.91 11.87 -41.84
CA THR C 8 -32.56 11.75 -43.13
C THR C 8 -34.07 11.78 -42.92
N GLY C 9 -34.80 11.97 -44.01
CA GLY C 9 -36.24 12.01 -43.99
C GLY C 9 -36.87 13.35 -44.30
N GLY C 10 -36.07 14.37 -44.56
CA GLY C 10 -36.59 15.69 -44.84
C GLY C 10 -37.08 15.84 -46.27
N GLY C 11 -36.93 17.04 -46.81
CA GLY C 11 -37.37 17.37 -48.14
C GLY C 11 -38.39 18.49 -48.20
N LEU C 12 -39.11 18.55 -49.31
CA LEU C 12 -40.19 19.52 -49.49
C LEU C 12 -41.51 18.83 -49.21
N VAL C 13 -42.43 19.58 -48.59
CA VAL C 13 -43.72 19.01 -48.22
C VAL C 13 -44.80 20.07 -48.36
N GLN C 14 -46.06 19.63 -48.40
CA GLN C 14 -47.19 20.53 -48.53
C GLN C 14 -47.28 21.48 -47.35
N ALA C 15 -48.27 22.38 -47.36
CA ALA C 15 -48.32 23.44 -46.36
C ALA C 15 -48.67 22.91 -44.99
N GLY C 16 -49.65 22.02 -44.90
CA GLY C 16 -50.07 21.51 -43.60
C GLY C 16 -49.90 20.03 -43.44
N GLY C 17 -49.04 19.43 -44.25
CA GLY C 17 -48.85 17.98 -44.23
C GLY C 17 -48.07 17.48 -43.04
N SER C 18 -47.26 16.45 -43.24
CA SER C 18 -46.50 15.90 -42.13
C SER C 18 -45.34 15.09 -42.68
N LEU C 19 -44.32 14.92 -41.84
CA LEU C 19 -43.26 13.97 -42.20
C LEU C 19 -42.46 13.62 -40.96
N ARG C 20 -41.84 12.44 -40.99
CA ARG C 20 -41.05 11.95 -39.87
C ARG C 20 -39.57 12.00 -40.22
N LEU C 21 -38.78 12.55 -39.30
CA LEU C 21 -37.34 12.67 -39.50
C LEU C 21 -36.64 11.59 -38.69
N SER C 22 -35.91 10.72 -39.38
CA SER C 22 -35.17 9.65 -38.73
C SER C 22 -33.71 10.05 -38.57
N CYS C 23 -33.21 9.89 -37.35
CA CYS C 23 -31.85 10.20 -36.95
C CYS C 23 -31.16 8.87 -36.67
N ALA C 24 -30.18 8.53 -37.51
CA ALA C 24 -29.44 7.29 -37.39
C ALA C 24 -28.14 7.55 -36.63
N ALA C 25 -27.86 6.69 -35.66
CA ALA C 25 -26.64 6.75 -34.89
C ALA C 25 -25.65 5.71 -35.40
N SER C 26 -24.37 6.02 -35.26
CA SER C 26 -23.30 5.13 -35.71
C SER C 26 -22.59 4.45 -34.54
N GLY C 27 -23.15 4.49 -33.35
CA GLY C 27 -22.56 3.86 -32.18
C GLY C 27 -23.61 3.36 -31.23
N SER C 28 -23.33 3.48 -29.93
CA SER C 28 -24.27 3.05 -28.89
C SER C 28 -25.11 4.24 -28.43
N ILE C 29 -26.43 4.07 -28.49
CA ILE C 29 -27.33 5.16 -28.12
C ILE C 29 -27.76 5.09 -26.66
N PHE C 30 -27.63 3.93 -26.02
CA PHE C 30 -27.83 3.87 -24.58
C PHE C 30 -26.75 4.66 -23.87
N SER C 31 -27.02 5.00 -22.61
CA SER C 31 -26.18 5.84 -21.75
C SER C 31 -26.14 7.29 -22.22
N LEU C 32 -26.75 7.61 -23.36
CA LEU C 32 -26.88 8.99 -23.83
C LEU C 32 -28.15 9.57 -23.21
N ASN C 33 -27.98 10.36 -22.15
CA ASN C 33 -29.14 10.82 -21.39
C ASN C 33 -30.06 11.68 -22.24
N ALA C 34 -29.51 12.70 -22.90
CA ALA C 34 -30.30 13.66 -23.64
C ALA C 34 -30.08 13.45 -25.13
N MET C 35 -31.16 13.19 -25.87
CA MET C 35 -31.03 13.23 -27.33
C MET C 35 -32.01 14.26 -27.87
N GLY C 36 -31.47 15.26 -28.57
CA GLY C 36 -32.23 16.45 -28.91
C GLY C 36 -32.20 16.79 -30.39
N TRP C 37 -33.36 17.23 -30.90
CA TRP C 37 -33.48 17.81 -32.22
C TRP C 37 -33.47 19.34 -32.11
N PHE C 38 -32.61 19.96 -32.93
CA PHE C 38 -32.44 21.41 -33.03
C PHE C 38 -32.70 21.81 -34.47
N ARG C 39 -33.21 23.02 -34.69
CA ARG C 39 -33.38 23.51 -36.05
C ARG C 39 -32.71 24.87 -36.18
N GLN C 40 -32.29 25.18 -37.40
CA GLN C 40 -31.75 26.51 -37.68
C GLN C 40 -32.34 26.96 -39.01
N ALA C 41 -33.14 28.00 -38.96
CA ALA C 41 -33.69 28.59 -40.17
C ALA C 41 -32.75 29.68 -40.67
N PRO C 42 -32.74 29.95 -41.97
CA PRO C 42 -31.91 31.05 -42.48
C PRO C 42 -32.35 32.38 -41.90
N GLY C 43 -31.39 33.11 -41.33
CA GLY C 43 -31.71 34.33 -40.63
C GLY C 43 -32.23 34.13 -39.24
N LYS C 44 -31.81 33.05 -38.57
CA LYS C 44 -32.26 32.72 -37.23
C LYS C 44 -31.10 32.13 -36.43
N GLU C 45 -31.17 32.31 -35.12
CA GLU C 45 -30.21 31.67 -34.24
C GLU C 45 -30.52 30.19 -34.07
N ARG C 46 -29.49 29.43 -33.71
CA ARG C 46 -29.66 28.00 -33.45
C ARG C 46 -30.65 27.82 -32.31
N GLU C 47 -31.88 27.40 -32.62
CA GLU C 47 -32.94 27.28 -31.63
C GLU C 47 -33.23 25.82 -31.32
N PHE C 48 -34.01 25.63 -30.25
CA PHE C 48 -34.27 24.32 -29.69
C PHE C 48 -35.65 23.83 -30.11
N VAL C 49 -35.72 22.56 -30.49
CA VAL C 49 -36.98 21.94 -30.88
C VAL C 49 -37.45 21.00 -29.78
N ALA C 50 -36.79 19.84 -29.64
CA ALA C 50 -37.31 18.90 -28.66
C ALA C 50 -36.20 18.00 -28.15
N THR C 51 -36.34 17.57 -26.90
CA THR C 51 -35.39 16.62 -26.34
C THR C 51 -36.14 15.45 -25.69
N ILE C 52 -35.53 14.28 -25.78
CA ILE C 52 -36.06 13.08 -25.14
C ILE C 52 -35.02 12.49 -24.19
N ASN C 53 -35.54 11.93 -23.09
CA ASN C 53 -34.79 11.24 -22.04
C ASN C 53 -34.17 9.96 -22.58
N ARG C 54 -33.32 9.35 -21.76
CA ARG C 54 -32.64 8.14 -22.17
C ARG C 54 -33.62 6.99 -22.40
N SER C 55 -34.68 6.92 -21.60
CA SER C 55 -35.72 5.90 -21.75
C SER C 55 -37.04 6.49 -22.22
N GLY C 56 -37.07 7.77 -22.55
CA GLY C 56 -38.32 8.42 -22.86
C GLY C 56 -39.02 8.90 -21.61
N GLY C 57 -40.33 9.06 -21.72
CA GLY C 57 -41.12 9.55 -20.58
C GLY C 57 -40.98 11.02 -20.31
N ARG C 58 -39.75 11.49 -20.11
CA ARG C 58 -39.47 12.92 -19.95
C ARG C 58 -39.19 13.52 -21.32
N THR C 59 -40.06 14.44 -21.75
CA THR C 59 -39.90 15.11 -23.04
C THR C 59 -39.97 16.60 -22.84
N TYR C 60 -39.06 17.34 -23.47
CA TYR C 60 -39.11 18.80 -23.45
C TYR C 60 -39.34 19.32 -24.85
N TYR C 61 -40.26 20.27 -24.99
CA TYR C 61 -40.57 20.91 -26.26
C TYR C 61 -40.54 22.42 -26.11
N ALA C 62 -40.18 23.10 -27.19
CA ALA C 62 -40.29 24.55 -27.26
C ALA C 62 -41.74 24.94 -27.54
N ASP C 63 -42.09 26.17 -27.14
CA ASP C 63 -43.48 26.62 -27.25
C ASP C 63 -43.94 26.65 -28.69
N SER C 64 -43.02 26.84 -29.63
CA SER C 64 -43.39 26.90 -31.04
C SER C 64 -43.80 25.54 -31.60
N VAL C 65 -43.45 24.46 -30.93
CA VAL C 65 -43.78 23.11 -31.38
C VAL C 65 -44.34 22.31 -30.21
N LYS C 66 -45.11 22.96 -29.34
CA LYS C 66 -45.51 22.34 -28.08
C LYS C 66 -46.38 21.11 -28.31
N GLY C 67 -47.34 21.19 -29.23
CA GLY C 67 -48.24 20.09 -29.45
C GLY C 67 -48.25 19.57 -30.87
N ARG C 68 -47.49 20.22 -31.75
CA ARG C 68 -47.48 19.82 -33.15
C ARG C 68 -46.42 18.76 -33.45
N PHE C 69 -45.34 18.72 -32.68
CA PHE C 69 -44.26 17.78 -32.91
C PHE C 69 -44.25 16.71 -31.83
N THR C 70 -43.60 15.58 -32.14
CA THR C 70 -43.48 14.50 -31.16
C THR C 70 -42.17 13.76 -31.41
N ILE C 71 -41.27 13.79 -30.43
CA ILE C 71 -39.96 13.16 -30.52
C ILE C 71 -40.01 11.80 -29.83
N SER C 72 -39.45 10.78 -30.48
CA SER C 72 -39.42 9.42 -29.97
C SER C 72 -38.03 8.84 -30.19
N ARG C 73 -37.81 7.64 -29.67
CA ARG C 73 -36.52 6.98 -29.85
C ARG C 73 -36.68 5.47 -29.66
N ASP C 74 -35.87 4.73 -30.41
CA ASP C 74 -35.76 3.28 -30.30
C ASP C 74 -34.30 2.99 -30.02
N ASN C 75 -34.00 2.70 -28.75
CA ASN C 75 -32.63 2.40 -28.34
C ASN C 75 -32.13 1.10 -28.96
N GLY C 76 -33.03 0.16 -29.23
CA GLY C 76 -32.63 -1.10 -29.82
C GLY C 76 -32.08 -0.93 -31.23
N LYS C 77 -32.70 -0.06 -32.03
CA LYS C 77 -32.25 0.23 -33.38
C LYS C 77 -31.28 1.40 -33.42
N ASN C 78 -31.01 2.04 -32.28
CA ASN C 78 -30.17 3.23 -32.21
C ASN C 78 -30.71 4.33 -33.15
N MET C 79 -31.99 4.65 -32.99
CA MET C 79 -32.62 5.65 -33.85
C MET C 79 -33.41 6.63 -33.01
N VAL C 80 -33.38 7.90 -33.39
CA VAL C 80 -34.24 8.92 -32.77
C VAL C 80 -35.15 9.48 -33.86
N TYR C 81 -36.43 9.59 -33.54
CA TYR C 81 -37.42 10.00 -34.52
C TYR C 81 -38.03 11.34 -34.12
N LEU C 82 -38.38 12.15 -35.12
CA LEU C 82 -39.07 13.42 -34.88
C LEU C 82 -40.26 13.48 -35.84
N GLN C 83 -41.46 13.16 -35.35
CA GLN C 83 -42.66 13.23 -36.16
C GLN C 83 -43.15 14.67 -36.16
N MET C 84 -43.36 15.21 -37.36
CA MET C 84 -43.81 16.59 -37.54
C MET C 84 -45.17 16.56 -38.21
N HIS C 85 -46.19 16.76 -37.38
CA HIS C 85 -47.60 16.91 -37.74
C HIS C 85 -48.01 18.38 -37.70
N SER C 86 -48.97 18.74 -38.54
CA SER C 86 -49.53 20.09 -38.62
C SER C 86 -48.42 21.13 -38.83
N LEU C 87 -47.79 21.01 -39.99
CA LEU C 87 -46.67 21.87 -40.32
C LEU C 87 -47.12 23.29 -40.55
N LYS C 88 -46.19 24.23 -40.35
CA LYS C 88 -46.41 25.64 -40.61
C LYS C 88 -45.28 26.17 -41.49
N PRO C 89 -45.56 27.09 -42.41
CA PRO C 89 -44.51 27.59 -43.30
C PRO C 89 -43.34 28.22 -42.58
N GLU C 90 -43.54 28.73 -41.37
CA GLU C 90 -42.44 29.30 -40.60
C GLU C 90 -41.49 28.24 -40.07
N ASP C 91 -41.80 26.96 -40.24
CA ASP C 91 -40.94 25.87 -39.80
C ASP C 91 -39.89 25.50 -40.83
N THR C 92 -39.83 26.20 -41.96
CA THR C 92 -38.84 25.88 -42.97
C THR C 92 -37.44 26.10 -42.41
N ALA C 93 -36.67 25.03 -42.23
CA ALA C 93 -35.38 25.20 -41.56
C ALA C 93 -34.52 23.97 -41.82
N ILE C 94 -33.28 24.02 -41.34
CA ILE C 94 -32.38 22.89 -41.38
C ILE C 94 -32.45 22.22 -40.00
N TYR C 95 -33.02 21.02 -39.98
CA TYR C 95 -33.23 20.25 -38.76
C TYR C 95 -32.05 19.30 -38.56
N TYR C 96 -31.37 19.47 -37.43
CA TYR C 96 -30.23 18.69 -36.99
C TYR C 96 -30.63 17.79 -35.83
N CYS C 97 -29.92 16.67 -35.72
CA CYS C 97 -30.02 15.74 -34.61
C CYS C 97 -28.72 15.80 -33.81
N ALA C 98 -28.83 15.91 -32.48
CA ALA C 98 -27.68 16.17 -31.64
C ALA C 98 -27.66 15.24 -30.45
N ALA C 99 -26.50 14.62 -30.26
CA ALA C 99 -26.17 13.89 -29.04
C ALA C 99 -25.73 14.87 -27.97
N GLY C 100 -26.18 14.63 -26.74
CA GLY C 100 -25.97 15.55 -25.65
C GLY C 100 -25.41 14.84 -24.43
N THR C 101 -25.21 15.63 -23.38
CA THR C 101 -24.69 15.12 -22.11
C THR C 101 -25.80 14.68 -21.18
N GLY C 102 -26.92 15.39 -21.21
CA GLY C 102 -27.98 15.22 -20.24
C GLY C 102 -28.17 16.44 -19.37
N TRP C 103 -27.18 17.31 -19.29
CA TRP C 103 -27.30 18.55 -18.55
C TRP C 103 -28.02 19.59 -19.40
N SER C 104 -28.98 20.30 -18.78
CA SER C 104 -29.75 21.38 -19.36
C SER C 104 -30.03 21.13 -20.84
N PRO C 105 -30.95 20.24 -21.17
CA PRO C 105 -31.15 19.90 -22.60
C PRO C 105 -31.75 21.02 -23.42
N GLN C 106 -32.56 21.89 -22.81
CA GLN C 106 -33.17 22.97 -23.57
C GLN C 106 -32.18 23.96 -24.19
N THR C 107 -31.00 24.12 -23.58
CA THR C 107 -29.95 24.94 -24.18
C THR C 107 -29.08 24.04 -25.06
N ASP C 108 -28.36 24.67 -25.98
CA ASP C 108 -27.52 23.95 -26.94
C ASP C 108 -26.04 23.89 -26.60
N ASN C 109 -25.66 24.26 -25.37
CA ASN C 109 -24.26 24.26 -24.97
C ASN C 109 -23.80 22.92 -24.43
N GLU C 110 -24.73 22.04 -24.04
CA GLU C 110 -24.38 20.75 -23.46
C GLU C 110 -24.55 19.61 -24.44
N TYR C 111 -24.37 19.87 -25.73
CA TYR C 111 -24.46 18.86 -26.77
C TYR C 111 -23.13 18.89 -27.53
N ASN C 112 -22.26 17.92 -27.24
CA ASN C 112 -20.92 17.92 -27.82
C ASN C 112 -20.84 17.22 -29.17
N TYR C 113 -21.85 16.45 -29.54
CA TYR C 113 -21.88 15.76 -30.83
C TYR C 113 -23.09 16.22 -31.62
N TRP C 114 -22.88 16.47 -32.91
CA TRP C 114 -23.93 16.95 -33.79
C TRP C 114 -23.95 16.15 -35.09
N GLY C 115 -25.01 16.32 -35.85
CA GLY C 115 -25.18 15.64 -37.13
C GLY C 115 -24.99 16.57 -38.31
N GLN C 116 -25.42 16.07 -39.48
CA GLN C 116 -25.29 16.83 -40.72
C GLN C 116 -26.46 17.75 -40.97
N GLY C 117 -27.67 17.33 -40.63
CA GLY C 117 -28.87 18.12 -40.83
C GLY C 117 -29.63 17.71 -42.08
N THR C 118 -30.90 18.11 -42.12
CA THR C 118 -31.76 17.85 -43.26
C THR C 118 -32.67 19.05 -43.47
N GLN C 119 -32.89 19.42 -44.72
CA GLN C 119 -33.65 20.61 -45.07
C GLN C 119 -35.13 20.27 -45.12
N VAL C 120 -35.95 20.98 -44.37
CA VAL C 120 -37.39 20.80 -44.43
C VAL C 120 -38.02 22.10 -44.91
N THR C 121 -38.59 22.08 -46.12
CA THR C 121 -39.22 23.25 -46.75
C THR C 121 -40.73 23.04 -46.82
N VAL C 122 -41.44 23.85 -46.04
CA VAL C 122 -42.89 23.86 -45.97
C VAL C 122 -43.36 25.05 -46.79
N SER C 123 -43.83 24.78 -48.00
CA SER C 123 -44.26 25.83 -48.92
C SER C 123 -45.68 26.28 -48.59
N SER C 124 -45.90 27.58 -48.59
CA SER C 124 -47.21 28.14 -48.34
C SER C 124 -48.09 28.03 -49.59
N HIS C 125 -49.38 28.34 -49.41
CA HIS C 125 -50.34 28.24 -50.50
C HIS C 125 -50.06 29.29 -51.56
N HIS C 126 -49.68 28.84 -52.75
CA HIS C 126 -49.42 29.73 -53.88
C HIS C 126 -48.29 30.69 -53.47
N HIS C 127 -48.40 31.97 -53.84
CA HIS C 127 -47.38 32.98 -53.58
C HIS C 127 -46.03 32.56 -54.15
C1 NAG D . -15.52 -20.74 14.62
C2 NAG D . -14.53 -20.30 13.58
C3 NAG D . -15.26 -20.23 12.27
C4 NAG D . -15.85 -21.58 11.93
C5 NAG D . -16.79 -21.95 13.07
C6 NAG D . -17.50 -23.26 12.86
C7 NAG D . -13.15 -18.59 14.46
C8 NAG D . -12.85 -17.13 14.52
N2 NAG D . -14.22 -18.92 13.80
O3 NAG D . -14.35 -19.87 11.26
O4 NAG D . -16.61 -21.32 10.76
O5 NAG D . -16.07 -21.99 14.29
O6 NAG D . -18.61 -23.00 11.99
O7 NAG D . -12.48 -19.43 14.99
C1 NAG D . -16.35 -22.34 9.80
C2 NAG D . -17.28 -22.25 8.62
C3 NAG D . -17.24 -23.52 7.84
C4 NAG D . -15.80 -23.68 7.36
C5 NAG D . -14.92 -23.71 8.61
C6 NAG D . -13.47 -23.90 8.21
C7 NAG D . -18.99 -20.64 8.71
C8 NAG D . -20.32 -20.46 8.05
N2 NAG D . -18.62 -21.87 9.01
O3 NAG D . -18.22 -23.30 6.82
O4 NAG D . -15.52 -24.94 6.73
O5 NAG D . -15.04 -22.49 9.33
O6 NAG D . -12.61 -23.49 9.28
O7 NAG D . -18.25 -19.71 8.95
C1 BMA D . -15.91 -24.99 5.35
C2 BMA D . -14.81 -25.38 4.41
C3 BMA D . -15.35 -25.21 3.01
C4 BMA D . -16.58 -26.10 2.84
C5 BMA D . -17.61 -25.68 3.86
C6 BMA D . -18.86 -26.54 3.77
O2 BMA D . -14.55 -26.75 4.66
O3 BMA D . -14.28 -25.41 2.06
O4 BMA D . -17.23 -25.80 1.61
O5 BMA D . -17.05 -25.82 5.16
O6 BMA D . -20.01 -25.74 3.52
C1 MAN D . -14.15 -26.71 1.47
C2 MAN D . -13.10 -26.68 0.38
C3 MAN D . -13.02 -28.02 -0.32
C4 MAN D . -12.71 -29.04 0.75
C5 MAN D . -13.78 -29.00 1.83
C6 MAN D . -13.46 -30.02 2.91
O2 MAN D . -11.82 -26.47 0.97
O3 MAN D . -11.96 -27.97 -1.29
O4 MAN D . -12.65 -30.34 0.15
O5 MAN D . -13.83 -27.71 2.41
O6 MAN D . -14.06 -29.66 4.16
C1 MAN D . -21.02 -26.42 2.72
C2 MAN D . -20.96 -25.96 1.27
C3 MAN D . -22.09 -26.59 0.47
C4 MAN D . -21.94 -28.07 0.59
C5 MAN D . -21.98 -28.47 2.05
C6 MAN D . -21.84 -29.98 2.20
O2 MAN D . -19.77 -26.46 0.68
O3 MAN D . -21.95 -26.22 -0.89
O4 MAN D . -23.00 -28.70 -0.13
O5 MAN D . -20.92 -27.84 2.76
O6 MAN D . -22.47 -30.61 1.08
C1 NAG E . 32.96 0.05 -42.14
C2 NAG E . 33.15 0.90 -43.39
C3 NAG E . 33.03 2.37 -43.02
C4 NAG E . 31.72 2.63 -42.28
C5 NAG E . 31.47 1.61 -41.15
C6 NAG E . 30.07 1.67 -40.59
C7 NAG E . 34.72 0.91 -45.27
C8 NAG E . 36.09 0.55 -45.75
N2 NAG E . 34.44 0.63 -44.00
O3 NAG E . 33.08 3.16 -44.20
O4 NAG E . 31.75 3.93 -41.71
O5 NAG E . 31.66 0.27 -41.63
O6 NAG E . 29.09 1.66 -41.63
O7 NAG E . 33.89 1.43 -46.02
#